data_2L0K
#
_entry.id   2L0K
#
_entity_poly.entity_id   1
_entity_poly.type   'polypeptide(L)'
_entity_poly.pdbx_seq_one_letter_code
;MHDYIKERTIKIGKYIVETKKTVRVIAKEFGVSKSTVHKDLTERLPEINPDLANEVKEILDYHKSIRHLRGGEATKLKYK
KDEILEGEPVQQS
;
_entity_poly.pdbx_strand_id   A
#
# COMPACT_ATOMS: atom_id res chain seq x y z
N MET A 1 19.75 -15.56 0.40
CA MET A 1 19.48 -15.25 1.79
C MET A 1 18.73 -13.92 1.92
N HIS A 2 17.71 -13.90 2.76
CA HIS A 2 16.91 -12.69 2.95
C HIS A 2 16.74 -12.40 4.45
N ASP A 3 17.79 -12.66 5.22
CA ASP A 3 17.76 -12.42 6.66
C ASP A 3 18.00 -10.95 6.97
N TYR A 4 18.81 -10.30 6.14
CA TYR A 4 19.12 -8.88 6.33
C TYR A 4 18.01 -7.99 5.77
N ILE A 5 17.63 -8.25 4.53
CA ILE A 5 16.58 -7.49 3.88
C ILE A 5 15.28 -7.54 4.67
N LYS A 6 15.12 -8.60 5.46
CA LYS A 6 13.92 -8.77 6.27
C LYS A 6 13.72 -7.57 7.19
N GLU A 7 14.81 -6.89 7.51
CA GLU A 7 14.75 -5.71 8.38
C GLU A 7 14.38 -4.46 7.59
N ARG A 8 14.67 -4.49 6.29
CA ARG A 8 14.37 -3.36 5.42
C ARG A 8 12.90 -2.97 5.52
N THR A 9 12.04 -3.96 5.74
CA THR A 9 10.61 -3.72 5.86
C THR A 9 10.24 -3.26 7.26
N ILE A 10 11.03 -3.68 8.25
CA ILE A 10 10.79 -3.31 9.64
C ILE A 10 10.63 -1.81 9.79
N LYS A 11 11.54 -1.05 9.19
CA LYS A 11 11.51 0.40 9.27
C LYS A 11 10.19 0.93 8.71
N ILE A 12 9.76 0.35 7.58
CA ILE A 12 8.50 0.77 6.95
C ILE A 12 7.31 0.48 7.85
N GLY A 13 7.16 -0.79 8.23
CA GLY A 13 6.05 -1.18 9.08
C GLY A 13 5.98 -0.36 10.35
N LYS A 14 7.14 0.06 10.85
CA LYS A 14 7.21 0.86 12.07
C LYS A 14 7.01 2.34 11.76
N TYR A 15 7.31 2.73 10.52
CA TYR A 15 7.16 4.12 10.10
C TYR A 15 5.71 4.44 9.77
N ILE A 16 5.04 3.52 9.10
CA ILE A 16 3.64 3.70 8.74
C ILE A 16 2.79 4.04 9.96
N VAL A 17 3.16 3.47 11.11
CA VAL A 17 2.44 3.71 12.35
C VAL A 17 2.94 4.97 13.03
N GLU A 18 4.20 5.31 12.81
CA GLU A 18 4.80 6.50 13.41
C GLU A 18 4.19 7.77 12.82
N THR A 19 3.90 7.74 11.52
CA THR A 19 3.31 8.88 10.84
C THR A 19 1.84 8.65 10.53
N LYS A 20 1.42 7.38 10.55
CA LYS A 20 0.04 7.03 10.28
C LYS A 20 -0.34 7.37 8.84
N LYS A 21 0.67 7.53 8.00
CA LYS A 21 0.44 7.86 6.60
C LYS A 21 0.24 6.59 5.77
N THR A 22 0.07 6.76 4.46
CA THR A 22 -0.13 5.63 3.56
C THR A 22 1.19 5.16 2.96
N VAL A 23 1.17 3.96 2.39
CA VAL A 23 2.37 3.39 1.78
C VAL A 23 2.99 4.35 0.76
N ARG A 24 2.14 5.19 0.18
CA ARG A 24 2.60 6.16 -0.82
C ARG A 24 3.54 7.18 -0.19
N VAL A 25 3.36 7.41 1.12
CA VAL A 25 4.20 8.37 1.83
C VAL A 25 5.49 7.72 2.31
N ILE A 26 5.43 6.42 2.57
CA ILE A 26 6.60 5.68 3.03
C ILE A 26 7.48 5.25 1.86
N ALA A 27 6.85 5.00 0.71
CA ALA A 27 7.58 4.58 -0.48
C ALA A 27 8.41 5.72 -1.03
N LYS A 28 7.83 6.91 -1.10
CA LYS A 28 8.52 8.09 -1.60
C LYS A 28 9.72 8.43 -0.72
N GLU A 29 9.61 8.11 0.57
CA GLU A 29 10.68 8.39 1.51
C GLU A 29 11.86 7.44 1.30
N PHE A 30 11.54 6.17 1.04
CA PHE A 30 12.57 5.16 0.82
C PHE A 30 13.12 5.24 -0.60
N GLY A 31 12.32 5.79 -1.50
CA GLY A 31 12.73 5.93 -2.89
C GLY A 31 12.31 4.74 -3.73
N VAL A 32 11.22 4.09 -3.34
CA VAL A 32 10.70 2.93 -4.06
C VAL A 32 9.24 3.12 -4.43
N SER A 33 8.68 2.14 -5.13
CA SER A 33 7.28 2.20 -5.56
C SER A 33 6.39 1.44 -4.57
N LYS A 34 5.16 1.92 -4.42
CA LYS A 34 4.20 1.29 -3.52
C LYS A 34 4.08 -0.20 -3.81
N SER A 35 4.09 -0.54 -5.09
CA SER A 35 3.97 -1.94 -5.51
C SER A 35 5.11 -2.77 -4.93
N THR A 36 6.27 -2.14 -4.76
CA THR A 36 7.44 -2.82 -4.22
C THR A 36 7.37 -2.91 -2.69
N VAL A 37 6.88 -1.85 -2.06
CA VAL A 37 6.76 -1.81 -0.61
C VAL A 37 5.65 -2.74 -0.13
N HIS A 38 4.43 -2.48 -0.59
CA HIS A 38 3.27 -3.29 -0.20
C HIS A 38 3.55 -4.77 -0.43
N LYS A 39 4.42 -5.06 -1.41
CA LYS A 39 4.77 -6.43 -1.73
C LYS A 39 5.42 -7.13 -0.53
N ASP A 40 6.34 -6.44 0.12
CA ASP A 40 7.03 -6.99 1.29
C ASP A 40 6.24 -6.72 2.56
N LEU A 41 5.57 -5.58 2.61
CA LEU A 41 4.77 -5.21 3.77
C LEU A 41 3.65 -6.22 4.01
N THR A 42 3.35 -7.01 2.99
CA THR A 42 2.30 -8.02 3.08
C THR A 42 2.87 -9.42 2.91
N GLU A 43 4.19 -9.51 2.76
CA GLU A 43 4.86 -10.79 2.58
C GLU A 43 5.91 -11.01 3.67
N ARG A 44 7.03 -10.30 3.55
CA ARG A 44 8.12 -10.42 4.52
C ARG A 44 7.70 -9.81 5.86
N LEU A 45 7.19 -8.59 5.83
CA LEU A 45 6.76 -7.91 7.04
C LEU A 45 6.00 -8.85 7.96
N PRO A 46 4.89 -9.42 7.44
CA PRO A 46 4.06 -10.35 8.21
C PRO A 46 4.74 -11.68 8.45
N GLU A 47 5.59 -12.10 7.51
CA GLU A 47 6.31 -13.35 7.62
C GLU A 47 7.25 -13.33 8.83
N ILE A 48 7.95 -12.21 9.01
CA ILE A 48 8.88 -12.07 10.12
C ILE A 48 8.19 -11.47 11.34
N ASN A 49 7.12 -10.71 11.09
CA ASN A 49 6.37 -10.09 12.17
C ASN A 49 4.90 -9.93 11.79
N PRO A 50 4.06 -10.86 12.28
CA PRO A 50 2.62 -10.84 12.00
C PRO A 50 1.91 -9.70 12.70
N ASP A 51 2.31 -9.42 13.92
CA ASP A 51 1.71 -8.35 14.71
C ASP A 51 1.96 -6.99 14.05
N LEU A 52 3.21 -6.73 13.69
CA LEU A 52 3.58 -5.48 13.05
C LEU A 52 2.89 -5.34 11.70
N ALA A 53 2.58 -6.46 11.08
CA ALA A 53 1.91 -6.46 9.78
C ALA A 53 0.50 -5.90 9.88
N ASN A 54 -0.08 -5.99 11.08
CA ASN A 54 -1.43 -5.49 11.31
C ASN A 54 -1.47 -3.97 11.25
N GLU A 55 -0.40 -3.34 11.74
CA GLU A 55 -0.30 -1.88 11.75
C GLU A 55 -0.60 -1.31 10.36
N VAL A 56 0.19 -1.75 9.38
CA VAL A 56 0.01 -1.28 8.00
C VAL A 56 -1.33 -1.71 7.45
N LYS A 57 -1.87 -2.81 7.97
CA LYS A 57 -3.17 -3.32 7.53
C LYS A 57 -4.30 -2.47 8.06
N GLU A 58 -4.09 -1.87 9.23
CA GLU A 58 -5.10 -1.02 9.85
C GLU A 58 -5.38 0.22 9.00
N ILE A 59 -4.32 0.95 8.66
CA ILE A 59 -4.46 2.14 7.84
C ILE A 59 -5.09 1.82 6.49
N LEU A 60 -4.85 0.62 6.00
CA LEU A 60 -5.40 0.18 4.72
C LEU A 60 -6.92 0.19 4.76
N ASP A 61 -7.48 -0.38 5.82
CA ASP A 61 -8.93 -0.44 5.98
C ASP A 61 -9.54 0.96 5.98
N TYR A 62 -8.75 1.94 6.38
CA TYR A 62 -9.22 3.32 6.43
C TYR A 62 -9.04 4.00 5.08
N HIS A 63 -8.07 3.52 4.29
CA HIS A 63 -7.79 4.08 2.98
C HIS A 63 -8.91 3.72 2.00
N LYS A 64 -9.63 2.65 2.28
CA LYS A 64 -10.72 2.20 1.42
C LYS A 64 -12.01 2.94 1.77
N SER A 65 -12.12 3.40 3.00
CA SER A 65 -13.29 4.12 3.46
C SER A 65 -13.45 5.44 2.70
N ILE A 66 -12.40 6.23 2.69
CA ILE A 66 -12.41 7.51 2.00
C ILE A 66 -12.04 7.35 0.53
N ARG A 67 -11.70 6.13 0.14
CA ARG A 67 -11.33 5.84 -1.24
C ARG A 67 -12.37 6.40 -2.21
N HIS A 68 -13.64 6.28 -1.85
CA HIS A 68 -14.72 6.77 -2.68
C HIS A 68 -14.49 8.22 -3.09
N LEU A 69 -13.87 8.98 -2.19
CA LEU A 69 -13.58 10.39 -2.45
C LEU A 69 -12.30 10.55 -3.26
N ARG A 70 -11.33 9.67 -2.99
CA ARG A 70 -10.05 9.72 -3.70
C ARG A 70 -10.24 9.36 -5.18
N GLY A 71 -11.29 8.60 -5.47
CA GLY A 71 -11.56 8.20 -6.84
C GLY A 71 -11.59 9.38 -7.79
N GLY A 72 -11.94 10.56 -7.28
CA GLY A 72 -11.99 11.75 -8.10
C GLY A 72 -10.71 11.97 -8.87
N GLU A 73 -9.58 11.58 -8.28
CA GLU A 73 -8.28 11.74 -8.92
C GLU A 73 -8.03 10.63 -9.93
N ALA A 74 -8.49 9.43 -9.60
CA ALA A 74 -8.32 8.28 -10.48
C ALA A 74 -9.11 8.44 -11.77
N THR A 75 -10.16 9.24 -11.71
CA THR A 75 -11.01 9.49 -12.88
C THR A 75 -10.20 10.06 -14.03
N LYS A 76 -9.44 11.11 -13.75
CA LYS A 76 -8.62 11.76 -14.76
C LYS A 76 -7.38 10.91 -15.08
N LEU A 77 -6.90 10.19 -14.08
CA LEU A 77 -5.73 9.34 -14.25
C LEU A 77 -5.91 8.39 -15.43
N LYS A 78 -7.15 8.03 -15.71
CA LYS A 78 -7.47 7.13 -16.82
C LYS A 78 -6.98 7.71 -18.14
N TYR A 79 -6.97 9.03 -18.24
CA TYR A 79 -6.53 9.71 -19.45
C TYR A 79 -5.00 9.65 -19.58
N LYS A 80 -4.32 9.64 -18.44
CA LYS A 80 -2.87 9.58 -18.42
C LYS A 80 -2.37 8.14 -18.51
N LYS A 81 -3.20 7.21 -18.05
CA LYS A 81 -2.85 5.79 -18.09
C LYS A 81 -3.09 5.20 -19.47
N ASP A 82 -2.91 3.89 -19.59
CA ASP A 82 -3.11 3.20 -20.86
C ASP A 82 -4.58 3.27 -21.29
N GLU A 83 -4.91 2.51 -22.32
CA GLU A 83 -6.29 2.48 -22.82
C GLU A 83 -7.27 2.14 -21.71
N ILE A 84 -8.55 2.36 -21.97
CA ILE A 84 -9.60 2.08 -21.00
C ILE A 84 -10.78 1.37 -21.64
N LEU A 85 -10.62 0.07 -21.89
CA LEU A 85 -11.68 -0.72 -22.49
C LEU A 85 -12.78 -1.04 -21.49
N GLU A 86 -13.99 -1.28 -22.00
CA GLU A 86 -15.12 -1.59 -21.13
C GLU A 86 -15.11 -3.06 -20.72
N GLY A 87 -14.55 -3.34 -19.54
CA GLY A 87 -14.48 -4.70 -19.06
C GLY A 87 -14.33 -4.77 -17.56
N GLU A 88 -14.79 -3.74 -16.86
CA GLU A 88 -14.69 -3.68 -15.41
C GLU A 88 -15.27 -4.95 -14.78
N PRO A 89 -14.84 -5.26 -13.55
CA PRO A 89 -15.29 -6.44 -12.82
C PRO A 89 -16.75 -6.33 -12.38
N VAL A 90 -17.21 -7.31 -11.62
CA VAL A 90 -18.58 -7.32 -11.13
C VAL A 90 -18.67 -6.71 -9.74
N GLN A 91 -19.39 -5.59 -9.64
CA GLN A 91 -19.56 -4.91 -8.37
C GLN A 91 -21.03 -4.60 -8.09
N GLN A 92 -21.32 -4.09 -6.91
CA GLN A 92 -22.69 -3.76 -6.53
C GLN A 92 -22.76 -2.34 -5.97
N SER A 93 -23.98 -1.91 -5.61
CA SER A 93 -24.19 -0.58 -5.08
C SER A 93 -24.89 -0.64 -3.72
N MET A 1 23.55 -14.98 2.11
CA MET A 1 22.23 -14.57 1.66
C MET A 1 21.83 -13.23 2.28
N HIS A 2 20.92 -12.52 1.63
CA HIS A 2 20.47 -11.23 2.12
C HIS A 2 19.21 -11.38 2.96
N ASP A 3 19.38 -11.91 4.16
CA ASP A 3 18.25 -12.10 5.08
C ASP A 3 17.91 -10.81 5.80
N TYR A 4 18.91 -9.99 6.05
CA TYR A 4 18.72 -8.72 6.74
C TYR A 4 17.61 -7.91 6.09
N ILE A 5 17.38 -8.17 4.81
CA ILE A 5 16.33 -7.46 4.06
C ILE A 5 15.01 -7.51 4.82
N LYS A 6 14.79 -8.57 5.58
CA LYS A 6 13.56 -8.73 6.34
C LYS A 6 13.32 -7.53 7.25
N GLU A 7 14.40 -6.85 7.63
CA GLU A 7 14.31 -5.68 8.49
C GLU A 7 13.98 -4.43 7.67
N ARG A 8 14.33 -4.46 6.39
CA ARG A 8 14.07 -3.32 5.50
C ARG A 8 12.60 -2.94 5.52
N THR A 9 11.74 -3.93 5.70
CA THR A 9 10.30 -3.69 5.74
C THR A 9 9.85 -3.22 7.13
N ILE A 10 10.57 -3.67 8.15
CA ILE A 10 10.26 -3.30 9.52
C ILE A 10 10.06 -1.79 9.66
N LYS A 11 11.00 -1.03 9.09
CA LYS A 11 10.93 0.42 9.14
C LYS A 11 9.64 0.93 8.52
N ILE A 12 9.23 0.31 7.42
CA ILE A 12 8.01 0.71 6.73
C ILE A 12 6.78 0.38 7.57
N GLY A 13 6.63 -0.89 7.93
CA GLY A 13 5.50 -1.31 8.73
C GLY A 13 5.37 -0.53 10.02
N LYS A 14 6.51 -0.08 10.55
CA LYS A 14 6.53 0.68 11.79
C LYS A 14 6.32 2.16 11.53
N TYR A 15 6.65 2.59 10.31
CA TYR A 15 6.48 3.99 9.92
C TYR A 15 5.04 4.28 9.53
N ILE A 16 4.45 3.36 8.77
CA ILE A 16 3.07 3.52 8.33
C ILE A 16 2.14 3.85 9.49
N VAL A 17 2.44 3.27 10.66
CA VAL A 17 1.63 3.50 11.85
C VAL A 17 2.12 4.74 12.61
N GLU A 18 3.40 5.03 12.48
CA GLU A 18 3.99 6.18 13.16
C GLU A 18 3.45 7.48 12.57
N THR A 19 3.14 7.47 11.28
CA THR A 19 2.61 8.65 10.60
C THR A 19 1.16 8.43 10.18
N LYS A 20 0.75 7.18 10.11
CA LYS A 20 -0.61 6.83 9.71
C LYS A 20 -0.90 7.27 8.28
N LYS A 21 0.16 7.34 7.47
CA LYS A 21 0.02 7.74 6.08
C LYS A 21 -0.26 6.54 5.19
N THR A 22 -0.30 6.77 3.88
CA THR A 22 -0.56 5.70 2.92
C THR A 22 0.74 5.17 2.33
N VAL A 23 0.69 3.96 1.79
CA VAL A 23 1.86 3.33 1.19
C VAL A 23 2.52 4.27 0.17
N ARG A 24 1.71 5.12 -0.45
CA ARG A 24 2.20 6.06 -1.44
C ARG A 24 3.11 7.10 -0.81
N VAL A 25 2.77 7.51 0.41
CA VAL A 25 3.55 8.50 1.14
C VAL A 25 4.69 7.85 1.91
N ILE A 26 4.50 6.59 2.28
CA ILE A 26 5.51 5.85 3.03
C ILE A 26 6.58 5.30 2.09
N ALA A 27 6.19 5.00 0.87
CA ALA A 27 7.12 4.47 -0.13
C ALA A 27 8.08 5.56 -0.61
N LYS A 28 7.52 6.69 -1.03
CA LYS A 28 8.32 7.80 -1.52
C LYS A 28 9.42 8.16 -0.52
N GLU A 29 9.15 7.94 0.76
CA GLU A 29 10.10 8.24 1.82
C GLU A 29 11.32 7.32 1.71
N PHE A 30 11.08 6.06 1.35
CA PHE A 30 12.15 5.08 1.22
C PHE A 30 12.81 5.18 -0.15
N GLY A 31 12.07 5.70 -1.11
CA GLY A 31 12.60 5.83 -2.47
C GLY A 31 12.24 4.65 -3.35
N VAL A 32 11.01 4.16 -3.21
CA VAL A 32 10.55 3.03 -4.00
C VAL A 32 9.10 3.21 -4.43
N SER A 33 8.62 2.32 -5.29
CA SER A 33 7.25 2.39 -5.77
C SER A 33 6.32 1.60 -4.87
N LYS A 34 5.05 2.03 -4.82
CA LYS A 34 4.05 1.36 -4.00
C LYS A 34 4.00 -0.14 -4.30
N SER A 35 4.22 -0.49 -5.56
CA SER A 35 4.20 -1.88 -5.98
C SER A 35 5.35 -2.65 -5.35
N THR A 36 6.46 -1.96 -5.12
CA THR A 36 7.64 -2.58 -4.52
C THR A 36 7.48 -2.72 -3.00
N VAL A 37 6.87 -1.72 -2.39
CA VAL A 37 6.65 -1.73 -0.94
C VAL A 37 5.60 -2.75 -0.55
N HIS A 38 4.39 -2.58 -1.07
CA HIS A 38 3.29 -3.49 -0.78
C HIS A 38 3.70 -4.94 -1.03
N LYS A 39 4.65 -5.13 -1.94
CA LYS A 39 5.13 -6.46 -2.27
C LYS A 39 5.70 -7.16 -1.04
N ASP A 40 6.57 -6.46 -0.31
CA ASP A 40 7.18 -7.01 0.89
C ASP A 40 6.29 -6.78 2.10
N LEU A 41 5.59 -5.64 2.12
CA LEU A 41 4.72 -5.29 3.23
C LEU A 41 3.59 -6.33 3.37
N THR A 42 3.37 -7.10 2.31
CA THR A 42 2.34 -8.12 2.31
C THR A 42 2.94 -9.53 2.17
N GLU A 43 4.27 -9.58 2.13
CA GLU A 43 4.97 -10.86 1.99
C GLU A 43 5.93 -11.07 3.15
N ARG A 44 7.04 -10.34 3.14
CA ARG A 44 8.05 -10.44 4.18
C ARG A 44 7.54 -9.86 5.49
N LEU A 45 6.98 -8.66 5.43
CA LEU A 45 6.45 -7.98 6.61
C LEU A 45 5.64 -8.95 7.46
N PRO A 46 4.60 -9.53 6.84
CA PRO A 46 3.72 -10.49 7.53
C PRO A 46 4.42 -11.81 7.83
N GLU A 47 5.36 -12.19 6.97
CA GLU A 47 6.09 -13.43 7.13
C GLU A 47 6.95 -13.39 8.40
N ILE A 48 7.61 -12.26 8.63
CA ILE A 48 8.45 -12.08 9.81
C ILE A 48 7.66 -11.51 10.98
N ASN A 49 6.58 -10.80 10.66
CA ASN A 49 5.74 -10.19 11.69
C ASN A 49 4.29 -10.11 11.22
N PRO A 50 3.47 -11.06 11.66
CA PRO A 50 2.04 -11.11 11.30
C PRO A 50 1.25 -9.99 11.94
N ASP A 51 1.58 -9.67 13.19
CA ASP A 51 0.89 -8.61 13.92
C ASP A 51 1.15 -7.25 13.27
N LEU A 52 2.41 -6.95 13.02
CA LEU A 52 2.80 -5.69 12.41
C LEU A 52 2.22 -5.56 11.01
N ALA A 53 1.97 -6.70 10.37
CA ALA A 53 1.41 -6.73 9.02
C ALA A 53 -0.03 -6.20 9.02
N ASN A 54 -0.69 -6.31 10.16
CA ASN A 54 -2.06 -5.85 10.29
C ASN A 54 -2.14 -4.33 10.24
N GLU A 55 -1.14 -3.68 10.81
CA GLU A 55 -1.09 -2.22 10.84
C GLU A 55 -1.24 -1.65 9.42
N VAL A 56 -0.35 -2.05 8.53
CA VAL A 56 -0.38 -1.59 7.16
C VAL A 56 -1.68 -2.01 6.47
N LYS A 57 -2.27 -3.10 6.94
CA LYS A 57 -3.51 -3.61 6.36
C LYS A 57 -4.70 -2.79 6.84
N GLU A 58 -4.58 -2.21 8.04
CA GLU A 58 -5.65 -1.40 8.60
C GLU A 58 -5.86 -0.14 7.78
N ILE A 59 -4.79 0.62 7.59
CA ILE A 59 -4.86 1.87 6.82
C ILE A 59 -5.39 1.62 5.42
N LEU A 60 -5.13 0.42 4.89
CA LEU A 60 -5.58 0.05 3.56
C LEU A 60 -7.11 0.05 3.48
N ASP A 61 -7.75 -0.58 4.46
CA ASP A 61 -9.21 -0.63 4.51
C ASP A 61 -9.81 0.76 4.53
N TYR A 62 -9.05 1.72 5.04
CA TYR A 62 -9.51 3.11 5.10
C TYR A 62 -9.23 3.85 3.81
N HIS A 63 -8.17 3.43 3.10
CA HIS A 63 -7.81 4.05 1.84
C HIS A 63 -8.86 3.79 0.77
N LYS A 64 -9.60 2.70 0.94
CA LYS A 64 -10.66 2.35 -0.01
C LYS A 64 -11.95 3.09 0.29
N SER A 65 -12.13 3.46 1.56
CA SER A 65 -13.32 4.17 1.99
C SER A 65 -13.41 5.54 1.31
N ILE A 66 -12.35 6.33 1.45
CA ILE A 66 -12.30 7.65 0.84
C ILE A 66 -11.87 7.59 -0.61
N ARG A 67 -11.53 6.38 -1.06
CA ARG A 67 -11.09 6.18 -2.44
C ARG A 67 -12.07 6.82 -3.43
N HIS A 68 -13.36 6.76 -3.09
CA HIS A 68 -14.39 7.33 -3.95
C HIS A 68 -14.08 8.79 -4.29
N LEU A 69 -13.45 9.48 -3.36
CA LEU A 69 -13.08 10.88 -3.56
C LEU A 69 -11.79 11.00 -4.37
N ARG A 70 -10.86 10.07 -4.14
CA ARG A 70 -9.59 10.07 -4.84
C ARG A 70 -9.79 9.71 -6.31
N GLY A 71 -10.86 8.98 -6.61
CA GLY A 71 -11.14 8.59 -7.97
C GLY A 71 -11.14 9.77 -8.93
N GLY A 72 -11.46 10.95 -8.40
CA GLY A 72 -11.50 12.14 -9.24
C GLY A 72 -10.18 12.39 -9.94
N GLU A 73 -9.08 12.00 -9.30
CA GLU A 73 -7.75 12.18 -9.89
C GLU A 73 -7.50 11.17 -10.99
N ALA A 74 -8.11 9.99 -10.87
CA ALA A 74 -7.95 8.94 -11.86
C ALA A 74 -8.56 9.34 -13.19
N THR A 75 -9.55 10.22 -13.15
CA THR A 75 -10.22 10.69 -14.35
C THR A 75 -9.24 11.34 -15.31
N LYS A 76 -8.45 12.29 -14.80
CA LYS A 76 -7.46 12.98 -15.61
C LYS A 76 -6.26 12.09 -15.89
N LEU A 77 -5.96 11.20 -14.95
CA LEU A 77 -4.82 10.28 -15.09
C LEU A 77 -4.91 9.51 -16.40
N LYS A 78 -6.14 9.30 -16.87
CA LYS A 78 -6.36 8.57 -18.12
C LYS A 78 -5.67 9.28 -19.29
N TYR A 79 -5.56 10.59 -19.20
CA TYR A 79 -4.93 11.38 -20.25
C TYR A 79 -3.41 11.23 -20.20
N LYS A 80 -2.88 11.00 -19.01
CA LYS A 80 -1.44 10.83 -18.81
C LYS A 80 -1.04 9.38 -19.02
N LYS A 81 -1.46 8.52 -18.10
CA LYS A 81 -1.15 7.09 -18.18
C LYS A 81 -2.41 6.26 -18.40
N ASP A 82 -2.23 5.02 -18.83
CA ASP A 82 -3.36 4.12 -19.07
C ASP A 82 -4.27 4.04 -17.86
N GLU A 83 -5.52 3.67 -18.07
CA GLU A 83 -6.48 3.55 -16.99
C GLU A 83 -6.38 2.19 -16.31
N ILE A 84 -6.97 2.08 -15.13
CA ILE A 84 -6.95 0.83 -14.37
C ILE A 84 -8.31 0.52 -13.77
N LEU A 85 -9.23 0.05 -14.61
CA LEU A 85 -10.58 -0.29 -14.17
C LEU A 85 -10.59 -1.62 -13.42
N GLU A 86 -11.59 -1.81 -12.57
CA GLU A 86 -11.71 -3.04 -11.80
C GLU A 86 -12.43 -4.11 -12.60
N GLY A 87 -11.82 -5.29 -12.69
CA GLY A 87 -12.41 -6.39 -13.43
C GLY A 87 -13.09 -7.40 -12.53
N GLU A 88 -13.57 -6.94 -11.37
CA GLU A 88 -14.23 -7.82 -10.42
C GLU A 88 -15.74 -7.77 -10.60
N PRO A 89 -16.44 -8.80 -10.09
CA PRO A 89 -17.89 -8.90 -10.18
C PRO A 89 -18.60 -7.87 -9.31
N VAL A 90 -19.93 -7.88 -9.35
CA VAL A 90 -20.73 -6.94 -8.56
C VAL A 90 -21.49 -7.66 -7.45
N GLN A 91 -21.30 -7.20 -6.21
CA GLN A 91 -21.97 -7.80 -5.06
C GLN A 91 -23.05 -6.87 -4.52
N GLN A 92 -24.27 -7.37 -4.43
CA GLN A 92 -25.38 -6.58 -3.93
C GLN A 92 -26.23 -7.39 -2.96
N SER A 93 -26.66 -6.75 -1.87
CA SER A 93 -27.47 -7.42 -0.86
C SER A 93 -27.88 -6.44 0.24
N MET A 1 19.94 -15.52 0.56
CA MET A 1 19.24 -15.22 1.81
C MET A 1 19.83 -14.00 2.49
N HIS A 2 19.31 -12.82 2.13
CA HIS A 2 19.79 -11.57 2.70
C HIS A 2 19.08 -11.26 4.01
N ASP A 3 19.63 -11.75 5.11
CA ASP A 3 19.05 -11.53 6.42
C ASP A 3 18.81 -10.04 6.67
N TYR A 4 19.75 -9.22 6.21
CA TYR A 4 19.64 -7.77 6.38
C TYR A 4 18.37 -7.24 5.72
N ILE A 5 17.95 -7.90 4.65
CA ILE A 5 16.75 -7.50 3.93
C ILE A 5 15.53 -7.48 4.84
N LYS A 6 15.57 -8.30 5.88
CA LYS A 6 14.48 -8.38 6.84
C LYS A 6 14.45 -7.14 7.74
N GLU A 7 15.60 -6.51 7.92
CA GLU A 7 15.71 -5.32 8.75
C GLU A 7 15.32 -4.07 7.96
N ARG A 8 15.45 -4.14 6.63
CA ARG A 8 15.11 -3.02 5.77
C ARG A 8 13.64 -2.66 5.90
N THR A 9 12.81 -3.67 6.14
CA THR A 9 11.37 -3.46 6.28
C THR A 9 11.02 -3.00 7.69
N ILE A 10 11.84 -3.36 8.65
CA ILE A 10 11.62 -2.97 10.04
C ILE A 10 11.40 -1.47 10.16
N LYS A 11 12.23 -0.69 9.49
CA LYS A 11 12.12 0.77 9.52
C LYS A 11 10.76 1.21 8.97
N ILE A 12 10.33 0.57 7.90
CA ILE A 12 9.06 0.90 7.28
C ILE A 12 7.88 0.57 8.20
N GLY A 13 7.81 -0.69 8.60
CA GLY A 13 6.74 -1.12 9.49
C GLY A 13 6.68 -0.30 10.77
N LYS A 14 7.84 0.18 11.22
CA LYS A 14 7.92 0.98 12.42
C LYS A 14 7.65 2.45 12.14
N TYR A 15 7.88 2.85 10.89
CA TYR A 15 7.65 4.23 10.48
C TYR A 15 6.18 4.47 10.17
N ILE A 16 5.56 3.53 9.48
CA ILE A 16 4.16 3.64 9.12
C ILE A 16 3.30 3.96 10.35
N VAL A 17 3.68 3.41 11.49
CA VAL A 17 2.96 3.64 12.73
C VAL A 17 3.45 4.90 13.43
N GLU A 18 4.71 5.24 13.21
CA GLU A 18 5.30 6.42 13.82
C GLU A 18 4.75 7.70 13.19
N THR A 19 4.33 7.59 11.93
CA THR A 19 3.78 8.72 11.20
C THR A 19 2.31 8.51 10.86
N LYS A 20 1.87 7.25 10.92
CA LYS A 20 0.49 6.90 10.62
C LYS A 20 0.13 7.31 9.19
N LYS A 21 1.14 7.40 8.33
CA LYS A 21 0.93 7.78 6.94
C LYS A 21 0.61 6.55 6.09
N THR A 22 0.51 6.76 4.78
CA THR A 22 0.21 5.68 3.85
C THR A 22 1.49 5.15 3.21
N VAL A 23 1.41 3.92 2.68
CA VAL A 23 2.56 3.30 2.04
C VAL A 23 3.16 4.23 0.97
N ARG A 24 2.33 5.08 0.39
CA ARG A 24 2.77 6.00 -0.64
C ARG A 24 3.68 7.08 -0.04
N VAL A 25 3.38 7.48 1.19
CA VAL A 25 4.17 8.50 1.87
C VAL A 25 5.36 7.88 2.58
N ILE A 26 5.21 6.63 2.99
CA ILE A 26 6.28 5.92 3.69
C ILE A 26 7.31 5.37 2.72
N ALA A 27 6.85 5.03 1.51
CA ALA A 27 7.73 4.50 0.48
C ALA A 27 8.64 5.59 -0.08
N LYS A 28 8.03 6.70 -0.48
CA LYS A 28 8.78 7.82 -1.05
C LYS A 28 9.93 8.22 -0.13
N GLU A 29 9.75 8.01 1.18
CA GLU A 29 10.77 8.35 2.16
C GLU A 29 11.98 7.45 2.01
N PHE A 30 11.74 6.18 1.70
CA PHE A 30 12.81 5.21 1.52
C PHE A 30 13.39 5.27 0.12
N GLY A 31 12.58 5.77 -0.82
CA GLY A 31 13.03 5.88 -2.20
C GLY A 31 12.66 4.67 -3.03
N VAL A 32 11.47 4.12 -2.77
CA VAL A 32 11.00 2.94 -3.49
C VAL A 32 9.52 3.07 -3.84
N SER A 33 9.05 2.19 -4.72
CA SER A 33 7.66 2.20 -5.14
C SER A 33 6.79 1.37 -4.20
N LYS A 34 5.52 1.73 -4.09
CA LYS A 34 4.58 1.02 -3.23
C LYS A 34 4.62 -0.48 -3.51
N SER A 35 4.74 -0.84 -4.79
CA SER A 35 4.78 -2.24 -5.20
C SER A 35 5.96 -2.96 -4.55
N THR A 36 7.04 -2.23 -4.34
CA THR A 36 8.25 -2.79 -3.73
C THR A 36 8.12 -2.85 -2.21
N VAL A 37 7.50 -1.81 -1.64
CA VAL A 37 7.31 -1.75 -0.20
C VAL A 37 6.28 -2.77 0.28
N HIS A 38 5.06 -2.64 -0.24
CA HIS A 38 3.98 -3.55 0.13
C HIS A 38 4.40 -5.00 -0.07
N LYS A 39 5.32 -5.22 -1.00
CA LYS A 39 5.82 -6.57 -1.29
C LYS A 39 6.45 -7.19 -0.05
N ASP A 40 7.38 -6.47 0.57
CA ASP A 40 8.06 -6.95 1.76
C ASP A 40 7.21 -6.70 3.00
N LEU A 41 6.48 -5.60 3.01
CA LEU A 41 5.61 -5.25 4.13
C LEU A 41 4.57 -6.34 4.38
N THR A 42 4.33 -7.15 3.37
CA THR A 42 3.36 -8.24 3.48
C THR A 42 4.03 -9.60 3.32
N GLU A 43 5.36 -9.59 3.19
CA GLU A 43 6.11 -10.82 3.04
C GLU A 43 7.13 -10.98 4.17
N ARG A 44 8.22 -10.20 4.09
CA ARG A 44 9.27 -10.25 5.09
C ARG A 44 8.79 -9.64 6.40
N LEU A 45 8.20 -8.45 6.32
CA LEU A 45 7.70 -7.76 7.50
C LEU A 45 6.97 -8.72 8.42
N PRO A 46 5.92 -9.38 7.90
CA PRO A 46 5.12 -10.33 8.65
C PRO A 46 5.89 -11.61 8.96
N GLU A 47 6.72 -12.04 8.02
CA GLU A 47 7.52 -13.24 8.19
C GLU A 47 8.42 -13.14 9.42
N ILE A 48 9.07 -12.00 9.59
CA ILE A 48 9.95 -11.77 10.71
C ILE A 48 9.20 -11.19 11.90
N ASN A 49 8.12 -10.46 11.61
CA ASN A 49 7.31 -9.85 12.65
C ASN A 49 5.85 -9.75 12.21
N PRO A 50 5.02 -10.70 12.67
CA PRO A 50 3.59 -10.75 12.34
C PRO A 50 2.81 -9.62 13.01
N ASP A 51 3.17 -9.31 14.25
CA ASP A 51 2.50 -8.25 15.00
C ASP A 51 2.67 -6.90 14.30
N LEU A 52 3.92 -6.59 13.94
CA LEU A 52 4.22 -5.33 13.28
C LEU A 52 3.55 -5.26 11.90
N ALA A 53 3.31 -6.43 11.31
CA ALA A 53 2.69 -6.52 10.01
C ALA A 53 1.23 -6.05 10.06
N ASN A 54 0.63 -6.18 11.24
CA ASN A 54 -0.76 -5.78 11.44
C ASN A 54 -0.90 -4.26 11.36
N GLU A 55 0.10 -3.55 11.87
CA GLU A 55 0.09 -2.10 11.86
C GLU A 55 -0.10 -1.56 10.44
N VAL A 56 0.80 -1.94 9.55
CA VAL A 56 0.74 -1.51 8.16
C VAL A 56 -0.57 -1.94 7.51
N LYS A 57 -1.14 -3.03 8.01
CA LYS A 57 -2.40 -3.55 7.48
C LYS A 57 -3.58 -2.77 8.01
N GLU A 58 -3.44 -2.20 9.20
CA GLU A 58 -4.50 -1.42 9.82
C GLU A 58 -4.76 -0.14 9.02
N ILE A 59 -3.70 0.62 8.77
CA ILE A 59 -3.81 1.86 8.02
C ILE A 59 -4.40 1.62 6.64
N LEU A 60 -4.16 0.44 6.09
CA LEU A 60 -4.67 0.08 4.78
C LEU A 60 -6.20 0.07 4.77
N ASP A 61 -6.78 -0.62 5.75
CA ASP A 61 -8.23 -0.70 5.86
C ASP A 61 -8.86 0.69 5.91
N TYR A 62 -8.08 1.66 6.39
CA TYR A 62 -8.57 3.03 6.50
C TYR A 62 -8.36 3.78 5.19
N HIS A 63 -7.36 3.36 4.43
CA HIS A 63 -7.05 4.00 3.14
C HIS A 63 -8.13 3.68 2.11
N LYS A 64 -8.82 2.57 2.31
CA LYS A 64 -9.88 2.15 1.40
C LYS A 64 -11.19 2.86 1.73
N SER A 65 -11.36 3.24 3.00
CA SER A 65 -12.56 3.92 3.45
C SER A 65 -12.73 5.26 2.75
N ILE A 66 -11.69 6.10 2.83
CA ILE A 66 -11.71 7.41 2.21
C ILE A 66 -11.30 7.33 0.74
N ARG A 67 -10.93 6.13 0.30
CA ARG A 67 -10.52 5.93 -1.08
C ARG A 67 -11.55 6.51 -2.05
N HIS A 68 -12.82 6.46 -1.66
CA HIS A 68 -13.90 6.99 -2.49
C HIS A 68 -13.60 8.42 -2.92
N LEU A 69 -12.91 9.17 -2.07
CA LEU A 69 -12.56 10.54 -2.36
C LEU A 69 -11.30 10.62 -3.22
N ARG A 70 -10.38 9.69 -3.00
CA ARG A 70 -9.14 9.65 -3.76
C ARG A 70 -9.39 9.23 -5.21
N GLY A 71 -10.48 8.48 -5.41
CA GLY A 71 -10.81 8.03 -6.74
C GLY A 71 -10.86 9.15 -7.75
N GLY A 72 -11.16 10.36 -7.28
CA GLY A 72 -11.23 11.51 -8.16
C GLY A 72 -9.98 11.67 -9.01
N GLU A 73 -8.85 11.21 -8.48
CA GLU A 73 -7.59 11.30 -9.20
C GLU A 73 -7.46 10.18 -10.22
N ALA A 74 -7.98 9.01 -9.89
CA ALA A 74 -7.92 7.86 -10.77
C ALA A 74 -8.78 8.08 -12.02
N THR A 75 -9.80 8.93 -11.88
CA THR A 75 -10.69 9.23 -12.99
C THR A 75 -9.92 9.78 -14.18
N LYS A 76 -9.09 10.79 -13.95
CA LYS A 76 -8.30 11.40 -15.00
C LYS A 76 -7.13 10.50 -15.39
N LEU A 77 -6.63 9.73 -14.43
CA LEU A 77 -5.52 8.82 -14.68
C LEU A 77 -5.81 7.90 -15.85
N LYS A 78 -7.10 7.62 -16.07
CA LYS A 78 -7.52 6.75 -17.16
C LYS A 78 -7.08 7.31 -18.51
N TYR A 79 -7.01 8.64 -18.59
CA TYR A 79 -6.60 9.30 -19.82
C TYR A 79 -5.09 9.18 -20.04
N LYS A 80 -4.34 9.10 -18.94
CA LYS A 80 -2.90 8.97 -19.00
C LYS A 80 -2.48 7.51 -19.13
N LYS A 81 -2.72 6.74 -18.06
CA LYS A 81 -2.37 5.33 -18.05
C LYS A 81 -3.56 4.47 -18.47
N ASP A 82 -3.37 3.16 -18.49
CA ASP A 82 -4.43 2.23 -18.87
C ASP A 82 -5.56 2.25 -17.84
N GLU A 83 -6.79 2.13 -18.33
CA GLU A 83 -7.96 2.13 -17.46
C GLU A 83 -8.37 0.71 -17.10
N ILE A 84 -9.17 0.57 -16.05
CA ILE A 84 -9.65 -0.74 -15.61
C ILE A 84 -11.12 -0.69 -15.23
N LEU A 85 -11.99 -0.67 -16.24
CA LEU A 85 -13.42 -0.62 -16.01
C LEU A 85 -14.07 -1.94 -16.40
N GLU A 86 -15.28 -2.17 -15.90
CA GLU A 86 -16.02 -3.39 -16.21
C GLU A 86 -16.92 -3.20 -17.42
N GLY A 87 -16.82 -4.13 -18.37
CA GLY A 87 -17.63 -4.05 -19.58
C GLY A 87 -18.66 -5.16 -19.66
N GLU A 88 -19.54 -5.23 -18.66
CA GLU A 88 -20.56 -6.26 -18.63
C GLU A 88 -21.91 -5.70 -19.10
N PRO A 89 -22.81 -6.60 -19.50
CA PRO A 89 -24.15 -6.23 -19.98
C PRO A 89 -25.03 -5.69 -18.87
N VAL A 90 -26.31 -5.49 -19.17
CA VAL A 90 -27.26 -4.97 -18.19
C VAL A 90 -28.46 -5.90 -18.05
N GLN A 91 -28.99 -6.00 -16.83
CA GLN A 91 -30.14 -6.86 -16.57
C GLN A 91 -31.32 -6.03 -16.07
N GLN A 92 -31.39 -4.78 -16.51
CA GLN A 92 -32.48 -3.90 -16.10
C GLN A 92 -32.84 -2.93 -17.23
N SER A 93 -34.13 -2.87 -17.56
CA SER A 93 -34.60 -1.98 -18.63
C SER A 93 -35.23 -0.72 -18.04
N MET A 1 18.81 -12.48 0.00
CA MET A 1 18.27 -13.56 0.82
C MET A 1 16.84 -13.26 1.25
N HIS A 2 16.00 -14.29 1.29
CA HIS A 2 14.61 -14.13 1.68
C HIS A 2 14.50 -13.60 3.10
N ASP A 3 15.46 -13.98 3.95
CA ASP A 3 15.47 -13.55 5.34
C ASP A 3 16.04 -12.14 5.46
N TYR A 4 17.00 -11.81 4.59
CA TYR A 4 17.62 -10.50 4.60
C TYR A 4 16.67 -9.43 4.08
N ILE A 5 15.77 -9.84 3.19
CA ILE A 5 14.79 -8.91 2.62
C ILE A 5 13.59 -8.75 3.54
N LYS A 6 13.33 -9.77 4.36
CA LYS A 6 12.21 -9.73 5.29
C LYS A 6 12.29 -8.51 6.20
N GLU A 7 13.51 -8.00 6.39
CA GLU A 7 13.73 -6.83 7.24
C GLU A 7 13.48 -5.55 6.46
N ARG A 8 13.61 -5.63 5.14
CA ARG A 8 13.41 -4.47 4.28
C ARG A 8 12.03 -3.86 4.50
N THR A 9 11.06 -4.72 4.82
CA THR A 9 9.69 -4.26 5.05
C THR A 9 9.52 -3.76 6.48
N ILE A 10 10.31 -4.29 7.39
CA ILE A 10 10.26 -3.89 8.79
C ILE A 10 10.31 -2.37 8.93
N LYS A 11 11.24 -1.75 8.21
CA LYS A 11 11.40 -0.31 8.25
C LYS A 11 10.12 0.40 7.81
N ILE A 12 9.49 -0.14 6.77
CA ILE A 12 8.24 0.43 6.25
C ILE A 12 7.11 0.31 7.27
N GLY A 13 6.83 -0.93 7.70
CA GLY A 13 5.78 -1.16 8.66
C GLY A 13 5.97 -0.36 9.93
N LYS A 14 7.23 -0.10 10.28
CA LYS A 14 7.56 0.65 11.48
C LYS A 14 7.55 2.15 11.21
N TYR A 15 7.74 2.51 9.95
CA TYR A 15 7.76 3.92 9.55
C TYR A 15 6.34 4.43 9.36
N ILE A 16 5.50 3.63 8.71
CA ILE A 16 4.11 4.01 8.46
C ILE A 16 3.43 4.47 9.75
N VAL A 17 3.78 3.83 10.86
CA VAL A 17 3.21 4.18 12.16
C VAL A 17 3.97 5.33 12.81
N GLU A 18 5.26 5.44 12.50
CA GLU A 18 6.10 6.49 13.05
C GLU A 18 5.70 7.86 12.48
N THR A 19 5.25 7.86 11.23
CA THR A 19 4.83 9.09 10.56
C THR A 19 3.33 9.14 10.37
N LYS A 20 2.69 7.97 10.45
CA LYS A 20 1.25 7.88 10.27
C LYS A 20 0.83 8.36 8.89
N LYS A 21 1.74 8.25 7.92
CA LYS A 21 1.47 8.68 6.57
C LYS A 21 0.88 7.53 5.74
N THR A 22 0.70 7.76 4.45
CA THR A 22 0.15 6.75 3.55
C THR A 22 1.25 6.02 2.81
N VAL A 23 0.93 4.83 2.30
CA VAL A 23 1.90 4.03 1.56
C VAL A 23 2.55 4.84 0.45
N ARG A 24 1.82 5.82 -0.08
CA ARG A 24 2.31 6.68 -1.14
C ARG A 24 3.46 7.56 -0.65
N VAL A 25 3.34 8.01 0.60
CA VAL A 25 4.37 8.86 1.19
C VAL A 25 5.48 8.04 1.81
N ILE A 26 5.14 6.83 2.24
CA ILE A 26 6.12 5.94 2.86
C ILE A 26 6.96 5.23 1.79
N ALA A 27 6.36 4.99 0.64
CA ALA A 27 7.04 4.31 -0.46
C ALA A 27 8.07 5.24 -1.11
N LYS A 28 7.64 6.44 -1.47
CA LYS A 28 8.52 7.42 -2.10
C LYS A 28 9.79 7.61 -1.27
N GLU A 29 9.67 7.44 0.04
CA GLU A 29 10.80 7.60 0.94
C GLU A 29 11.84 6.50 0.71
N PHE A 30 11.34 5.29 0.45
CA PHE A 30 12.22 4.14 0.22
C PHE A 30 12.71 4.11 -1.22
N GLY A 31 11.94 4.75 -2.12
CA GLY A 31 12.31 4.78 -3.51
C GLY A 31 11.67 3.67 -4.31
N VAL A 32 10.41 3.38 -4.02
CA VAL A 32 9.68 2.32 -4.71
C VAL A 32 8.23 2.74 -4.97
N SER A 33 7.52 1.91 -5.74
CA SER A 33 6.13 2.19 -6.07
C SER A 33 5.19 1.57 -5.04
N LYS A 34 4.03 2.18 -4.85
CA LYS A 34 3.05 1.69 -3.90
C LYS A 34 2.70 0.23 -4.18
N SER A 35 2.78 -0.16 -5.44
CA SER A 35 2.48 -1.53 -5.83
C SER A 35 3.54 -2.50 -5.32
N THR A 36 4.77 -1.99 -5.17
CA THR A 36 5.88 -2.80 -4.69
C THR A 36 5.87 -2.88 -3.16
N VAL A 37 5.52 -1.78 -2.53
CA VAL A 37 5.48 -1.71 -1.06
C VAL A 37 4.33 -2.56 -0.51
N HIS A 38 3.11 -2.22 -0.91
CA HIS A 38 1.93 -2.95 -0.46
C HIS A 38 2.08 -4.44 -0.71
N LYS A 39 2.87 -4.79 -1.72
CA LYS A 39 3.09 -6.19 -2.08
C LYS A 39 3.69 -6.95 -0.90
N ASP A 40 4.78 -6.41 -0.34
CA ASP A 40 5.44 -7.05 0.79
C ASP A 40 4.75 -6.67 2.10
N LEU A 41 4.26 -5.44 2.17
CA LEU A 41 3.59 -4.95 3.37
C LEU A 41 2.36 -5.81 3.69
N THR A 42 1.89 -6.55 2.69
CA THR A 42 0.73 -7.41 2.87
C THR A 42 1.10 -8.88 2.67
N GLU A 43 2.38 -9.14 2.45
CA GLU A 43 2.86 -10.50 2.23
C GLU A 43 3.94 -10.86 3.26
N ARG A 44 5.13 -10.30 3.08
CA ARG A 44 6.24 -10.56 3.98
C ARG A 44 6.01 -9.90 5.34
N LEU A 45 5.65 -8.62 5.31
CA LEU A 45 5.40 -7.88 6.54
C LEU A 45 4.57 -8.70 7.52
N PRO A 46 3.38 -9.12 7.07
CA PRO A 46 2.46 -9.93 7.90
C PRO A 46 2.99 -11.34 8.13
N GLU A 47 3.71 -11.87 7.14
CA GLU A 47 4.26 -13.21 7.24
C GLU A 47 5.27 -13.30 8.38
N ILE A 48 6.12 -12.29 8.50
CA ILE A 48 7.13 -12.26 9.55
C ILE A 48 6.60 -11.56 10.79
N ASN A 49 5.63 -10.66 10.60
CA ASN A 49 5.04 -9.92 11.71
C ASN A 49 3.58 -9.58 11.41
N PRO A 50 2.66 -10.37 11.96
CA PRO A 50 1.21 -10.18 11.77
C PRO A 50 0.71 -8.93 12.49
N ASP A 51 1.24 -8.68 13.69
CA ASP A 51 0.84 -7.53 14.48
C ASP A 51 1.21 -6.23 13.77
N LEU A 52 2.46 -6.15 13.33
CA LEU A 52 2.94 -4.96 12.63
C LEU A 52 2.19 -4.74 11.32
N ALA A 53 1.68 -5.83 10.76
CA ALA A 53 0.94 -5.76 9.51
C ALA A 53 -0.40 -5.04 9.70
N ASN A 54 -0.92 -5.08 10.92
CA ASN A 54 -2.18 -4.42 11.24
C ASN A 54 -2.04 -2.91 11.17
N GLU A 55 -0.89 -2.41 11.60
CA GLU A 55 -0.62 -0.97 11.59
C GLU A 55 -0.84 -0.39 10.20
N VAL A 56 -0.12 -0.93 9.21
CA VAL A 56 -0.25 -0.46 7.84
C VAL A 56 -1.67 -0.65 7.31
N LYS A 57 -2.37 -1.64 7.87
CA LYS A 57 -3.73 -1.92 7.46
C LYS A 57 -4.71 -0.93 8.09
N GLU A 58 -4.36 -0.41 9.25
CA GLU A 58 -5.20 0.55 9.95
C GLU A 58 -5.31 1.86 9.16
N ILE A 59 -4.16 2.43 8.81
CA ILE A 59 -4.14 3.67 8.05
C ILE A 59 -4.87 3.53 6.72
N LEU A 60 -4.86 2.31 6.17
CA LEU A 60 -5.53 2.04 4.91
C LEU A 60 -7.04 2.28 5.03
N ASP A 61 -7.65 1.73 6.07
CA ASP A 61 -9.07 1.90 6.30
C ASP A 61 -9.44 3.38 6.37
N TYR A 62 -8.49 4.21 6.78
CA TYR A 62 -8.72 5.64 6.89
C TYR A 62 -8.50 6.34 5.55
N HIS A 63 -7.67 5.73 4.71
CA HIS A 63 -7.37 6.29 3.39
C HIS A 63 -8.56 6.15 2.45
N LYS A 64 -9.42 5.17 2.75
CA LYS A 64 -10.60 4.93 1.93
C LYS A 64 -11.75 5.85 2.33
N SER A 65 -11.73 6.28 3.59
CA SER A 65 -12.77 7.16 4.11
C SER A 65 -12.75 8.50 3.38
N ILE A 66 -11.59 9.14 3.36
CA ILE A 66 -11.45 10.43 2.70
C ILE A 66 -11.18 10.26 1.21
N ARG A 67 -11.05 9.01 0.78
CA ARG A 67 -10.79 8.70 -0.62
C ARG A 67 -11.79 9.43 -1.52
N HIS A 68 -13.04 9.48 -1.10
CA HIS A 68 -14.09 10.14 -1.86
C HIS A 68 -13.66 11.56 -2.24
N LEU A 69 -12.90 12.20 -1.37
CA LEU A 69 -12.43 13.55 -1.61
C LEU A 69 -11.19 13.55 -2.49
N ARG A 70 -10.40 12.48 -2.40
CA ARG A 70 -9.18 12.36 -3.20
C ARG A 70 -9.52 11.98 -4.64
N GLY A 71 -10.67 11.34 -4.83
CA GLY A 71 -11.08 10.93 -6.16
C GLY A 71 -11.03 12.07 -7.16
N GLY A 72 -11.21 13.29 -6.67
CA GLY A 72 -11.19 14.46 -7.54
C GLY A 72 -9.95 14.50 -8.40
N GLU A 73 -8.84 13.99 -7.88
CA GLU A 73 -7.58 13.99 -8.61
C GLU A 73 -7.51 12.81 -9.57
N ALA A 74 -8.07 11.68 -9.15
CA ALA A 74 -8.08 10.48 -9.97
C ALA A 74 -8.92 10.68 -11.23
N THR A 75 -9.86 11.63 -11.17
CA THR A 75 -10.73 11.92 -12.30
C THR A 75 -9.91 12.34 -13.51
N LYS A 76 -9.03 13.31 -13.33
CA LYS A 76 -8.20 13.81 -14.42
C LYS A 76 -7.09 12.81 -14.74
N LEU A 77 -6.66 12.06 -13.73
CA LEU A 77 -5.60 11.06 -13.92
C LEU A 77 -5.97 10.08 -15.03
N LYS A 78 -7.26 9.88 -15.24
CA LYS A 78 -7.74 8.98 -16.27
C LYS A 78 -7.69 9.65 -17.64
N TYR A 79 -7.75 10.97 -17.65
CA TYR A 79 -7.71 11.74 -18.90
C TYR A 79 -6.28 11.97 -19.35
N LYS A 80 -5.38 12.09 -18.39
CA LYS A 80 -3.97 12.33 -18.68
C LYS A 80 -3.20 11.01 -18.76
N LYS A 81 -3.48 10.12 -17.82
CA LYS A 81 -2.82 8.81 -17.79
C LYS A 81 -3.82 7.69 -18.02
N ASP A 82 -3.34 6.45 -17.97
CA ASP A 82 -4.19 5.29 -18.19
C ASP A 82 -4.86 4.85 -16.89
N GLU A 83 -5.92 4.06 -17.01
CA GLU A 83 -6.64 3.58 -15.84
C GLU A 83 -6.12 2.21 -15.40
N ILE A 84 -6.48 1.80 -14.19
CA ILE A 84 -6.06 0.51 -13.65
C ILE A 84 -7.20 -0.19 -12.93
N LEU A 85 -8.11 -0.77 -13.72
CA LEU A 85 -9.25 -1.48 -13.15
C LEU A 85 -9.33 -2.90 -13.70
N GLU A 86 -10.02 -3.77 -12.98
CA GLU A 86 -10.18 -5.16 -13.39
C GLU A 86 -11.33 -5.31 -14.38
N GLY A 87 -11.00 -5.75 -15.59
CA GLY A 87 -12.02 -5.93 -16.62
C GLY A 87 -12.62 -7.32 -16.59
N GLU A 88 -11.78 -8.32 -16.39
CA GLU A 88 -12.24 -9.71 -16.35
C GLU A 88 -13.40 -9.87 -15.38
N PRO A 89 -14.21 -10.92 -15.59
CA PRO A 89 -15.37 -11.21 -14.74
C PRO A 89 -14.96 -11.67 -13.34
N VAL A 90 -15.95 -12.09 -12.55
CA VAL A 90 -15.69 -12.57 -11.20
C VAL A 90 -16.16 -14.02 -11.03
N GLN A 91 -17.31 -14.33 -11.63
CA GLN A 91 -17.87 -15.67 -11.54
C GLN A 91 -17.32 -16.57 -12.65
N GLN A 92 -16.64 -17.64 -12.25
CA GLN A 92 -16.07 -18.58 -13.22
C GLN A 92 -16.83 -19.89 -13.21
N SER A 93 -16.56 -20.73 -14.21
CA SER A 93 -17.23 -22.02 -14.33
C SER A 93 -18.74 -21.85 -14.34
N MET A 1 16.67 -17.41 2.60
CA MET A 1 16.55 -16.79 1.29
C MET A 1 16.42 -15.28 1.42
N HIS A 2 17.53 -14.57 1.31
CA HIS A 2 17.54 -13.12 1.41
C HIS A 2 16.87 -12.66 2.70
N ASP A 3 17.51 -12.93 3.83
CA ASP A 3 16.98 -12.55 5.13
C ASP A 3 16.92 -11.04 5.27
N TYR A 4 17.94 -10.36 4.76
CA TYR A 4 18.01 -8.91 4.83
C TYR A 4 16.73 -8.28 4.28
N ILE A 5 16.17 -8.88 3.25
CA ILE A 5 14.94 -8.39 2.65
C ILE A 5 13.83 -8.26 3.68
N LYS A 6 13.90 -9.07 4.73
CA LYS A 6 12.91 -9.05 5.79
C LYS A 6 13.09 -7.82 6.68
N GLU A 7 14.31 -7.30 6.73
CA GLU A 7 14.62 -6.13 7.54
C GLU A 7 14.29 -4.85 6.78
N ARG A 8 14.30 -4.93 5.46
CA ARG A 8 13.99 -3.78 4.62
C ARG A 8 12.58 -3.27 4.88
N THR A 9 11.68 -4.18 5.22
CA THR A 9 10.29 -3.83 5.49
C THR A 9 10.13 -3.32 6.92
N ILE A 10 11.00 -3.77 7.81
CA ILE A 10 10.96 -3.36 9.21
C ILE A 10 10.92 -1.84 9.34
N LYS A 11 11.80 -1.17 8.62
CA LYS A 11 11.87 0.29 8.65
C LYS A 11 10.55 0.90 8.19
N ILE A 12 9.96 0.32 7.15
CA ILE A 12 8.69 0.80 6.62
C ILE A 12 7.56 0.60 7.62
N GLY A 13 7.36 -0.65 8.04
CA GLY A 13 6.31 -0.95 9.00
C GLY A 13 6.43 -0.13 10.26
N LYS A 14 7.67 0.21 10.63
CA LYS A 14 7.92 1.00 11.83
C LYS A 14 7.80 2.50 11.54
N TYR A 15 8.01 2.86 10.28
CA TYR A 15 7.93 4.26 9.87
C TYR A 15 6.48 4.69 9.66
N ILE A 16 5.69 3.81 9.04
CA ILE A 16 4.29 4.10 8.78
C ILE A 16 3.58 4.55 10.05
N VAL A 17 3.97 3.97 11.18
CA VAL A 17 3.37 4.32 12.46
C VAL A 17 4.06 5.53 13.08
N GLU A 18 5.34 5.70 12.77
CA GLU A 18 6.11 6.82 13.29
C GLU A 18 5.61 8.14 12.72
N THR A 19 5.16 8.11 11.47
CA THR A 19 4.66 9.30 10.80
C THR A 19 3.14 9.23 10.61
N LYS A 20 2.60 8.02 10.67
CA LYS A 20 1.17 7.81 10.50
C LYS A 20 0.72 8.22 9.10
N LYS A 21 1.63 8.15 8.15
CA LYS A 21 1.33 8.50 6.77
C LYS A 21 0.84 7.30 5.98
N THR A 22 0.64 7.48 4.67
CA THR A 22 0.17 6.41 3.82
C THR A 22 1.33 5.75 3.08
N VAL A 23 1.11 4.53 2.61
CA VAL A 23 2.14 3.79 1.88
C VAL A 23 2.72 4.62 0.74
N ARG A 24 1.91 5.53 0.21
CA ARG A 24 2.34 6.39 -0.87
C ARG A 24 3.43 7.37 -0.40
N VAL A 25 3.28 7.84 0.83
CA VAL A 25 4.24 8.78 1.40
C VAL A 25 5.42 8.05 2.04
N ILE A 26 5.17 6.82 2.49
CA ILE A 26 6.20 6.01 3.13
C ILE A 26 7.08 5.34 2.09
N ALA A 27 6.50 5.03 0.92
CA ALA A 27 7.23 4.40 -0.16
C ALA A 27 8.21 5.38 -0.81
N LYS A 28 7.69 6.53 -1.20
CA LYS A 28 8.51 7.56 -1.85
C LYS A 28 9.75 7.86 -1.01
N GLU A 29 9.63 7.71 0.30
CA GLU A 29 10.75 7.96 1.20
C GLU A 29 11.86 6.92 1.00
N PHE A 30 11.46 5.68 0.75
CA PHE A 30 12.41 4.60 0.54
C PHE A 30 12.91 4.58 -0.90
N GLY A 31 12.11 5.13 -1.80
CA GLY A 31 12.47 5.16 -3.20
C GLY A 31 11.90 4.00 -3.99
N VAL A 32 10.68 3.61 -3.66
CA VAL A 32 10.02 2.50 -4.33
C VAL A 32 8.54 2.79 -4.57
N SER A 33 7.91 1.96 -5.39
CA SER A 33 6.49 2.14 -5.71
C SER A 33 5.62 1.47 -4.66
N LYS A 34 4.43 2.04 -4.45
CA LYS A 34 3.49 1.50 -3.48
C LYS A 34 3.24 0.01 -3.71
N SER A 35 3.14 -0.37 -4.97
CA SER A 35 2.90 -1.76 -5.34
C SER A 35 4.03 -2.65 -4.83
N THR A 36 5.23 -2.08 -4.73
CA THR A 36 6.39 -2.82 -4.26
C THR A 36 6.43 -2.89 -2.73
N VAL A 37 6.04 -1.79 -2.09
CA VAL A 37 6.03 -1.72 -0.64
C VAL A 37 4.91 -2.59 -0.06
N HIS A 38 3.67 -2.28 -0.44
CA HIS A 38 2.52 -3.03 0.05
C HIS A 38 2.72 -4.53 -0.17
N LYS A 39 3.50 -4.87 -1.19
CA LYS A 39 3.77 -6.26 -1.51
C LYS A 39 4.46 -6.97 -0.35
N ASP A 40 5.47 -6.32 0.22
CA ASP A 40 6.20 -6.89 1.34
C ASP A 40 5.52 -6.55 2.66
N LEU A 41 4.92 -5.36 2.72
CA LEU A 41 4.23 -4.93 3.93
C LEU A 41 3.07 -5.86 4.27
N THR A 42 2.65 -6.64 3.29
CA THR A 42 1.55 -7.57 3.48
C THR A 42 2.01 -9.02 3.30
N GLU A 43 3.31 -9.20 3.08
CA GLU A 43 3.88 -10.52 2.90
C GLU A 43 4.98 -10.78 3.91
N ARG A 44 6.14 -10.16 3.71
CA ARG A 44 7.28 -10.33 4.60
C ARG A 44 7.01 -9.67 5.95
N LEU A 45 6.55 -8.42 5.92
CA LEU A 45 6.26 -7.68 7.13
C LEU A 45 5.49 -8.55 8.13
N PRO A 46 4.33 -9.05 7.69
CA PRO A 46 3.47 -9.91 8.52
C PRO A 46 4.08 -11.28 8.77
N GLU A 47 4.85 -11.76 7.79
CA GLU A 47 5.51 -13.06 7.90
C GLU A 47 6.53 -13.07 9.03
N ILE A 48 7.30 -11.99 9.13
CA ILE A 48 8.32 -11.87 10.17
C ILE A 48 7.75 -11.21 11.42
N ASN A 49 6.71 -10.41 11.23
CA ASN A 49 6.08 -9.70 12.34
C ASN A 49 4.59 -9.49 12.07
N PRO A 50 3.75 -10.35 12.66
CA PRO A 50 2.29 -10.29 12.50
C PRO A 50 1.70 -9.08 13.21
N ASP A 51 2.24 -8.76 14.39
CA ASP A 51 1.75 -7.62 15.17
C ASP A 51 2.04 -6.31 14.45
N LEU A 52 3.29 -6.14 14.00
CA LEU A 52 3.69 -4.93 13.31
C LEU A 52 2.93 -4.78 11.99
N ALA A 53 2.50 -5.90 11.44
CA ALA A 53 1.76 -5.90 10.18
C ALA A 53 0.40 -5.23 10.35
N ASN A 54 -0.12 -5.25 11.57
CA ASN A 54 -1.41 -4.65 11.87
C ASN A 54 -1.33 -3.12 11.77
N GLU A 55 -0.19 -2.57 12.17
CA GLU A 55 0.00 -1.13 12.13
C GLU A 55 -0.30 -0.57 10.74
N VAL A 56 0.39 -1.09 9.74
CA VAL A 56 0.19 -0.65 8.36
C VAL A 56 -1.22 -0.96 7.88
N LYS A 57 -1.82 -1.99 8.47
CA LYS A 57 -3.18 -2.40 8.11
C LYS A 57 -4.21 -1.44 8.70
N GLU A 58 -3.87 -0.84 9.84
CA GLU A 58 -4.76 0.10 10.50
C GLU A 58 -4.98 1.35 9.65
N ILE A 59 -3.89 1.98 9.26
CA ILE A 59 -3.95 3.19 8.44
C ILE A 59 -4.69 2.92 7.13
N LEU A 60 -4.60 1.69 6.65
CA LEU A 60 -5.27 1.30 5.41
C LEU A 60 -6.78 1.45 5.53
N ASP A 61 -7.33 0.95 6.63
CA ASP A 61 -8.77 1.02 6.88
C ASP A 61 -9.24 2.48 6.90
N TYR A 62 -8.33 3.38 7.25
CA TYR A 62 -8.65 4.80 7.32
C TYR A 62 -8.49 5.47 5.95
N HIS A 63 -7.59 4.91 5.13
CA HIS A 63 -7.34 5.45 3.80
C HIS A 63 -8.55 5.25 2.90
N LYS A 64 -9.39 4.27 3.24
CA LYS A 64 -10.59 3.98 2.46
C LYS A 64 -11.74 4.89 2.88
N SER A 65 -11.69 5.34 4.13
CA SER A 65 -12.74 6.22 4.67
C SER A 65 -12.77 7.54 3.92
N ILE A 66 -11.63 8.21 3.85
CA ILE A 66 -11.52 9.48 3.16
C ILE A 66 -11.30 9.28 1.67
N ARG A 67 -11.16 8.03 1.25
CA ARG A 67 -10.94 7.70 -0.16
C ARG A 67 -11.96 8.40 -1.04
N HIS A 68 -13.21 8.43 -0.58
CA HIS A 68 -14.29 9.07 -1.33
C HIS A 68 -13.90 10.48 -1.74
N LEU A 69 -13.13 11.16 -0.89
CA LEU A 69 -12.70 12.52 -1.17
C LEU A 69 -11.48 12.52 -2.11
N ARG A 70 -10.67 11.47 -2.01
CA ARG A 70 -9.49 11.36 -2.85
C ARG A 70 -9.87 10.95 -4.27
N GLY A 71 -11.01 10.29 -4.41
CA GLY A 71 -11.47 9.84 -5.71
C GLY A 71 -11.48 10.96 -6.74
N GLY A 72 -11.67 12.19 -6.26
CA GLY A 72 -11.71 13.33 -7.15
C GLY A 72 -10.50 13.39 -8.06
N GLU A 73 -9.38 12.86 -7.59
CA GLU A 73 -8.15 12.86 -8.38
C GLU A 73 -8.11 11.67 -9.33
N ALA A 74 -8.47 10.50 -8.82
CA ALA A 74 -8.47 9.28 -9.62
C ALA A 74 -9.35 9.45 -10.85
N THR A 75 -10.31 10.36 -10.77
CA THR A 75 -11.23 10.62 -11.88
C THR A 75 -10.48 11.17 -13.08
N LYS A 76 -9.73 12.25 -12.87
CA LYS A 76 -8.96 12.88 -13.94
C LYS A 76 -7.67 12.12 -14.20
N LEU A 77 -7.12 11.51 -13.16
CA LEU A 77 -5.89 10.75 -13.27
C LEU A 77 -6.03 9.62 -14.28
N LYS A 78 -7.25 9.11 -14.42
CA LYS A 78 -7.54 8.04 -15.36
C LYS A 78 -7.25 8.46 -16.79
N TYR A 79 -7.29 9.77 -17.03
CA TYR A 79 -7.04 10.31 -18.36
C TYR A 79 -5.55 10.54 -18.58
N LYS A 80 -4.81 10.69 -17.48
CA LYS A 80 -3.38 10.92 -17.55
C LYS A 80 -2.63 9.61 -17.84
N LYS A 81 -2.54 8.75 -16.84
CA LYS A 81 -1.87 7.47 -16.99
C LYS A 81 -2.87 6.34 -17.21
N ASP A 82 -4.08 6.54 -16.71
CA ASP A 82 -5.13 5.55 -16.86
C ASP A 82 -4.75 4.25 -16.16
N GLU A 83 -5.73 3.37 -15.95
CA GLU A 83 -5.50 2.10 -15.30
C GLU A 83 -5.19 1.00 -16.31
N ILE A 84 -4.76 -0.15 -15.82
CA ILE A 84 -4.45 -1.27 -16.69
C ILE A 84 -5.00 -2.59 -16.14
N LEU A 85 -6.32 -2.71 -16.15
CA LEU A 85 -6.98 -3.90 -15.64
C LEU A 85 -8.01 -4.42 -16.65
N GLU A 86 -8.76 -5.44 -16.25
CA GLU A 86 -9.78 -6.02 -17.12
C GLU A 86 -11.07 -5.23 -17.04
N GLY A 87 -11.58 -4.81 -18.20
CA GLY A 87 -12.81 -4.04 -18.24
C GLY A 87 -13.94 -4.81 -18.90
N GLU A 88 -14.30 -5.94 -18.31
CA GLU A 88 -15.38 -6.76 -18.85
C GLU A 88 -16.62 -6.68 -17.97
N PRO A 89 -17.78 -7.05 -18.54
CA PRO A 89 -19.05 -7.01 -17.82
C PRO A 89 -19.14 -8.09 -16.74
N VAL A 90 -20.32 -8.27 -16.17
CA VAL A 90 -20.53 -9.26 -15.12
C VAL A 90 -21.61 -10.26 -15.53
N GLN A 91 -21.25 -11.53 -15.56
CA GLN A 91 -22.17 -12.59 -15.93
C GLN A 91 -22.60 -13.39 -14.71
N GLN A 92 -21.69 -13.56 -13.75
CA GLN A 92 -21.96 -14.30 -12.54
C GLN A 92 -22.16 -13.35 -11.35
N SER A 93 -23.30 -13.49 -10.68
CA SER A 93 -23.61 -12.65 -9.53
C SER A 93 -23.13 -13.30 -8.24
N MET A 1 21.73 -15.02 0.95
CA MET A 1 20.87 -14.93 2.13
C MET A 1 20.15 -13.58 2.16
N HIS A 2 18.82 -13.63 2.17
CA HIS A 2 18.01 -12.40 2.20
C HIS A 2 17.63 -12.05 3.64
N ASP A 3 18.61 -12.09 4.53
CA ASP A 3 18.37 -11.77 5.93
C ASP A 3 18.24 -10.26 6.14
N TYR A 4 18.99 -9.50 5.35
CA TYR A 4 18.98 -8.05 5.45
C TYR A 4 17.70 -7.48 4.84
N ILE A 5 17.20 -8.14 3.81
CA ILE A 5 15.97 -7.70 3.14
C ILE A 5 14.80 -7.66 4.10
N LYS A 6 14.87 -8.47 5.15
CA LYS A 6 13.82 -8.52 6.16
C LYS A 6 13.86 -7.29 7.05
N GLU A 7 15.04 -6.69 7.18
CA GLU A 7 15.21 -5.50 8.00
C GLU A 7 14.82 -4.25 7.23
N ARG A 8 14.90 -4.33 5.90
CA ARG A 8 14.57 -3.19 5.04
C ARG A 8 13.11 -2.78 5.24
N THR A 9 12.26 -3.75 5.53
CA THR A 9 10.84 -3.50 5.73
C THR A 9 10.58 -3.00 7.16
N ILE A 10 11.43 -3.41 8.09
CA ILE A 10 11.29 -3.01 9.48
C ILE A 10 11.10 -1.50 9.60
N LYS A 11 11.95 -0.75 8.91
CA LYS A 11 11.88 0.71 8.94
C LYS A 11 10.53 1.19 8.43
N ILE A 12 10.03 0.56 7.38
CA ILE A 12 8.74 0.92 6.81
C ILE A 12 7.60 0.63 7.77
N GLY A 13 7.49 -0.63 8.18
CA GLY A 13 6.44 -1.03 9.09
C GLY A 13 6.44 -0.20 10.36
N LYS A 14 7.62 0.25 10.77
CA LYS A 14 7.75 1.06 11.98
C LYS A 14 7.53 2.53 11.68
N TYR A 15 7.74 2.92 10.42
CA TYR A 15 7.57 4.30 10.01
C TYR A 15 6.09 4.60 9.75
N ILE A 16 5.41 3.66 9.10
CA ILE A 16 4.00 3.83 8.78
C ILE A 16 3.20 4.20 10.02
N VAL A 17 3.60 3.65 11.16
CA VAL A 17 2.92 3.93 12.42
C VAL A 17 3.49 5.18 13.09
N GLU A 18 4.76 5.44 12.83
CA GLU A 18 5.44 6.60 13.42
C GLU A 18 4.86 7.90 12.85
N THR A 19 4.41 7.85 11.60
CA THR A 19 3.84 9.02 10.94
C THR A 19 2.36 8.81 10.66
N LYS A 20 1.93 7.56 10.66
CA LYS A 20 0.52 7.24 10.42
C LYS A 20 0.11 7.65 9.00
N LYS A 21 1.08 7.66 8.09
CA LYS A 21 0.80 8.03 6.71
C LYS A 21 0.43 6.79 5.88
N THR A 22 0.25 7.00 4.58
CA THR A 22 -0.11 5.91 3.68
C THR A 22 1.12 5.35 2.97
N VAL A 23 1.00 4.13 2.47
CA VAL A 23 2.11 3.49 1.76
C VAL A 23 2.67 4.39 0.66
N ARG A 24 1.81 5.25 0.12
CA ARG A 24 2.21 6.17 -0.94
C ARG A 24 3.21 7.19 -0.40
N VAL A 25 3.00 7.63 0.83
CA VAL A 25 3.88 8.61 1.45
C VAL A 25 5.07 7.94 2.12
N ILE A 26 4.88 6.69 2.54
CA ILE A 26 5.95 5.94 3.19
C ILE A 26 6.93 5.37 2.16
N ALA A 27 6.41 5.06 0.97
CA ALA A 27 7.23 4.51 -0.10
C ALA A 27 8.15 5.58 -0.68
N LYS A 28 7.57 6.71 -1.07
CA LYS A 28 8.34 7.80 -1.65
C LYS A 28 9.53 8.16 -0.76
N GLU A 29 9.35 8.00 0.54
CA GLU A 29 10.42 8.31 1.50
C GLU A 29 11.60 7.37 1.31
N PHE A 30 11.32 6.11 1.00
CA PHE A 30 12.37 5.11 0.80
C PHE A 30 12.88 5.16 -0.64
N GLY A 31 12.05 5.67 -1.55
CA GLY A 31 12.44 5.76 -2.94
C GLY A 31 12.02 4.56 -3.73
N VAL A 32 10.79 4.10 -3.50
CA VAL A 32 10.26 2.93 -4.21
C VAL A 32 8.77 3.09 -4.49
N SER A 33 8.23 2.21 -5.33
CA SER A 33 6.82 2.25 -5.68
C SER A 33 5.99 1.47 -4.67
N LYS A 34 4.74 1.89 -4.48
CA LYS A 34 3.84 1.22 -3.55
C LYS A 34 3.73 -0.27 -3.86
N SER A 35 3.81 -0.61 -5.14
CA SER A 35 3.73 -2.01 -5.57
C SER A 35 4.90 -2.81 -5.02
N THR A 36 6.02 -2.13 -4.77
CA THR A 36 7.21 -2.78 -4.25
C THR A 36 7.18 -2.86 -2.73
N VAL A 37 6.74 -1.78 -2.09
CA VAL A 37 6.65 -1.72 -0.64
C VAL A 37 5.62 -2.72 -0.11
N HIS A 38 4.37 -2.55 -0.53
CA HIS A 38 3.30 -3.43 -0.11
C HIS A 38 3.66 -4.89 -0.34
N LYS A 39 4.52 -5.13 -1.33
CA LYS A 39 4.96 -6.49 -1.64
C LYS A 39 5.64 -7.14 -0.45
N ASP A 40 6.56 -6.41 0.18
CA ASP A 40 7.29 -6.92 1.33
C ASP A 40 6.51 -6.64 2.61
N LEU A 41 5.81 -5.51 2.65
CA LEU A 41 5.03 -5.13 3.82
C LEU A 41 3.93 -6.17 4.10
N THR A 42 3.63 -6.98 3.10
CA THR A 42 2.60 -8.00 3.24
C THR A 42 3.20 -9.40 3.08
N GLU A 43 4.52 -9.46 2.92
CA GLU A 43 5.20 -10.74 2.77
C GLU A 43 6.28 -10.91 3.84
N ARG A 44 7.37 -10.19 3.69
CA ARG A 44 8.48 -10.26 4.65
C ARG A 44 8.08 -9.64 5.98
N LEU A 45 7.52 -8.43 5.92
CA LEU A 45 7.09 -7.72 7.12
C LEU A 45 6.36 -8.66 8.08
N PRO A 46 5.26 -9.26 7.59
CA PRO A 46 4.45 -10.19 8.37
C PRO A 46 5.17 -11.51 8.64
N GLU A 47 6.02 -11.91 7.71
CA GLU A 47 6.78 -13.16 7.85
C GLU A 47 7.73 -13.08 9.04
N ILE A 48 8.41 -11.93 9.17
CA ILE A 48 9.36 -11.74 10.26
C ILE A 48 8.68 -11.12 11.48
N ASN A 49 7.58 -10.40 11.23
CA ASN A 49 6.84 -9.76 12.30
C ASN A 49 5.36 -9.67 11.97
N PRO A 50 4.57 -10.61 12.51
CA PRO A 50 3.13 -10.66 12.27
C PRO A 50 2.39 -9.51 12.95
N ASP A 51 2.83 -9.16 14.16
CA ASP A 51 2.21 -8.07 14.91
C ASP A 51 2.41 -6.74 14.20
N LEU A 52 3.65 -6.46 13.82
CA LEU A 52 3.98 -5.21 13.14
C LEU A 52 3.27 -5.13 11.79
N ALA A 53 2.98 -6.29 11.22
CA ALA A 53 2.29 -6.36 9.93
C ALA A 53 0.87 -5.82 10.03
N ASN A 54 0.31 -5.89 11.23
CA ASN A 54 -1.05 -5.41 11.46
C ASN A 54 -1.12 -3.89 11.38
N GLU A 55 -0.06 -3.23 11.84
CA GLU A 55 0.00 -1.77 11.82
C GLU A 55 -0.27 -1.23 10.41
N VAL A 56 0.54 -1.68 9.45
CA VAL A 56 0.39 -1.24 8.08
C VAL A 56 -0.96 -1.66 7.51
N LYS A 57 -1.52 -2.74 8.06
CA LYS A 57 -2.81 -3.24 7.61
C LYS A 57 -3.95 -2.40 8.18
N GLU A 58 -3.72 -1.80 9.34
CA GLU A 58 -4.73 -0.97 9.99
C GLU A 58 -5.00 0.29 9.17
N ILE A 59 -3.94 1.03 8.86
CA ILE A 59 -4.07 2.25 8.08
C ILE A 59 -4.73 1.98 6.74
N LEU A 60 -4.53 0.78 6.21
CA LEU A 60 -5.11 0.39 4.94
C LEU A 60 -6.63 0.41 5.00
N ASP A 61 -7.19 -0.22 6.02
CA ASP A 61 -8.63 -0.28 6.20
C ASP A 61 -9.23 1.13 6.23
N TYR A 62 -8.42 2.10 6.64
CA TYR A 62 -8.86 3.49 6.72
C TYR A 62 -8.69 4.19 5.37
N HIS A 63 -7.78 3.68 4.56
CA HIS A 63 -7.52 4.25 3.24
C HIS A 63 -8.60 3.86 2.25
N LYS A 64 -9.29 2.75 2.53
CA LYS A 64 -10.35 2.26 1.66
C LYS A 64 -11.67 2.97 1.97
N SER A 65 -11.81 3.44 3.22
CA SER A 65 -13.02 4.13 3.64
C SER A 65 -13.21 5.43 2.85
N ILE A 66 -12.18 6.26 2.86
CA ILE A 66 -12.23 7.54 2.15
C ILE A 66 -11.83 7.37 0.69
N ARG A 67 -11.45 6.15 0.32
CA ARG A 67 -11.05 5.85 -1.05
C ARG A 67 -12.09 6.38 -2.04
N HIS A 68 -13.36 6.29 -1.66
CA HIS A 68 -14.44 6.77 -2.51
C HIS A 68 -14.18 8.18 -2.99
N LEU A 69 -13.57 8.99 -2.14
CA LEU A 69 -13.26 10.38 -2.47
C LEU A 69 -11.96 10.48 -3.25
N ARG A 70 -11.03 9.56 -2.97
CA ARG A 70 -9.74 9.54 -3.64
C ARG A 70 -9.89 9.05 -5.08
N GLY A 71 -10.93 8.27 -5.34
CA GLY A 71 -11.16 7.75 -6.66
C GLY A 71 -11.16 8.83 -7.72
N GLY A 72 -11.53 10.04 -7.32
CA GLY A 72 -11.57 11.15 -8.25
C GLY A 72 -10.26 11.31 -9.02
N GLU A 73 -9.16 10.90 -8.39
CA GLU A 73 -7.85 11.00 -9.02
C GLU A 73 -7.60 9.82 -9.96
N ALA A 74 -7.91 8.61 -9.48
CA ALA A 74 -7.72 7.40 -10.28
C ALA A 74 -8.47 7.49 -11.60
N THR A 75 -9.52 8.31 -11.62
CA THR A 75 -10.32 8.48 -12.82
C THR A 75 -9.53 9.19 -13.91
N LYS A 76 -8.99 10.36 -13.58
CA LYS A 76 -8.21 11.14 -14.53
C LYS A 76 -6.84 10.51 -14.76
N LEU A 77 -6.32 9.85 -13.73
CA LEU A 77 -5.01 9.20 -13.82
C LEU A 77 -4.96 8.26 -15.02
N LYS A 78 -6.11 7.71 -15.39
CA LYS A 78 -6.20 6.80 -16.52
C LYS A 78 -5.76 7.49 -17.82
N TYR A 79 -5.97 8.79 -17.89
CA TYR A 79 -5.60 9.56 -19.07
C TYR A 79 -4.10 9.82 -19.10
N LYS A 80 -3.49 9.82 -17.92
CA LYS A 80 -2.05 10.06 -17.80
C LYS A 80 -1.27 8.75 -17.93
N LYS A 81 -1.58 7.80 -17.06
CA LYS A 81 -0.91 6.50 -17.08
C LYS A 81 -1.82 5.43 -17.69
N ASP A 82 -1.39 4.18 -17.59
CA ASP A 82 -2.17 3.06 -18.13
C ASP A 82 -3.58 3.07 -17.57
N GLU A 83 -4.57 2.84 -18.44
CA GLU A 83 -5.96 2.82 -18.04
C GLU A 83 -6.38 1.42 -17.60
N ILE A 84 -7.46 1.34 -16.83
CA ILE A 84 -7.96 0.06 -16.35
C ILE A 84 -9.49 -0.01 -16.44
N LEU A 85 -10.00 -0.20 -17.65
CA LEU A 85 -11.44 -0.28 -17.87
C LEU A 85 -11.99 -1.60 -17.34
N GLU A 86 -13.26 -1.58 -16.92
CA GLU A 86 -13.91 -2.77 -16.40
C GLU A 86 -14.43 -3.65 -17.54
N GLY A 87 -14.00 -4.91 -17.53
CA GLY A 87 -14.43 -5.83 -18.58
C GLY A 87 -15.65 -6.63 -18.17
N GLU A 88 -15.79 -6.88 -16.88
CA GLU A 88 -16.93 -7.63 -16.37
C GLU A 88 -18.25 -7.05 -16.88
N PRO A 89 -19.30 -7.88 -16.89
CA PRO A 89 -20.63 -7.47 -17.35
C PRO A 89 -21.30 -6.49 -16.39
N VAL A 90 -22.54 -6.14 -16.69
CA VAL A 90 -23.29 -5.21 -15.85
C VAL A 90 -24.01 -5.94 -14.72
N GLN A 91 -24.18 -5.27 -13.59
CA GLN A 91 -24.84 -5.86 -12.44
C GLN A 91 -26.25 -5.29 -12.27
N GLN A 92 -26.42 -4.03 -12.68
CA GLN A 92 -27.72 -3.38 -12.57
C GLN A 92 -28.69 -3.91 -13.63
N SER A 93 -29.97 -3.83 -13.32
CA SER A 93 -31.01 -4.31 -14.24
C SER A 93 -30.96 -3.54 -15.56
N MET A 1 18.00 -10.02 -1.90
CA MET A 1 17.34 -11.31 -1.84
C MET A 1 17.84 -12.14 -0.67
N HIS A 2 18.06 -11.48 0.47
CA HIS A 2 18.55 -12.15 1.67
C HIS A 2 17.68 -11.81 2.87
N ASP A 3 18.07 -12.31 4.04
CA ASP A 3 17.34 -12.05 5.27
C ASP A 3 17.14 -10.55 5.48
N TYR A 4 18.13 -9.76 5.08
CA TYR A 4 18.06 -8.32 5.22
C TYR A 4 16.80 -7.76 4.58
N ILE A 5 16.33 -8.44 3.55
CA ILE A 5 15.12 -8.02 2.84
C ILE A 5 13.92 -7.98 3.78
N LYS A 6 13.97 -8.79 4.83
CA LYS A 6 12.88 -8.85 5.81
C LYS A 6 12.91 -7.63 6.72
N GLU A 7 14.09 -7.04 6.88
CA GLU A 7 14.25 -5.86 7.73
C GLU A 7 13.87 -4.59 6.96
N ARG A 8 13.97 -4.66 5.64
CA ARG A 8 13.63 -3.51 4.81
C ARG A 8 12.16 -3.13 4.95
N THR A 9 11.32 -4.14 5.16
CA THR A 9 9.88 -3.91 5.32
C THR A 9 9.56 -3.46 6.74
N ILE A 10 10.38 -3.87 7.69
CA ILE A 10 10.18 -3.51 9.09
C ILE A 10 9.99 -2.00 9.25
N LYS A 11 10.85 -1.24 8.60
CA LYS A 11 10.78 0.22 8.66
C LYS A 11 9.45 0.72 8.11
N ILE A 12 8.99 0.11 7.03
CA ILE A 12 7.73 0.49 6.40
C ILE A 12 6.55 0.18 7.32
N GLY A 13 6.42 -1.08 7.72
CA GLY A 13 5.34 -1.47 8.60
C GLY A 13 5.31 -0.68 9.88
N LYS A 14 6.48 -0.23 10.33
CA LYS A 14 6.59 0.54 11.56
C LYS A 14 6.36 2.02 11.28
N TYR A 15 6.61 2.44 10.05
CA TYR A 15 6.44 3.83 9.65
C TYR A 15 4.98 4.13 9.34
N ILE A 16 4.33 3.21 8.63
CA ILE A 16 2.92 3.38 8.27
C ILE A 16 2.08 3.71 9.49
N VAL A 17 2.44 3.13 10.64
CA VAL A 17 1.72 3.37 11.87
C VAL A 17 2.24 4.60 12.60
N GLU A 18 3.53 4.90 12.39
CA GLU A 18 4.15 6.06 13.02
C GLU A 18 3.65 7.36 12.39
N THR A 19 3.23 7.28 11.14
CA THR A 19 2.72 8.44 10.42
C THR A 19 1.24 8.28 10.07
N LYS A 20 0.77 7.03 10.11
CA LYS A 20 -0.63 6.75 9.80
C LYS A 20 -0.97 7.19 8.38
N LYS A 21 0.05 7.25 7.52
CA LYS A 21 -0.15 7.65 6.13
C LYS A 21 -0.50 6.45 5.26
N THR A 22 -0.58 6.67 3.96
CA THR A 22 -0.91 5.61 3.02
C THR A 22 0.35 5.05 2.37
N VAL A 23 0.23 3.84 1.82
CA VAL A 23 1.36 3.19 1.17
C VAL A 23 2.00 4.10 0.12
N ARG A 24 1.18 4.99 -0.45
CA ARG A 24 1.67 5.91 -1.46
C ARG A 24 2.61 6.94 -0.85
N VAL A 25 2.33 7.35 0.38
CA VAL A 25 3.16 8.33 1.08
C VAL A 25 4.31 7.65 1.79
N ILE A 26 4.12 6.39 2.18
CA ILE A 26 5.16 5.64 2.87
C ILE A 26 6.17 5.06 1.89
N ALA A 27 5.71 4.76 0.68
CA ALA A 27 6.57 4.21 -0.36
C ALA A 27 7.52 5.28 -0.90
N LYS A 28 6.96 6.42 -1.29
CA LYS A 28 7.75 7.51 -1.82
C LYS A 28 8.91 7.86 -0.90
N GLU A 29 8.71 7.63 0.40
CA GLU A 29 9.74 7.93 1.39
C GLU A 29 10.92 6.97 1.24
N PHE A 30 10.62 5.72 0.90
CA PHE A 30 11.66 4.71 0.72
C PHE A 30 12.24 4.76 -0.69
N GLY A 31 11.46 5.32 -1.63
CA GLY A 31 11.91 5.42 -2.99
C GLY A 31 11.51 4.21 -3.83
N VAL A 32 10.30 3.72 -3.62
CA VAL A 32 9.80 2.57 -4.35
C VAL A 32 8.33 2.75 -4.72
N SER A 33 7.83 1.87 -5.60
CA SER A 33 6.44 1.94 -6.03
C SER A 33 5.54 1.14 -5.09
N LYS A 34 4.28 1.56 -5.00
CA LYS A 34 3.32 0.88 -4.13
C LYS A 34 3.29 -0.62 -4.41
N SER A 35 3.41 -0.98 -5.68
CA SER A 35 3.40 -2.39 -6.08
C SER A 35 4.54 -3.14 -5.42
N THR A 36 5.67 -2.46 -5.25
CA THR A 36 6.84 -3.07 -4.64
C THR A 36 6.72 -3.13 -3.12
N VAL A 37 6.12 -2.09 -2.54
CA VAL A 37 5.93 -2.02 -1.10
C VAL A 37 4.86 -3.01 -0.65
N HIS A 38 3.65 -2.83 -1.16
CA HIS A 38 2.53 -3.70 -0.81
C HIS A 38 2.90 -5.16 -1.02
N LYS A 39 3.82 -5.41 -1.95
CA LYS A 39 4.26 -6.77 -2.25
C LYS A 39 4.86 -7.43 -1.02
N ASP A 40 5.82 -6.75 -0.40
CA ASP A 40 6.48 -7.26 0.80
C ASP A 40 5.63 -7.01 2.05
N LEU A 41 4.95 -5.88 2.05
CA LEU A 41 4.10 -5.50 3.18
C LEU A 41 3.01 -6.55 3.41
N THR A 42 2.74 -7.36 2.39
CA THR A 42 1.74 -8.40 2.49
C THR A 42 2.35 -9.78 2.32
N GLU A 43 3.68 -9.82 2.19
CA GLU A 43 4.39 -11.08 2.03
C GLU A 43 5.40 -11.29 3.16
N ARG A 44 6.51 -10.56 3.09
CA ARG A 44 7.55 -10.65 4.09
C ARG A 44 7.10 -10.03 5.41
N LEU A 45 6.56 -8.82 5.34
CA LEU A 45 6.09 -8.12 6.52
C LEU A 45 5.31 -9.07 7.44
N PRO A 46 4.24 -9.67 6.90
CA PRO A 46 3.40 -10.61 7.65
C PRO A 46 4.12 -11.93 7.94
N GLU A 47 4.96 -12.37 7.01
CA GLU A 47 5.70 -13.61 7.17
C GLU A 47 6.60 -13.55 8.40
N ILE A 48 7.28 -12.42 8.57
CA ILE A 48 8.17 -12.24 9.70
C ILE A 48 7.44 -11.63 10.89
N ASN A 49 6.38 -10.87 10.60
CA ASN A 49 5.60 -10.23 11.64
C ASN A 49 4.14 -10.06 11.21
N PRO A 50 3.28 -10.99 11.65
CA PRO A 50 1.86 -10.97 11.32
C PRO A 50 1.12 -9.82 11.99
N ASP A 51 1.48 -9.53 13.24
CA ASP A 51 0.85 -8.46 14.00
C ASP A 51 1.08 -7.12 13.31
N LEU A 52 2.33 -6.83 12.95
CA LEU A 52 2.67 -5.59 12.29
C LEU A 52 2.01 -5.50 10.91
N ALA A 53 1.73 -6.65 10.33
CA ALA A 53 1.10 -6.71 9.01
C ALA A 53 -0.35 -6.20 9.08
N ASN A 54 -0.95 -6.33 10.25
CA ASN A 54 -2.34 -5.88 10.45
C ASN A 54 -2.43 -4.37 10.39
N GLU A 55 -1.40 -3.70 10.90
CA GLU A 55 -1.37 -2.23 10.90
C GLU A 55 -1.52 -1.68 9.50
N VAL A 56 -0.62 -2.08 8.61
CA VAL A 56 -0.66 -1.63 7.22
C VAL A 56 -1.97 -2.01 6.55
N LYS A 57 -2.59 -3.08 7.05
CA LYS A 57 -3.86 -3.55 6.50
C LYS A 57 -5.02 -2.73 7.03
N GLU A 58 -4.87 -2.19 8.23
CA GLU A 58 -5.90 -1.39 8.86
C GLU A 58 -6.11 -0.08 8.10
N ILE A 59 -5.02 0.64 7.86
CA ILE A 59 -5.08 1.90 7.14
C ILE A 59 -5.68 1.72 5.75
N LEU A 60 -5.48 0.54 5.18
CA LEU A 60 -6.01 0.23 3.85
C LEU A 60 -7.53 0.28 3.85
N ASP A 61 -8.15 -0.39 4.82
CA ASP A 61 -9.60 -0.41 4.93
C ASP A 61 -10.17 1.00 5.01
N TYR A 62 -9.35 1.92 5.51
CA TYR A 62 -9.78 3.32 5.63
C TYR A 62 -9.54 4.08 4.34
N HIS A 63 -8.55 3.63 3.56
CA HIS A 63 -8.23 4.28 2.29
C HIS A 63 -9.31 4.01 1.25
N LYS A 64 -10.06 2.93 1.44
CA LYS A 64 -11.13 2.57 0.52
C LYS A 64 -12.42 3.32 0.86
N SER A 65 -12.56 3.70 2.12
CA SER A 65 -13.74 4.42 2.58
C SER A 65 -13.84 5.78 1.89
N ILE A 66 -12.77 6.56 2.00
CA ILE A 66 -12.75 7.88 1.38
C ILE A 66 -12.34 7.80 -0.09
N ARG A 67 -12.02 6.60 -0.53
CA ARG A 67 -11.61 6.39 -1.92
C ARG A 67 -12.61 7.02 -2.89
N HIS A 68 -13.89 6.99 -2.51
CA HIS A 68 -14.95 7.56 -3.34
C HIS A 68 -14.61 9.00 -3.73
N LEU A 69 -13.92 9.69 -2.84
CA LEU A 69 -13.54 11.09 -3.10
C LEU A 69 -12.26 11.16 -3.91
N ARG A 70 -11.37 10.20 -3.69
CA ARG A 70 -10.10 10.16 -4.41
C ARG A 70 -10.31 9.73 -5.87
N GLY A 71 -11.39 8.99 -6.11
CA GLY A 71 -11.70 8.54 -7.45
C GLY A 71 -11.70 9.67 -8.46
N GLY A 72 -12.02 10.88 -8.00
CA GLY A 72 -12.05 12.03 -8.88
C GLY A 72 -10.76 12.19 -9.68
N GLU A 73 -9.66 11.71 -9.11
CA GLU A 73 -8.36 11.80 -9.76
C GLU A 73 -8.16 10.65 -10.75
N ALA A 74 -8.48 9.43 -10.30
CA ALA A 74 -8.33 8.25 -11.13
C ALA A 74 -9.11 8.40 -12.44
N THR A 75 -10.14 9.24 -12.42
CA THR A 75 -10.96 9.47 -13.60
C THR A 75 -10.18 10.21 -14.67
N LYS A 76 -9.59 11.34 -14.30
CA LYS A 76 -8.81 12.15 -15.23
C LYS A 76 -7.46 11.49 -15.52
N LEU A 77 -6.94 10.78 -14.53
CA LEU A 77 -5.66 10.09 -14.68
C LEU A 77 -5.65 9.20 -15.91
N LYS A 78 -6.82 8.72 -16.30
CA LYS A 78 -6.95 7.86 -17.47
C LYS A 78 -6.51 8.58 -18.73
N TYR A 79 -6.70 9.90 -18.74
CA TYR A 79 -6.33 10.72 -19.89
C TYR A 79 -4.82 10.94 -19.93
N LYS A 80 -4.18 10.88 -18.77
CA LYS A 80 -2.75 11.07 -18.66
C LYS A 80 -2.00 9.77 -18.91
N LYS A 81 -2.40 8.71 -18.19
CA LYS A 81 -1.77 7.41 -18.33
C LYS A 81 -2.82 6.30 -18.23
N ASP A 82 -2.54 5.18 -18.90
CA ASP A 82 -3.45 4.04 -18.89
C ASP A 82 -3.24 3.18 -17.65
N GLU A 83 -4.34 2.69 -17.08
CA GLU A 83 -4.28 1.86 -15.88
C GLU A 83 -4.01 0.40 -16.25
N ILE A 84 -3.54 -0.37 -15.27
CA ILE A 84 -3.26 -1.78 -15.49
C ILE A 84 -4.04 -2.67 -14.52
N LEU A 85 -5.32 -2.85 -14.80
CA LEU A 85 -6.17 -3.68 -13.95
C LEU A 85 -6.74 -4.85 -14.72
N GLU A 86 -7.25 -5.85 -14.00
CA GLU A 86 -7.82 -7.03 -14.62
C GLU A 86 -9.34 -6.90 -14.75
N GLY A 87 -9.81 -5.67 -14.94
CA GLY A 87 -11.23 -5.44 -15.08
C GLY A 87 -12.02 -5.99 -13.91
N GLU A 88 -11.38 -6.09 -12.75
CA GLU A 88 -12.03 -6.62 -11.55
C GLU A 88 -13.34 -5.89 -11.29
N PRO A 89 -14.24 -6.57 -10.55
CA PRO A 89 -15.55 -6.00 -10.21
C PRO A 89 -15.45 -4.85 -9.23
N VAL A 90 -16.60 -4.34 -8.79
CA VAL A 90 -16.64 -3.24 -7.84
C VAL A 90 -17.04 -3.73 -6.45
N GLN A 91 -16.26 -3.36 -5.45
CA GLN A 91 -16.54 -3.75 -4.07
C GLN A 91 -16.23 -2.62 -3.11
N GLN A 92 -17.21 -2.25 -2.30
CA GLN A 92 -17.05 -1.18 -1.32
C GLN A 92 -17.23 -1.70 0.10
N SER A 93 -16.63 -1.00 1.06
CA SER A 93 -16.72 -1.39 2.46
C SER A 93 -16.31 -2.86 2.64
N MET A 1 21.56 -10.54 2.95
CA MET A 1 20.41 -10.78 2.09
C MET A 1 19.43 -11.75 2.74
N HIS A 2 18.20 -11.76 2.24
CA HIS A 2 17.16 -12.64 2.78
C HIS A 2 16.74 -12.19 4.18
N ASP A 3 17.59 -12.48 5.16
CA ASP A 3 17.31 -12.11 6.54
C ASP A 3 17.64 -10.65 6.79
N TYR A 4 18.67 -10.15 6.11
CA TYR A 4 19.10 -8.76 6.26
C TYR A 4 18.08 -7.82 5.63
N ILE A 5 17.41 -8.29 4.59
CA ILE A 5 16.41 -7.48 3.90
C ILE A 5 15.06 -7.55 4.61
N LYS A 6 14.83 -8.65 5.33
CA LYS A 6 13.58 -8.83 6.06
C LYS A 6 13.33 -7.67 7.01
N GLU A 7 14.40 -7.01 7.43
CA GLU A 7 14.29 -5.87 8.35
C GLU A 7 13.98 -4.59 7.58
N ARG A 8 14.35 -4.57 6.31
CA ARG A 8 14.11 -3.40 5.47
C ARG A 8 12.64 -3.02 5.48
N THR A 9 11.77 -4.01 5.59
CA THR A 9 10.33 -3.79 5.61
C THR A 9 9.86 -3.39 7.00
N ILE A 10 10.58 -3.85 8.02
CA ILE A 10 10.22 -3.54 9.40
C ILE A 10 10.04 -2.03 9.60
N LYS A 11 10.97 -1.26 9.06
CA LYS A 11 10.90 0.20 9.18
C LYS A 11 9.61 0.74 8.57
N ILE A 12 9.22 0.18 7.43
CA ILE A 12 8.01 0.60 6.75
C ILE A 12 6.77 0.25 7.58
N GLY A 13 6.62 -1.03 7.90
CA GLY A 13 5.48 -1.47 8.67
C GLY A 13 5.37 -0.75 10.00
N LYS A 14 6.51 -0.34 10.54
CA LYS A 14 6.53 0.38 11.81
C LYS A 14 6.33 1.87 11.60
N TYR A 15 6.66 2.35 10.41
CA TYR A 15 6.52 3.76 10.09
C TYR A 15 5.07 4.08 9.69
N ILE A 16 4.48 3.21 8.89
CA ILE A 16 3.10 3.40 8.44
C ILE A 16 2.17 3.68 9.62
N VAL A 17 2.45 3.04 10.76
CA VAL A 17 1.64 3.23 11.95
C VAL A 17 2.13 4.43 12.77
N GLU A 18 3.43 4.71 12.66
CA GLU A 18 4.02 5.83 13.39
C GLU A 18 3.49 7.16 12.85
N THR A 19 3.16 7.19 11.56
CA THR A 19 2.64 8.40 10.94
C THR A 19 1.20 8.22 10.50
N LYS A 20 0.78 6.96 10.36
CA LYS A 20 -0.59 6.65 9.94
C LYS A 20 -0.86 7.16 8.54
N LYS A 21 0.20 7.27 7.73
CA LYS A 21 0.07 7.75 6.36
C LYS A 21 -0.20 6.58 5.41
N THR A 22 -0.25 6.87 4.11
CA THR A 22 -0.49 5.86 3.11
C THR A 22 0.81 5.34 2.52
N VAL A 23 0.75 4.14 1.95
CA VAL A 23 1.94 3.53 1.35
C VAL A 23 2.62 4.47 0.36
N ARG A 24 1.82 5.35 -0.24
CA ARG A 24 2.35 6.31 -1.20
C ARG A 24 3.26 7.33 -0.51
N VAL A 25 2.90 7.69 0.72
CA VAL A 25 3.68 8.66 1.48
C VAL A 25 4.81 7.96 2.24
N ILE A 26 4.60 6.70 2.58
CA ILE A 26 5.60 5.93 3.31
C ILE A 26 6.69 5.41 2.37
N ALA A 27 6.30 5.14 1.12
CA ALA A 27 7.23 4.64 0.12
C ALA A 27 8.20 5.73 -0.32
N LYS A 28 7.66 6.88 -0.70
CA LYS A 28 8.48 8.01 -1.15
C LYS A 28 9.56 8.32 -0.13
N GLU A 29 9.28 8.05 1.15
CA GLU A 29 10.24 8.31 2.21
C GLU A 29 11.43 7.37 2.11
N PHE A 30 11.18 6.13 1.72
CA PHE A 30 12.23 5.13 1.58
C PHE A 30 12.93 5.26 0.23
N GLY A 31 12.21 5.83 -0.74
CA GLY A 31 12.78 6.01 -2.08
C GLY A 31 12.42 4.87 -3.00
N VAL A 32 11.19 4.38 -2.90
CA VAL A 32 10.72 3.28 -3.74
C VAL A 32 9.29 3.50 -4.20
N SER A 33 8.83 2.67 -5.13
CA SER A 33 7.48 2.79 -5.65
C SER A 33 6.50 1.99 -4.79
N LYS A 34 5.25 2.44 -4.77
CA LYS A 34 4.22 1.78 -3.98
C LYS A 34 4.16 0.29 -4.30
N SER A 35 4.37 -0.05 -5.58
CA SER A 35 4.34 -1.43 -6.02
C SER A 35 5.48 -2.23 -5.37
N THR A 36 6.60 -1.57 -5.13
CA THR A 36 7.76 -2.20 -4.52
C THR A 36 7.56 -2.38 -3.02
N VAL A 37 6.92 -1.40 -2.39
CA VAL A 37 6.66 -1.45 -0.96
C VAL A 37 5.60 -2.50 -0.63
N HIS A 38 4.40 -2.30 -1.18
CA HIS A 38 3.29 -3.22 -0.94
C HIS A 38 3.72 -4.66 -1.25
N LYS A 39 4.68 -4.82 -2.14
CA LYS A 39 5.17 -6.13 -2.51
C LYS A 39 5.71 -6.88 -1.30
N ASP A 40 6.60 -6.24 -0.55
CA ASP A 40 7.18 -6.84 0.63
C ASP A 40 6.27 -6.66 1.84
N LEU A 41 5.59 -5.51 1.89
CA LEU A 41 4.69 -5.21 2.99
C LEU A 41 3.57 -6.25 3.09
N THR A 42 3.36 -6.98 2.00
CA THR A 42 2.33 -8.01 1.96
C THR A 42 2.94 -9.40 1.76
N GLU A 43 4.27 -9.46 1.72
CA GLU A 43 4.97 -10.72 1.52
C GLU A 43 5.93 -10.98 2.68
N ARG A 44 7.03 -10.25 2.71
CA ARG A 44 8.03 -10.41 3.75
C ARG A 44 7.51 -9.89 5.09
N LEU A 45 6.99 -8.66 5.07
CA LEU A 45 6.44 -8.05 6.27
C LEU A 45 5.62 -9.05 7.08
N PRO A 46 4.58 -9.60 6.44
CA PRO A 46 3.69 -10.58 7.08
C PRO A 46 4.38 -11.91 7.32
N GLU A 47 5.30 -12.27 6.43
CA GLU A 47 6.04 -13.53 6.55
C GLU A 47 6.88 -13.54 7.82
N ILE A 48 7.53 -12.43 8.11
CA ILE A 48 8.37 -12.32 9.30
C ILE A 48 7.58 -11.80 10.49
N ASN A 49 6.53 -11.03 10.20
CA ASN A 49 5.68 -10.47 11.24
C ASN A 49 4.24 -10.31 10.75
N PRO A 50 3.38 -11.27 11.09
CA PRO A 50 1.97 -11.25 10.70
C PRO A 50 1.18 -10.16 11.41
N ASP A 51 1.51 -9.93 12.68
CA ASP A 51 0.83 -8.90 13.46
C ASP A 51 1.07 -7.51 12.89
N LEU A 52 2.35 -7.20 12.63
CA LEU A 52 2.70 -5.91 12.07
C LEU A 52 2.14 -5.73 10.66
N ALA A 53 1.91 -6.85 9.98
CA ALA A 53 1.36 -6.82 8.63
C ALA A 53 -0.08 -6.30 8.63
N ASN A 54 -0.75 -6.46 9.77
CA ASN A 54 -2.14 -6.01 9.91
C ASN A 54 -2.21 -4.49 9.92
N GLU A 55 -1.22 -3.85 10.54
CA GLU A 55 -1.17 -2.40 10.61
C GLU A 55 -1.29 -1.77 9.22
N VAL A 56 -0.36 -2.14 8.35
CA VAL A 56 -0.36 -1.62 6.98
C VAL A 56 -1.64 -1.99 6.25
N LYS A 57 -2.25 -3.09 6.65
CA LYS A 57 -3.49 -3.56 6.03
C LYS A 57 -4.68 -2.76 6.53
N GLU A 58 -4.58 -2.25 7.75
CA GLU A 58 -5.66 -1.46 8.33
C GLU A 58 -5.86 -0.16 7.56
N ILE A 59 -4.79 0.60 7.40
CA ILE A 59 -4.86 1.86 6.68
C ILE A 59 -5.35 1.66 5.25
N LEU A 60 -5.07 0.49 4.69
CA LEU A 60 -5.49 0.16 3.33
C LEU A 60 -7.00 0.15 3.22
N ASP A 61 -7.65 -0.56 4.14
CA ASP A 61 -9.11 -0.65 4.15
C ASP A 61 -9.75 0.74 4.20
N TYR A 62 -9.00 1.71 4.74
CA TYR A 62 -9.49 3.07 4.85
C TYR A 62 -9.21 3.85 3.58
N HIS A 63 -8.19 3.43 2.84
CA HIS A 63 -7.81 4.09 1.59
C HIS A 63 -8.93 3.99 0.57
N LYS A 64 -9.78 2.97 0.72
CA LYS A 64 -10.90 2.78 -0.20
C LYS A 64 -12.10 3.62 0.21
N SER A 65 -12.17 3.94 1.51
CA SER A 65 -13.27 4.74 2.03
C SER A 65 -13.27 6.15 1.42
N ILE A 66 -12.12 6.82 1.54
CA ILE A 66 -11.97 8.17 1.00
C ILE A 66 -11.61 8.13 -0.48
N ARG A 67 -11.41 6.92 -1.01
CA ARG A 67 -11.05 6.76 -2.41
C ARG A 67 -12.01 7.54 -3.31
N HIS A 68 -13.26 7.65 -2.89
CA HIS A 68 -14.27 8.38 -3.66
C HIS A 68 -13.78 9.77 -4.01
N LEU A 69 -12.95 10.35 -3.14
CA LEU A 69 -12.42 11.69 -3.36
C LEU A 69 -11.18 11.62 -4.25
N ARG A 70 -10.40 10.56 -4.09
CA ARG A 70 -9.18 10.39 -4.87
C ARG A 70 -9.50 10.04 -6.32
N GLY A 71 -10.69 9.46 -6.53
CA GLY A 71 -11.10 9.08 -7.87
C GLY A 71 -10.98 10.22 -8.86
N GLY A 72 -11.16 11.45 -8.36
CA GLY A 72 -11.07 12.62 -9.22
C GLY A 72 -9.79 12.65 -10.03
N GLU A 73 -8.74 12.04 -9.50
CA GLU A 73 -7.46 12.00 -10.19
C GLU A 73 -7.40 10.84 -11.18
N ALA A 74 -7.84 9.68 -10.74
CA ALA A 74 -7.85 8.49 -11.59
C ALA A 74 -8.62 8.75 -12.88
N THR A 75 -9.56 9.68 -12.83
CA THR A 75 -10.35 10.02 -14.00
C THR A 75 -9.50 10.65 -15.09
N LYS A 76 -8.77 11.70 -14.74
CA LYS A 76 -7.91 12.39 -15.69
C LYS A 76 -6.66 11.57 -15.99
N LEU A 77 -6.22 10.80 -15.00
CA LEU A 77 -5.03 9.96 -15.16
C LEU A 77 -5.16 9.05 -16.38
N LYS A 78 -6.39 8.71 -16.74
CA LYS A 78 -6.66 7.87 -17.89
C LYS A 78 -6.16 8.51 -19.17
N TYR A 79 -6.18 9.85 -19.21
CA TYR A 79 -5.72 10.59 -20.37
C TYR A 79 -4.20 10.61 -20.45
N LYS A 80 -3.56 10.48 -19.28
CA LYS A 80 -2.10 10.50 -19.22
C LYS A 80 -1.54 9.08 -19.35
N LYS A 81 -1.79 8.25 -18.34
CA LYS A 81 -1.32 6.88 -18.33
C LYS A 81 -2.47 5.91 -18.61
N ASP A 82 -2.16 4.62 -18.59
CA ASP A 82 -3.17 3.59 -18.83
C ASP A 82 -4.28 3.66 -17.80
N GLU A 83 -5.44 3.10 -18.13
CA GLU A 83 -6.58 3.10 -17.23
C GLU A 83 -6.47 1.99 -16.20
N ILE A 84 -7.19 2.14 -15.09
CA ILE A 84 -7.16 1.15 -14.02
C ILE A 84 -8.56 0.61 -13.75
N LEU A 85 -9.01 -0.30 -14.61
CA LEU A 85 -10.34 -0.90 -14.47
C LEU A 85 -10.38 -1.81 -13.25
N GLU A 86 -11.59 -2.07 -12.75
CA GLU A 86 -11.77 -2.94 -11.59
C GLU A 86 -12.03 -4.38 -12.03
N GLY A 87 -11.25 -5.31 -11.49
CA GLY A 87 -11.41 -6.71 -11.83
C GLY A 87 -12.03 -7.51 -10.71
N GLU A 88 -13.15 -7.01 -10.19
CA GLU A 88 -13.84 -7.68 -9.10
C GLU A 88 -15.21 -8.20 -9.56
N PRO A 89 -15.76 -9.16 -8.81
CA PRO A 89 -17.07 -9.75 -9.12
C PRO A 89 -18.22 -8.77 -8.89
N VAL A 90 -19.45 -9.28 -8.99
CA VAL A 90 -20.63 -8.45 -8.79
C VAL A 90 -21.34 -8.82 -7.49
N GLN A 91 -20.82 -8.33 -6.38
CA GLN A 91 -21.41 -8.60 -5.07
C GLN A 91 -22.50 -7.58 -4.74
N GLN A 92 -22.31 -6.35 -5.19
CA GLN A 92 -23.28 -5.29 -4.95
C GLN A 92 -24.00 -4.90 -6.24
N SER A 93 -25.15 -4.26 -6.09
CA SER A 93 -25.94 -3.83 -7.23
C SER A 93 -26.12 -2.31 -7.25
N MET A 1 20.65 -11.91 0.56
CA MET A 1 20.24 -11.45 1.88
C MET A 1 18.77 -11.81 2.15
N HIS A 2 18.56 -12.71 3.11
CA HIS A 2 17.20 -13.14 3.46
C HIS A 2 16.90 -12.83 4.92
N ASP A 3 17.88 -13.08 5.78
CA ASP A 3 17.73 -12.84 7.21
C ASP A 3 17.94 -11.36 7.54
N TYR A 4 18.83 -10.73 6.79
CA TYR A 4 19.14 -9.32 7.01
C TYR A 4 18.05 -8.43 6.40
N ILE A 5 17.64 -8.74 5.18
CA ILE A 5 16.61 -7.98 4.49
C ILE A 5 15.33 -7.92 5.33
N LYS A 6 15.14 -8.91 6.18
CA LYS A 6 13.96 -8.97 7.03
C LYS A 6 13.83 -7.69 7.87
N GLU A 7 14.97 -7.04 8.12
CA GLU A 7 14.98 -5.82 8.91
C GLU A 7 14.65 -4.61 8.03
N ARG A 8 14.89 -4.73 6.73
CA ARG A 8 14.62 -3.65 5.80
C ARG A 8 13.17 -3.21 5.88
N THR A 9 12.28 -4.16 6.17
CA THR A 9 10.86 -3.87 6.29
C THR A 9 10.51 -3.31 7.66
N ILE A 10 11.30 -3.69 8.66
CA ILE A 10 11.08 -3.22 10.03
C ILE A 10 10.94 -1.71 10.07
N LYS A 11 11.86 -1.01 9.40
CA LYS A 11 11.84 0.44 9.37
C LYS A 11 10.53 0.96 8.80
N ILE A 12 10.05 0.30 7.75
CA ILE A 12 8.79 0.68 7.11
C ILE A 12 7.61 0.47 8.05
N GLY A 13 7.45 -0.77 8.51
CA GLY A 13 6.35 -1.08 9.41
C GLY A 13 6.35 -0.21 10.65
N LYS A 14 7.53 0.21 11.08
CA LYS A 14 7.67 1.05 12.27
C LYS A 14 7.48 2.52 11.90
N TYR A 15 7.76 2.85 10.65
CA TYR A 15 7.62 4.22 10.18
C TYR A 15 6.17 4.56 9.85
N ILE A 16 5.48 3.62 9.21
CA ILE A 16 4.08 3.81 8.84
C ILE A 16 3.25 4.20 10.07
N VAL A 17 3.62 3.68 11.22
CA VAL A 17 2.91 3.97 12.46
C VAL A 17 3.44 5.25 13.10
N GLU A 18 4.71 5.55 12.87
CA GLU A 18 5.33 6.74 13.42
C GLU A 18 4.83 8.00 12.72
N THR A 19 4.46 7.85 11.45
CA THR A 19 3.97 8.97 10.66
C THR A 19 2.49 8.80 10.34
N LYS A 20 1.99 7.58 10.49
CA LYS A 20 0.58 7.28 10.22
C LYS A 20 0.21 7.67 8.79
N LYS A 21 1.21 7.67 7.91
CA LYS A 21 0.99 8.02 6.52
C LYS A 21 0.63 6.78 5.70
N THR A 22 0.50 6.95 4.39
CA THR A 22 0.16 5.85 3.50
C THR A 22 1.42 5.24 2.89
N VAL A 23 1.29 3.99 2.42
CA VAL A 23 2.42 3.29 1.81
C VAL A 23 3.05 4.14 0.70
N ARG A 24 2.24 4.98 0.07
CA ARG A 24 2.72 5.84 -1.00
C ARG A 24 3.70 6.88 -0.47
N VAL A 25 3.44 7.38 0.74
CA VAL A 25 4.29 8.38 1.36
C VAL A 25 5.46 7.72 2.10
N ILE A 26 5.24 6.50 2.57
CA ILE A 26 6.28 5.77 3.30
C ILE A 26 7.26 5.12 2.33
N ALA A 27 6.78 4.76 1.15
CA ALA A 27 7.63 4.13 0.14
C ALA A 27 8.59 5.13 -0.47
N LYS A 28 8.04 6.26 -0.93
CA LYS A 28 8.84 7.31 -1.54
C LYS A 28 10.02 7.69 -0.65
N GLU A 29 9.82 7.56 0.66
CA GLU A 29 10.86 7.90 1.63
C GLU A 29 12.02 6.91 1.53
N PHE A 30 11.70 5.64 1.31
CA PHE A 30 12.71 4.60 1.20
C PHE A 30 13.32 4.57 -0.21
N GLY A 31 12.56 5.07 -1.18
CA GLY A 31 13.03 5.09 -2.55
C GLY A 31 12.60 3.86 -3.33
N VAL A 32 11.39 3.38 -3.05
CA VAL A 32 10.86 2.20 -3.73
C VAL A 32 9.41 2.42 -4.12
N SER A 33 8.85 1.45 -4.86
CA SER A 33 7.47 1.54 -5.31
C SER A 33 6.54 0.82 -4.33
N LYS A 34 5.30 1.27 -4.27
CA LYS A 34 4.30 0.68 -3.37
C LYS A 34 4.21 -0.83 -3.59
N SER A 35 4.35 -1.25 -4.85
CA SER A 35 4.28 -2.67 -5.19
C SER A 35 5.43 -3.44 -4.54
N THR A 36 6.55 -2.77 -4.37
CA THR A 36 7.73 -3.40 -3.76
C THR A 36 7.62 -3.39 -2.23
N VAL A 37 7.05 -2.33 -1.69
CA VAL A 37 6.88 -2.20 -0.25
C VAL A 37 5.79 -3.14 0.27
N HIS A 38 4.58 -2.95 -0.23
CA HIS A 38 3.45 -3.79 0.18
C HIS A 38 3.78 -5.27 0.02
N LYS A 39 4.69 -5.58 -0.91
CA LYS A 39 5.10 -6.96 -1.16
C LYS A 39 5.68 -7.58 0.10
N ASP A 40 6.65 -6.90 0.70
CA ASP A 40 7.31 -7.39 1.90
C ASP A 40 6.48 -7.03 3.14
N LEU A 41 5.84 -5.87 3.11
CA LEU A 41 5.03 -5.41 4.22
C LEU A 41 3.90 -6.40 4.52
N THR A 42 3.60 -7.23 3.54
CA THR A 42 2.54 -8.23 3.69
C THR A 42 3.10 -9.65 3.60
N GLU A 43 4.42 -9.75 3.47
CA GLU A 43 5.07 -11.05 3.37
C GLU A 43 6.11 -11.22 4.48
N ARG A 44 7.23 -10.53 4.35
CA ARG A 44 8.30 -10.61 5.34
C ARG A 44 7.88 -9.91 6.64
N LEU A 45 7.37 -8.69 6.52
CA LEU A 45 6.93 -7.91 7.68
C LEU A 45 6.14 -8.79 8.64
N PRO A 46 5.04 -9.39 8.15
CA PRO A 46 4.18 -10.26 8.95
C PRO A 46 4.86 -11.57 9.30
N GLU A 47 5.71 -12.06 8.40
CA GLU A 47 6.42 -13.32 8.61
C GLU A 47 7.35 -13.21 9.82
N ILE A 48 8.05 -12.09 9.93
CA ILE A 48 8.97 -11.87 11.04
C ILE A 48 8.27 -11.17 12.20
N ASN A 49 7.21 -10.43 11.90
CA ASN A 49 6.46 -9.72 12.92
C ASN A 49 4.99 -9.59 12.52
N PRO A 50 4.15 -10.49 13.06
CA PRO A 50 2.71 -10.49 12.76
C PRO A 50 1.99 -9.30 13.38
N ASP A 51 2.37 -8.97 14.61
CA ASP A 51 1.75 -7.84 15.32
C ASP A 51 1.98 -6.53 14.57
N LEU A 52 3.24 -6.28 14.21
CA LEU A 52 3.60 -5.06 13.48
C LEU A 52 2.89 -5.02 12.12
N ALA A 53 2.72 -6.18 11.51
CA ALA A 53 2.07 -6.27 10.21
C ALA A 53 0.66 -5.67 10.26
N ASN A 54 0.09 -5.65 11.46
CA ASN A 54 -1.26 -5.09 11.65
C ASN A 54 -1.24 -3.57 11.53
N GLU A 55 -0.17 -2.96 12.01
CA GLU A 55 -0.03 -1.51 11.95
C GLU A 55 -0.27 -0.99 10.54
N VAL A 56 0.51 -1.49 9.59
CA VAL A 56 0.38 -1.08 8.20
C VAL A 56 -0.98 -1.48 7.63
N LYS A 57 -1.57 -2.53 8.19
CA LYS A 57 -2.87 -3.01 7.74
C LYS A 57 -3.98 -2.10 8.24
N GLU A 58 -3.77 -1.45 9.38
CA GLU A 58 -4.75 -0.55 9.95
C GLU A 58 -4.98 0.65 9.04
N ILE A 59 -3.89 1.34 8.69
CA ILE A 59 -3.98 2.51 7.82
C ILE A 59 -4.62 2.15 6.48
N LEU A 60 -4.38 0.92 6.02
CA LEU A 60 -4.94 0.46 4.76
C LEU A 60 -6.46 0.51 4.77
N ASP A 61 -7.05 0.02 5.86
CA ASP A 61 -8.50 0.02 6.00
C ASP A 61 -9.06 1.44 5.95
N TYR A 62 -8.22 2.41 6.33
CA TYR A 62 -8.64 3.81 6.33
C TYR A 62 -8.42 4.43 4.96
N HIS A 63 -7.48 3.87 4.19
CA HIS A 63 -7.19 4.38 2.86
C HIS A 63 -8.40 4.26 1.95
N LYS A 64 -9.30 3.34 2.28
CA LYS A 64 -10.51 3.12 1.49
C LYS A 64 -11.61 4.10 1.90
N SER A 65 -11.54 4.56 3.14
CA SER A 65 -12.54 5.51 3.64
C SER A 65 -12.47 6.83 2.88
N ILE A 66 -11.29 7.42 2.82
CA ILE A 66 -11.10 8.68 2.12
C ILE A 66 -10.86 8.45 0.63
N ARG A 67 -10.80 7.18 0.23
CA ARG A 67 -10.58 6.83 -1.17
C ARG A 67 -11.56 7.58 -2.07
N HIS A 68 -12.80 7.69 -1.63
CA HIS A 68 -13.83 8.38 -2.40
C HIS A 68 -13.35 9.78 -2.81
N LEU A 69 -12.57 10.41 -1.95
CA LEU A 69 -12.05 11.74 -2.23
C LEU A 69 -10.85 11.67 -3.19
N ARG A 70 -10.09 10.59 -3.08
CA ARG A 70 -8.91 10.40 -3.92
C ARG A 70 -9.33 10.02 -5.34
N GLY A 71 -10.51 9.42 -5.47
CA GLY A 71 -11.00 9.00 -6.77
C GLY A 71 -10.97 10.13 -7.78
N GLY A 72 -11.08 11.36 -7.30
CA GLY A 72 -11.06 12.51 -8.19
C GLY A 72 -9.87 12.50 -9.12
N GLU A 73 -8.77 11.91 -8.67
CA GLU A 73 -7.55 11.84 -9.46
C GLU A 73 -7.65 10.74 -10.52
N ALA A 74 -8.38 9.68 -10.19
CA ALA A 74 -8.56 8.56 -11.10
C ALA A 74 -9.42 8.96 -12.29
N THR A 75 -10.26 9.97 -12.10
CA THR A 75 -11.13 10.45 -13.16
C THR A 75 -10.34 10.88 -14.39
N LYS A 76 -9.33 11.71 -14.16
CA LYS A 76 -8.49 12.20 -15.26
C LYS A 76 -7.52 11.12 -15.72
N LEU A 77 -7.12 10.26 -14.79
CA LEU A 77 -6.19 9.17 -15.10
C LEU A 77 -6.70 8.33 -16.27
N LYS A 78 -8.03 8.29 -16.42
CA LYS A 78 -8.64 7.53 -17.50
C LYS A 78 -8.17 8.03 -18.86
N TYR A 79 -7.87 9.32 -18.93
CA TYR A 79 -7.41 9.93 -20.17
C TYR A 79 -5.97 9.55 -20.47
N LYS A 80 -5.20 9.30 -19.41
CA LYS A 80 -3.80 8.93 -19.55
C LYS A 80 -3.66 7.42 -19.70
N LYS A 81 -3.97 6.69 -18.63
CA LYS A 81 -3.88 5.23 -18.65
C LYS A 81 -5.22 4.60 -19.03
N ASP A 82 -5.28 3.28 -18.96
CA ASP A 82 -6.51 2.56 -19.30
C ASP A 82 -7.68 3.09 -18.49
N GLU A 83 -8.78 3.43 -19.17
CA GLU A 83 -9.97 3.94 -18.51
C GLU A 83 -10.72 2.82 -17.80
N ILE A 84 -11.47 3.18 -16.77
CA ILE A 84 -12.24 2.22 -16.01
C ILE A 84 -13.73 2.59 -15.98
N LEU A 85 -14.40 2.38 -17.10
CA LEU A 85 -15.83 2.69 -17.21
C LEU A 85 -16.55 1.62 -18.01
N GLU A 86 -17.39 0.86 -17.33
CA GLU A 86 -18.16 -0.20 -17.98
C GLU A 86 -17.25 -1.12 -18.79
N GLY A 87 -16.14 -1.53 -18.17
CA GLY A 87 -15.19 -2.41 -18.84
C GLY A 87 -15.31 -3.85 -18.39
N GLU A 88 -16.51 -4.24 -17.96
CA GLU A 88 -16.74 -5.60 -17.50
C GLU A 88 -17.81 -6.29 -18.35
N PRO A 89 -17.83 -7.62 -18.30
CA PRO A 89 -18.80 -8.43 -19.06
C PRO A 89 -20.22 -8.28 -18.53
N VAL A 90 -21.16 -8.97 -19.17
CA VAL A 90 -22.56 -8.92 -18.76
C VAL A 90 -22.73 -9.42 -17.33
N GLN A 91 -22.01 -10.48 -16.99
CA GLN A 91 -22.08 -11.06 -15.65
C GLN A 91 -21.02 -10.44 -14.73
N GLN A 92 -21.48 -9.69 -13.73
CA GLN A 92 -20.58 -9.06 -12.79
C GLN A 92 -20.93 -9.42 -11.35
N SER A 93 -21.36 -10.66 -11.16
CA SER A 93 -21.73 -11.14 -9.83
C SER A 93 -22.76 -10.22 -9.19
N MET A 1 18.50 -16.74 1.44
CA MET A 1 19.10 -15.73 2.30
C MET A 1 18.50 -14.36 2.02
N HIS A 2 17.52 -13.96 2.83
CA HIS A 2 16.87 -12.67 2.68
C HIS A 2 16.45 -12.10 4.03
N ASP A 3 17.31 -12.28 5.03
CA ASP A 3 17.04 -11.78 6.38
C ASP A 3 17.37 -10.29 6.48
N TYR A 4 18.56 -9.93 6.03
CA TYR A 4 19.00 -8.54 6.08
C TYR A 4 17.97 -7.62 5.41
N ILE A 5 17.24 -8.16 4.46
CA ILE A 5 16.22 -7.39 3.75
C ILE A 5 14.87 -7.47 4.46
N LYS A 6 14.66 -8.55 5.20
CA LYS A 6 13.42 -8.75 5.94
C LYS A 6 13.14 -7.59 6.87
N GLU A 7 14.21 -6.90 7.28
CA GLU A 7 14.09 -5.76 8.18
C GLU A 7 13.77 -4.48 7.40
N ARG A 8 14.15 -4.48 6.12
CA ARG A 8 13.91 -3.32 5.27
C ARG A 8 12.44 -2.93 5.27
N THR A 9 11.57 -3.92 5.43
CA THR A 9 10.13 -3.68 5.45
C THR A 9 9.67 -3.26 6.84
N ILE A 10 10.39 -3.72 7.86
CA ILE A 10 10.06 -3.38 9.24
C ILE A 10 9.88 -1.87 9.42
N LYS A 11 10.86 -1.12 8.91
CA LYS A 11 10.82 0.34 9.02
C LYS A 11 9.56 0.90 8.37
N ILE A 12 9.16 0.31 7.25
CA ILE A 12 7.96 0.74 6.54
C ILE A 12 6.70 0.43 7.35
N GLY A 13 6.51 -0.84 7.69
CA GLY A 13 5.35 -1.23 8.46
C GLY A 13 5.22 -0.47 9.76
N LYS A 14 6.36 -0.06 10.32
CA LYS A 14 6.38 0.69 11.57
C LYS A 14 6.20 2.18 11.32
N TYR A 15 6.56 2.62 10.11
CA TYR A 15 6.45 4.02 9.74
C TYR A 15 5.02 4.36 9.32
N ILE A 16 4.41 3.47 8.54
CA ILE A 16 3.05 3.66 8.07
C ILE A 16 2.11 4.00 9.22
N VAL A 17 2.37 3.40 10.38
CA VAL A 17 1.54 3.63 11.57
C VAL A 17 2.02 4.87 12.32
N GLU A 18 3.31 5.17 12.21
CA GLU A 18 3.87 6.33 12.88
C GLU A 18 3.32 7.63 12.31
N THR A 19 3.05 7.62 11.01
CA THR A 19 2.51 8.80 10.33
C THR A 19 1.07 8.57 9.90
N LYS A 20 0.66 7.30 9.82
CA LYS A 20 -0.69 6.95 9.42
C LYS A 20 -0.96 7.38 7.98
N LYS A 21 0.11 7.55 7.21
CA LYS A 21 -0.01 7.95 5.81
C LYS A 21 -0.23 6.74 4.91
N THR A 22 -0.29 6.97 3.60
CA THR A 22 -0.50 5.90 2.64
C THR A 22 0.83 5.39 2.09
N VAL A 23 0.81 4.17 1.56
CA VAL A 23 2.01 3.57 1.00
C VAL A 23 2.67 4.50 -0.01
N ARG A 24 1.87 5.36 -0.64
CA ARG A 24 2.38 6.29 -1.62
C ARG A 24 3.30 7.32 -0.97
N VAL A 25 2.95 7.73 0.24
CA VAL A 25 3.75 8.71 0.98
C VAL A 25 4.88 8.03 1.75
N ILE A 26 4.65 6.78 2.14
CA ILE A 26 5.64 6.01 2.88
C ILE A 26 6.73 5.46 1.95
N ALA A 27 6.34 5.18 0.71
CA ALA A 27 7.28 4.66 -0.27
C ALA A 27 8.26 5.74 -0.73
N LYS A 28 7.72 6.88 -1.16
CA LYS A 28 8.54 7.98 -1.63
C LYS A 28 9.61 8.33 -0.61
N GLU A 29 9.32 8.10 0.67
CA GLU A 29 10.26 8.38 1.75
C GLU A 29 11.45 7.44 1.68
N PHE A 30 11.19 6.18 1.34
CA PHE A 30 12.25 5.18 1.25
C PHE A 30 12.97 5.27 -0.09
N GLY A 31 12.28 5.82 -1.09
CA GLY A 31 12.87 5.96 -2.41
C GLY A 31 12.55 4.79 -3.32
N VAL A 32 11.30 4.31 -3.23
CA VAL A 32 10.86 3.19 -4.05
C VAL A 32 9.44 3.41 -4.56
N SER A 33 8.96 2.47 -5.36
CA SER A 33 7.60 2.57 -5.92
C SER A 33 6.60 1.82 -5.04
N LYS A 34 5.37 2.32 -5.00
CA LYS A 34 4.32 1.69 -4.21
C LYS A 34 4.19 0.22 -4.54
N SER A 35 4.24 -0.11 -5.82
CA SER A 35 4.13 -1.50 -6.27
C SER A 35 5.24 -2.35 -5.66
N THR A 36 6.36 -1.72 -5.36
CA THR A 36 7.50 -2.42 -4.78
C THR A 36 7.35 -2.57 -3.27
N VAL A 37 6.82 -1.52 -2.63
CA VAL A 37 6.62 -1.54 -1.18
C VAL A 37 5.50 -2.50 -0.80
N HIS A 38 4.30 -2.23 -1.31
CA HIS A 38 3.13 -3.06 -1.03
C HIS A 38 3.44 -4.53 -1.30
N LYS A 39 4.37 -4.77 -2.22
CA LYS A 39 4.75 -6.14 -2.57
C LYS A 39 5.33 -6.87 -1.37
N ASP A 40 6.22 -6.20 -0.64
CA ASP A 40 6.84 -6.78 0.54
C ASP A 40 5.98 -6.58 1.78
N LEU A 41 5.30 -5.43 1.83
CA LEU A 41 4.44 -5.10 2.96
C LEU A 41 3.30 -6.11 3.09
N THR A 42 3.06 -6.86 2.02
CA THR A 42 2.01 -7.88 2.01
C THR A 42 2.58 -9.27 1.83
N GLU A 43 3.91 -9.36 1.76
CA GLU A 43 4.58 -10.64 1.58
C GLU A 43 5.56 -10.89 2.73
N ARG A 44 6.69 -10.18 2.70
CA ARG A 44 7.71 -10.33 3.73
C ARG A 44 7.22 -9.78 5.06
N LEU A 45 6.71 -8.56 5.04
CA LEU A 45 6.21 -7.91 6.25
C LEU A 45 5.38 -8.88 7.08
N PRO A 46 4.32 -9.42 6.48
CA PRO A 46 3.43 -10.38 7.15
C PRO A 46 4.10 -11.72 7.39
N GLU A 47 5.02 -12.10 6.51
CA GLU A 47 5.74 -13.36 6.63
C GLU A 47 6.60 -13.37 7.89
N ILE A 48 7.29 -12.25 8.14
CA ILE A 48 8.15 -12.14 9.31
C ILE A 48 7.39 -11.58 10.50
N ASN A 49 6.32 -10.83 10.23
CA ASN A 49 5.51 -10.23 11.27
C ASN A 49 4.05 -10.10 10.82
N PRO A 50 3.20 -11.05 11.25
CA PRO A 50 1.78 -11.07 10.91
C PRO A 50 1.02 -9.94 11.60
N ASP A 51 1.35 -9.68 12.85
CA ASP A 51 0.70 -8.63 13.62
C ASP A 51 0.98 -7.26 13.02
N LEU A 52 2.26 -6.98 12.76
CA LEU A 52 2.66 -5.71 12.18
C LEU A 52 2.08 -5.53 10.78
N ALA A 53 1.81 -6.64 10.12
CA ALA A 53 1.24 -6.61 8.77
C ALA A 53 -0.17 -6.04 8.79
N ASN A 54 -0.84 -6.16 9.93
CA ASN A 54 -2.20 -5.66 10.08
C ASN A 54 -2.23 -4.13 10.03
N GLU A 55 -1.19 -3.51 10.60
CA GLU A 55 -1.09 -2.06 10.63
C GLU A 55 -1.29 -1.48 9.23
N VAL A 56 -0.45 -1.91 8.29
CA VAL A 56 -0.52 -1.42 6.91
C VAL A 56 -1.84 -1.84 6.26
N LYS A 57 -2.41 -2.94 6.74
CA LYS A 57 -3.67 -3.45 6.21
C LYS A 57 -4.84 -2.59 6.67
N GLU A 58 -4.70 -1.99 7.85
CA GLU A 58 -5.74 -1.15 8.41
C GLU A 58 -5.96 0.09 7.55
N ILE A 59 -4.89 0.82 7.29
CA ILE A 59 -4.96 2.03 6.48
C ILE A 59 -5.49 1.72 5.09
N LEU A 60 -5.23 0.51 4.62
CA LEU A 60 -5.69 0.09 3.29
C LEU A 60 -7.21 0.09 3.22
N ASP A 61 -7.84 -0.46 4.23
CA ASP A 61 -9.30 -0.53 4.29
C ASP A 61 -9.90 0.87 4.27
N TYR A 62 -9.14 1.85 4.74
CA TYR A 62 -9.60 3.23 4.78
C TYR A 62 -9.33 3.93 3.44
N HIS A 63 -8.32 3.46 2.73
CA HIS A 63 -7.95 4.05 1.45
C HIS A 63 -9.10 3.91 0.45
N LYS A 64 -9.97 2.92 0.67
CA LYS A 64 -11.10 2.68 -0.21
C LYS A 64 -12.27 3.58 0.17
N SER A 65 -12.33 3.98 1.44
CA SER A 65 -13.40 4.83 1.93
C SER A 65 -13.37 6.20 1.24
N ILE A 66 -12.21 6.85 1.29
CA ILE A 66 -12.05 8.16 0.68
C ILE A 66 -11.70 8.03 -0.81
N ARG A 67 -11.54 6.79 -1.26
CA ARG A 67 -11.22 6.53 -2.67
C ARG A 67 -12.17 7.27 -3.60
N HIS A 68 -13.45 7.30 -3.23
CA HIS A 68 -14.46 7.98 -4.02
C HIS A 68 -14.04 9.41 -4.34
N LEU A 69 -13.33 10.03 -3.40
CA LEU A 69 -12.87 11.39 -3.58
C LEU A 69 -11.57 11.43 -4.38
N ARG A 70 -10.78 10.36 -4.29
CA ARG A 70 -9.53 10.28 -5.00
C ARG A 70 -9.76 9.94 -6.48
N GLY A 71 -10.88 9.30 -6.75
CA GLY A 71 -11.21 8.94 -8.12
C GLY A 71 -11.11 10.12 -9.08
N GLY A 72 -11.42 11.31 -8.58
CA GLY A 72 -11.36 12.50 -9.40
C GLY A 72 -10.03 12.64 -10.11
N GLU A 73 -8.97 12.11 -9.50
CA GLU A 73 -7.63 12.19 -10.09
C GLU A 73 -7.40 11.05 -11.07
N ALA A 74 -7.78 9.84 -10.67
CA ALA A 74 -7.62 8.67 -11.53
C ALA A 74 -8.29 8.88 -12.88
N THR A 75 -9.30 9.74 -12.91
CA THR A 75 -10.02 10.03 -14.15
C THR A 75 -9.12 10.75 -15.16
N LYS A 76 -8.53 11.85 -14.72
CA LYS A 76 -7.64 12.63 -15.59
C LYS A 76 -6.30 11.93 -15.76
N LEU A 77 -5.88 11.18 -14.74
CA LEU A 77 -4.62 10.46 -14.78
C LEU A 77 -4.55 9.57 -16.01
N LYS A 78 -5.70 9.11 -16.48
CA LYS A 78 -5.77 8.25 -17.66
C LYS A 78 -5.22 8.96 -18.88
N TYR A 79 -5.36 10.29 -18.92
CA TYR A 79 -4.87 11.07 -20.04
C TYR A 79 -3.36 11.25 -19.96
N LYS A 80 -2.82 11.17 -18.76
CA LYS A 80 -1.37 11.31 -18.55
C LYS A 80 -0.69 9.96 -18.63
N LYS A 81 -0.95 9.10 -17.66
CA LYS A 81 -0.35 7.77 -17.63
C LYS A 81 -1.42 6.69 -17.53
N ASP A 82 -1.00 5.43 -17.61
CA ASP A 82 -1.92 4.31 -17.53
C ASP A 82 -2.19 3.93 -16.08
N GLU A 83 -3.47 3.82 -15.73
CA GLU A 83 -3.86 3.46 -14.36
C GLU A 83 -4.03 1.95 -14.23
N ILE A 84 -4.21 1.49 -12.99
CA ILE A 84 -4.39 0.07 -12.72
C ILE A 84 -5.73 -0.20 -12.05
N LEU A 85 -6.80 -0.19 -12.84
CA LEU A 85 -8.14 -0.44 -12.31
C LEU A 85 -8.35 -1.92 -12.04
N GLU A 86 -9.36 -2.23 -11.23
CA GLU A 86 -9.67 -3.61 -10.90
C GLU A 86 -10.75 -4.17 -11.83
N GLY A 87 -10.50 -5.35 -12.38
CA GLY A 87 -11.45 -5.97 -13.28
C GLY A 87 -12.15 -7.16 -12.65
N GLU A 88 -12.53 -7.02 -11.39
CA GLU A 88 -13.20 -8.09 -10.67
C GLU A 88 -14.67 -7.72 -10.41
N PRO A 89 -15.49 -8.75 -10.14
CA PRO A 89 -16.92 -8.57 -9.88
C PRO A 89 -17.18 -7.87 -8.54
N VAL A 90 -18.45 -7.76 -8.17
CA VAL A 90 -18.83 -7.12 -6.92
C VAL A 90 -19.92 -7.91 -6.20
N GLN A 91 -19.83 -7.97 -4.88
CA GLN A 91 -20.80 -8.69 -4.09
C GLN A 91 -21.47 -7.77 -3.06
N GLN A 92 -22.69 -8.11 -2.67
CA GLN A 92 -23.43 -7.31 -1.69
C GLN A 92 -23.29 -7.89 -0.30
N SER A 93 -24.02 -8.98 -0.05
CA SER A 93 -23.98 -9.64 1.25
C SER A 93 -24.28 -8.65 2.38
N MET A 1 15.10 -12.89 -0.80
CA MET A 1 14.76 -13.50 0.48
C MET A 1 15.97 -13.53 1.41
N HIS A 2 16.71 -12.43 1.43
CA HIS A 2 17.90 -12.34 2.27
C HIS A 2 17.51 -11.96 3.70
N ASP A 3 18.51 -11.83 4.56
CA ASP A 3 18.28 -11.48 5.96
C ASP A 3 18.05 -9.98 6.12
N TYR A 4 19.04 -9.19 5.72
CA TYR A 4 18.94 -7.74 5.83
C TYR A 4 17.66 -7.23 5.17
N ILE A 5 17.28 -7.87 4.07
CA ILE A 5 16.07 -7.49 3.35
C ILE A 5 14.86 -7.50 4.26
N LYS A 6 14.91 -8.33 5.31
CA LYS A 6 13.81 -8.43 6.26
C LYS A 6 13.78 -7.21 7.18
N GLU A 7 14.94 -6.59 7.38
CA GLU A 7 15.04 -5.42 8.24
C GLU A 7 14.66 -4.15 7.47
N ARG A 8 14.79 -4.19 6.15
CA ARG A 8 14.46 -3.04 5.31
C ARG A 8 12.98 -2.69 5.43
N THR A 9 12.15 -3.71 5.65
CA THR A 9 10.71 -3.51 5.79
C THR A 9 10.35 -3.07 7.20
N ILE A 10 11.17 -3.45 8.16
CA ILE A 10 10.94 -3.10 9.56
C ILE A 10 10.71 -1.60 9.70
N LYS A 11 11.59 -0.81 9.10
CA LYS A 11 11.48 0.65 9.16
C LYS A 11 10.16 1.12 8.57
N ILE A 12 9.77 0.52 7.44
CA ILE A 12 8.52 0.88 6.78
C ILE A 12 7.31 0.53 7.65
N GLY A 13 7.20 -0.74 8.02
CA GLY A 13 6.10 -1.17 8.85
C GLY A 13 5.97 -0.37 10.12
N LYS A 14 7.10 0.10 10.64
CA LYS A 14 7.12 0.89 11.87
C LYS A 14 6.88 2.36 11.56
N TYR A 15 7.19 2.77 10.34
CA TYR A 15 7.00 4.15 9.92
C TYR A 15 5.54 4.43 9.57
N ILE A 16 4.93 3.49 8.85
CA ILE A 16 3.54 3.63 8.44
C ILE A 16 2.64 3.96 9.64
N VAL A 17 2.98 3.41 10.79
CA VAL A 17 2.22 3.64 12.01
C VAL A 17 2.67 4.91 12.71
N GLU A 18 3.95 5.27 12.52
CA GLU A 18 4.51 6.46 13.13
C GLU A 18 3.87 7.72 12.55
N THR A 19 3.54 7.67 11.27
CA THR A 19 2.92 8.81 10.59
C THR A 19 1.47 8.52 10.24
N LYS A 20 1.12 7.24 10.22
CA LYS A 20 -0.25 6.82 9.91
C LYS A 20 -0.59 7.17 8.46
N LYS A 21 0.43 7.36 7.64
CA LYS A 21 0.22 7.70 6.24
C LYS A 21 0.07 6.43 5.39
N THR A 22 -0.04 6.61 4.08
CA THR A 22 -0.20 5.49 3.17
C THR A 22 1.14 5.03 2.62
N VAL A 23 1.16 3.84 2.04
CA VAL A 23 2.39 3.28 1.47
C VAL A 23 3.02 4.24 0.47
N ARG A 24 2.19 5.08 -0.15
CA ARG A 24 2.66 6.04 -1.13
C ARG A 24 3.54 7.10 -0.46
N VAL A 25 3.31 7.33 0.83
CA VAL A 25 4.10 8.31 1.58
C VAL A 25 5.39 7.70 2.09
N ILE A 26 5.38 6.40 2.34
CA ILE A 26 6.56 5.69 2.84
C ILE A 26 7.49 5.32 1.69
N ALA A 27 6.90 5.04 0.52
CA ALA A 27 7.68 4.66 -0.65
C ALA A 27 8.50 5.84 -1.17
N LYS A 28 7.85 7.00 -1.24
CA LYS A 28 8.52 8.21 -1.72
C LYS A 28 9.67 8.60 -0.80
N GLU A 29 9.54 8.28 0.48
CA GLU A 29 10.58 8.60 1.46
C GLU A 29 11.79 7.69 1.28
N PHE A 30 11.54 6.42 1.00
CA PHE A 30 12.61 5.45 0.80
C PHE A 30 13.22 5.59 -0.59
N GLY A 31 12.44 6.13 -1.52
CA GLY A 31 12.92 6.31 -2.88
C GLY A 31 12.45 5.20 -3.81
N VAL A 32 11.41 4.49 -3.39
CA VAL A 32 10.88 3.39 -4.19
C VAL A 32 9.38 3.55 -4.42
N SER A 33 8.80 2.65 -5.21
CA SER A 33 7.38 2.70 -5.50
C SER A 33 6.58 1.90 -4.48
N LYS A 34 5.27 1.83 -4.68
CA LYS A 34 4.39 1.09 -3.78
C LYS A 34 4.35 -0.39 -4.13
N SER A 35 4.39 -0.69 -5.42
CA SER A 35 4.36 -2.06 -5.89
C SER A 35 5.51 -2.86 -5.30
N THR A 36 6.61 -2.17 -4.99
CA THR A 36 7.78 -2.81 -4.41
C THR A 36 7.68 -2.90 -2.90
N VAL A 37 7.18 -1.83 -2.29
CA VAL A 37 7.02 -1.79 -0.83
C VAL A 37 5.93 -2.74 -0.37
N HIS A 38 4.71 -2.52 -0.85
CA HIS A 38 3.58 -3.37 -0.48
C HIS A 38 3.91 -4.84 -0.68
N LYS A 39 4.81 -5.11 -1.63
CA LYS A 39 5.22 -6.48 -1.92
C LYS A 39 5.86 -7.13 -0.71
N ASP A 40 6.73 -6.40 -0.04
CA ASP A 40 7.42 -6.90 1.14
C ASP A 40 6.57 -6.67 2.39
N LEU A 41 5.85 -5.55 2.42
CA LEU A 41 5.01 -5.22 3.56
C LEU A 41 3.92 -6.27 3.77
N THR A 42 3.68 -7.07 2.73
CA THR A 42 2.68 -8.13 2.80
C THR A 42 3.30 -9.51 2.66
N GLU A 43 4.63 -9.53 2.56
CA GLU A 43 5.35 -10.80 2.42
C GLU A 43 6.37 -10.98 3.55
N ARG A 44 7.46 -10.23 3.47
CA ARG A 44 8.51 -10.29 4.48
C ARG A 44 8.03 -9.70 5.80
N LEU A 45 7.46 -8.50 5.73
CA LEU A 45 6.96 -7.83 6.92
C LEU A 45 6.20 -8.79 7.81
N PRO A 46 5.13 -9.40 7.25
CA PRO A 46 4.29 -10.36 7.98
C PRO A 46 5.03 -11.67 8.27
N GLU A 47 5.94 -12.04 7.38
CA GLU A 47 6.71 -13.27 7.54
C GLU A 47 7.61 -13.20 8.76
N ILE A 48 8.25 -12.05 8.96
CA ILE A 48 9.13 -11.85 10.10
C ILE A 48 8.37 -11.28 11.30
N ASN A 49 7.27 -10.58 11.01
CA ASN A 49 6.47 -9.98 12.06
C ASN A 49 5.00 -9.92 11.65
N PRO A 50 4.20 -10.89 12.13
CA PRO A 50 2.77 -10.97 11.82
C PRO A 50 1.97 -9.85 12.48
N ASP A 51 2.36 -9.49 13.70
CA ASP A 51 1.68 -8.44 14.43
C ASP A 51 1.90 -7.09 13.78
N LEU A 52 3.15 -6.77 13.47
CA LEU A 52 3.51 -5.51 12.83
C LEU A 52 2.87 -5.41 11.45
N ALA A 53 2.62 -6.56 10.83
CA ALA A 53 2.01 -6.60 9.51
C ALA A 53 0.58 -6.08 9.55
N ASN A 54 -0.06 -6.20 10.70
CA ASN A 54 -1.43 -5.73 10.87
C ASN A 54 -1.52 -4.21 10.79
N GLU A 55 -0.49 -3.54 11.30
CA GLU A 55 -0.44 -2.09 11.29
C GLU A 55 -0.68 -1.55 9.88
N VAL A 56 0.16 -1.98 8.94
CA VAL A 56 0.04 -1.54 7.55
C VAL A 56 -1.28 -2.01 6.94
N LYS A 57 -1.81 -3.11 7.46
CA LYS A 57 -3.07 -3.66 6.97
C LYS A 57 -4.26 -2.84 7.46
N GLU A 58 -4.10 -2.21 8.62
CA GLU A 58 -5.16 -1.40 9.20
C GLU A 58 -5.43 -0.17 8.31
N ILE A 59 -4.39 0.59 8.03
CA ILE A 59 -4.51 1.79 7.21
C ILE A 59 -5.10 1.45 5.83
N LEU A 60 -4.81 0.24 5.36
CA LEU A 60 -5.30 -0.21 4.06
C LEU A 60 -6.82 -0.25 4.04
N ASP A 61 -7.42 -0.84 5.08
CA ASP A 61 -8.87 -0.93 5.18
C ASP A 61 -9.51 0.46 5.15
N TYR A 62 -8.74 1.45 5.58
CA TYR A 62 -9.24 2.83 5.61
C TYR A 62 -9.02 3.51 4.25
N HIS A 63 -7.98 3.09 3.55
CA HIS A 63 -7.67 3.66 2.25
C HIS A 63 -8.75 3.31 1.22
N LYS A 64 -9.46 2.22 1.46
CA LYS A 64 -10.53 1.78 0.57
C LYS A 64 -11.83 2.51 0.89
N SER A 65 -11.98 2.93 2.14
CA SER A 65 -13.18 3.64 2.57
C SER A 65 -13.33 4.96 1.83
N ILE A 66 -12.29 5.78 1.89
CA ILE A 66 -12.30 7.08 1.22
C ILE A 66 -11.91 6.95 -0.24
N ARG A 67 -11.55 5.74 -0.65
CA ARG A 67 -11.15 5.48 -2.02
C ARG A 67 -12.17 6.04 -3.00
N HIS A 68 -13.45 5.90 -2.67
CA HIS A 68 -14.53 6.39 -3.52
C HIS A 68 -14.31 7.85 -3.87
N LEU A 69 -13.73 8.60 -2.94
CA LEU A 69 -13.47 10.02 -3.16
C LEU A 69 -12.18 10.22 -3.97
N ARG A 70 -11.25 9.28 -3.81
CA ARG A 70 -9.98 9.36 -4.52
C ARG A 70 -10.14 8.93 -5.98
N GLY A 71 -11.16 8.12 -6.24
CA GLY A 71 -11.41 7.65 -7.59
C GLY A 71 -11.48 8.78 -8.59
N GLY A 72 -11.89 9.96 -8.13
CA GLY A 72 -11.99 11.12 -9.00
C GLY A 72 -10.71 11.36 -9.79
N GLU A 73 -9.58 10.98 -9.21
CA GLU A 73 -8.29 11.16 -9.86
C GLU A 73 -7.99 10.01 -10.82
N ALA A 74 -8.22 8.78 -10.35
CA ALA A 74 -7.98 7.60 -11.16
C ALA A 74 -8.73 7.67 -12.49
N THR A 75 -9.82 8.43 -12.50
CA THR A 75 -10.62 8.59 -13.71
C THR A 75 -9.85 9.34 -14.79
N LYS A 76 -9.35 10.52 -14.44
CA LYS A 76 -8.60 11.33 -15.38
C LYS A 76 -7.20 10.75 -15.59
N LEU A 77 -6.66 10.11 -14.57
CA LEU A 77 -5.34 9.51 -14.65
C LEU A 77 -5.23 8.56 -15.83
N LYS A 78 -6.36 7.98 -16.21
CA LYS A 78 -6.40 7.05 -17.34
C LYS A 78 -5.98 7.74 -18.63
N TYR A 79 -6.25 9.05 -18.72
CA TYR A 79 -5.91 9.83 -19.89
C TYR A 79 -4.41 10.11 -19.93
N LYS A 80 -3.78 10.13 -18.76
CA LYS A 80 -2.35 10.38 -18.66
C LYS A 80 -1.56 9.09 -18.73
N LYS A 81 -1.77 8.21 -17.77
CA LYS A 81 -1.08 6.93 -17.73
C LYS A 81 -2.08 5.78 -17.65
N ASP A 82 -1.55 4.55 -17.70
CA ASP A 82 -2.40 3.36 -17.63
C ASP A 82 -2.62 2.93 -16.19
N GLU A 83 -3.88 2.84 -15.79
CA GLU A 83 -4.23 2.43 -14.43
C GLU A 83 -4.41 0.92 -14.34
N ILE A 84 -4.33 0.40 -13.13
CA ILE A 84 -4.48 -1.04 -12.90
C ILE A 84 -5.58 -1.32 -11.88
N LEU A 85 -6.83 -1.22 -12.31
CA LEU A 85 -7.97 -1.47 -11.43
C LEU A 85 -9.04 -2.30 -12.15
N GLU A 86 -10.12 -2.58 -11.44
CA GLU A 86 -11.22 -3.36 -12.00
C GLU A 86 -11.87 -2.62 -13.16
N GLY A 87 -11.93 -3.28 -14.32
CA GLY A 87 -12.53 -2.68 -15.49
C GLY A 87 -13.92 -3.22 -15.78
N GLU A 88 -14.22 -4.39 -15.24
CA GLU A 88 -15.51 -5.02 -15.44
C GLU A 88 -16.64 -4.05 -15.12
N PRO A 89 -17.82 -4.31 -15.71
CA PRO A 89 -19.01 -3.47 -15.50
C PRO A 89 -19.57 -3.60 -14.09
N VAL A 90 -20.74 -3.01 -13.87
CA VAL A 90 -21.38 -3.05 -12.56
C VAL A 90 -22.89 -3.27 -12.70
N GLN A 91 -23.42 -4.20 -11.92
CA GLN A 91 -24.84 -4.50 -11.94
C GLN A 91 -25.42 -4.56 -10.54
N GLN A 92 -26.56 -3.91 -10.34
CA GLN A 92 -27.21 -3.89 -9.03
C GLN A 92 -28.64 -3.36 -9.14
N SER A 93 -29.61 -4.28 -9.12
CA SER A 93 -31.01 -3.90 -9.23
C SER A 93 -31.26 -3.04 -10.46
N MET A 1 18.91 -16.03 -0.54
CA MET A 1 18.24 -15.93 0.75
C MET A 1 17.63 -14.55 0.96
N HIS A 2 16.45 -14.51 1.57
CA HIS A 2 15.77 -13.24 1.82
C HIS A 2 15.81 -12.90 3.31
N ASP A 3 16.95 -13.17 3.94
CA ASP A 3 17.12 -12.89 5.36
C ASP A 3 17.46 -11.42 5.58
N TYR A 4 18.18 -10.83 4.63
CA TYR A 4 18.58 -9.44 4.73
C TYR A 4 17.45 -8.51 4.26
N ILE A 5 16.91 -8.80 3.09
CA ILE A 5 15.82 -8.01 2.53
C ILE A 5 14.65 -7.94 3.50
N LYS A 6 14.53 -8.94 4.35
CA LYS A 6 13.45 -8.99 5.33
C LYS A 6 13.44 -7.74 6.20
N GLU A 7 14.61 -7.11 6.33
CA GLU A 7 14.73 -5.90 7.13
C GLU A 7 14.32 -4.67 6.33
N ARG A 8 14.41 -4.78 5.01
CA ARG A 8 14.05 -3.67 4.12
C ARG A 8 12.61 -3.23 4.37
N THR A 9 11.76 -4.17 4.73
CA THR A 9 10.36 -3.87 4.99
C THR A 9 10.16 -3.35 6.41
N ILE A 10 11.05 -3.77 7.32
CA ILE A 10 10.96 -3.33 8.71
C ILE A 10 10.84 -1.81 8.81
N LYS A 11 11.68 -1.10 8.06
CA LYS A 11 11.67 0.35 8.05
C LYS A 11 10.30 0.88 7.63
N ILE A 12 9.72 0.25 6.62
CA ILE A 12 8.41 0.66 6.11
C ILE A 12 7.32 0.40 7.15
N GLY A 13 7.20 -0.84 7.60
CA GLY A 13 6.20 -1.19 8.58
C GLY A 13 6.31 -0.34 9.83
N LYS A 14 7.53 0.06 10.16
CA LYS A 14 7.76 0.88 11.35
C LYS A 14 7.55 2.37 11.03
N TYR A 15 7.70 2.72 9.76
CA TYR A 15 7.53 4.11 9.34
C TYR A 15 6.05 4.44 9.17
N ILE A 16 5.31 3.51 8.58
CA ILE A 16 3.88 3.71 8.36
C ILE A 16 3.16 4.07 9.66
N VAL A 17 3.65 3.51 10.76
CA VAL A 17 3.05 3.78 12.07
C VAL A 17 3.64 5.03 12.70
N GLU A 18 4.89 5.34 12.35
CA GLU A 18 5.57 6.51 12.87
C GLU A 18 5.03 7.78 12.24
N THR A 19 4.52 7.65 11.02
CA THR A 19 3.97 8.80 10.28
C THR A 19 2.47 8.66 10.10
N LYS A 20 1.97 7.44 10.27
CA LYS A 20 0.55 7.17 10.12
C LYS A 20 0.05 7.59 8.74
N LYS A 21 0.96 7.60 7.77
CA LYS A 21 0.61 7.98 6.40
C LYS A 21 0.18 6.77 5.59
N THR A 22 -0.08 6.99 4.30
CA THR A 22 -0.51 5.91 3.42
C THR A 22 0.67 5.30 2.69
N VAL A 23 0.50 4.06 2.22
CA VAL A 23 1.57 3.37 1.49
C VAL A 23 2.10 4.22 0.35
N ARG A 24 1.25 5.08 -0.20
CA ARG A 24 1.64 5.94 -1.29
C ARG A 24 2.66 6.98 -0.84
N VAL A 25 2.50 7.44 0.40
CA VAL A 25 3.42 8.44 0.96
C VAL A 25 4.65 7.78 1.58
N ILE A 26 4.47 6.54 2.04
CA ILE A 26 5.56 5.79 2.66
C ILE A 26 6.45 5.17 1.60
N ALA A 27 5.87 4.82 0.46
CA ALA A 27 6.62 4.20 -0.63
C ALA A 27 7.52 5.23 -1.31
N LYS A 28 6.94 6.36 -1.70
CA LYS A 28 7.68 7.41 -2.37
C LYS A 28 8.93 7.78 -1.57
N GLU A 29 8.85 7.63 -0.26
CA GLU A 29 9.98 7.95 0.61
C GLU A 29 11.13 6.97 0.40
N PHE A 30 10.79 5.71 0.17
CA PHE A 30 11.79 4.67 -0.05
C PHE A 30 12.25 4.67 -1.51
N GLY A 31 11.40 5.18 -2.39
CA GLY A 31 11.73 5.23 -3.80
C GLY A 31 11.21 4.02 -4.57
N VAL A 32 10.03 3.56 -4.20
CA VAL A 32 9.41 2.41 -4.84
C VAL A 32 7.93 2.63 -5.07
N SER A 33 7.31 1.73 -5.84
CA SER A 33 5.89 1.83 -6.14
C SER A 33 5.06 1.10 -5.09
N LYS A 34 3.82 1.55 -4.90
CA LYS A 34 2.93 0.92 -3.93
C LYS A 34 2.83 -0.58 -4.15
N SER A 35 2.85 -0.99 -5.42
CA SER A 35 2.76 -2.40 -5.76
C SER A 35 3.98 -3.16 -5.23
N THR A 36 5.12 -2.49 -5.19
CA THR A 36 6.35 -3.10 -4.70
C THR A 36 6.37 -3.15 -3.18
N VAL A 37 5.84 -2.10 -2.55
CA VAL A 37 5.80 -2.02 -1.09
C VAL A 37 4.78 -2.99 -0.52
N HIS A 38 3.52 -2.81 -0.91
CA HIS A 38 2.45 -3.67 -0.42
C HIS A 38 2.78 -5.15 -0.65
N LYS A 39 3.60 -5.41 -1.67
CA LYS A 39 4.00 -6.77 -1.99
C LYS A 39 4.70 -7.42 -0.80
N ASP A 40 5.71 -6.75 -0.26
CA ASP A 40 6.45 -7.27 0.87
C ASP A 40 5.74 -6.94 2.19
N LEU A 41 5.10 -5.79 2.23
CA LEU A 41 4.37 -5.36 3.42
C LEU A 41 3.28 -6.36 3.78
N THR A 42 2.90 -7.18 2.81
CA THR A 42 1.85 -8.18 3.02
C THR A 42 2.41 -9.59 2.85
N GLU A 43 3.71 -9.69 2.61
CA GLU A 43 4.36 -10.98 2.42
C GLU A 43 5.48 -11.17 3.44
N ARG A 44 6.59 -10.47 3.24
CA ARG A 44 7.73 -10.57 4.14
C ARG A 44 7.43 -9.91 5.48
N LEU A 45 6.90 -8.70 5.43
CA LEU A 45 6.56 -7.96 6.63
C LEU A 45 5.85 -8.85 7.65
N PRO A 46 4.72 -9.44 7.22
CA PRO A 46 3.93 -10.33 8.07
C PRO A 46 4.64 -11.67 8.34
N GLU A 47 5.41 -12.12 7.36
CA GLU A 47 6.14 -13.38 7.48
C GLU A 47 7.16 -13.30 8.61
N ILE A 48 7.87 -12.19 8.69
CA ILE A 48 8.88 -11.99 9.73
C ILE A 48 8.27 -11.33 10.96
N ASN A 49 7.20 -10.59 10.76
CA ASN A 49 6.52 -9.90 11.86
C ASN A 49 5.02 -9.76 11.58
N PRO A 50 4.23 -10.67 12.16
CA PRO A 50 2.77 -10.67 11.99
C PRO A 50 2.11 -9.49 12.69
N ASP A 51 2.61 -9.15 13.88
CA ASP A 51 2.06 -8.05 14.65
C ASP A 51 2.24 -6.73 13.91
N LEU A 52 3.46 -6.47 13.45
CA LEU A 52 3.76 -5.24 12.72
C LEU A 52 2.96 -5.16 11.43
N ALA A 53 2.68 -6.32 10.84
CA ALA A 53 1.91 -6.39 9.61
C ALA A 53 0.52 -5.79 9.79
N ASN A 54 0.03 -5.80 11.02
CA ASN A 54 -1.28 -5.26 11.34
C ASN A 54 -1.28 -3.74 11.27
N GLU A 55 -0.17 -3.14 11.68
CA GLU A 55 -0.03 -1.69 11.67
C GLU A 55 -0.38 -1.12 10.29
N VAL A 56 0.33 -1.59 9.27
CA VAL A 56 0.10 -1.13 7.91
C VAL A 56 -1.30 -1.50 7.43
N LYS A 57 -1.86 -2.57 8.00
CA LYS A 57 -3.19 -3.02 7.64
C LYS A 57 -4.26 -2.13 8.26
N GLU A 58 -3.93 -1.54 9.41
CA GLU A 58 -4.87 -0.66 10.09
C GLU A 58 -5.16 0.59 9.26
N ILE A 59 -4.09 1.28 8.86
CA ILE A 59 -4.23 2.50 8.06
C ILE A 59 -4.98 2.22 6.76
N LEU A 60 -4.83 1.01 6.25
CA LEU A 60 -5.49 0.61 5.01
C LEU A 60 -7.01 0.67 5.16
N ASP A 61 -7.52 0.14 6.26
CA ASP A 61 -8.96 0.14 6.54
C ASP A 61 -9.50 1.56 6.59
N TYR A 62 -8.62 2.51 6.93
CA TYR A 62 -9.01 3.91 7.02
C TYR A 62 -8.91 4.59 5.67
N HIS A 63 -8.02 4.07 4.82
CA HIS A 63 -7.82 4.63 3.48
C HIS A 63 -9.03 4.35 2.59
N LYS A 64 -9.79 3.32 2.92
CA LYS A 64 -10.97 2.95 2.15
C LYS A 64 -12.18 3.76 2.59
N SER A 65 -12.16 4.21 3.84
CA SER A 65 -13.26 5.00 4.39
C SER A 65 -13.40 6.33 3.65
N ILE A 66 -12.30 7.07 3.58
CA ILE A 66 -12.30 8.36 2.90
C ILE A 66 -12.08 8.19 1.40
N ARG A 67 -11.84 6.95 0.98
CA ARG A 67 -11.61 6.65 -0.42
C ARG A 67 -12.69 7.28 -1.30
N HIS A 68 -13.94 7.22 -0.83
CA HIS A 68 -15.06 7.77 -1.57
C HIS A 68 -14.78 9.21 -1.97
N LEU A 69 -14.07 9.94 -1.12
CA LEU A 69 -13.73 11.33 -1.38
C LEU A 69 -12.55 11.43 -2.33
N ARG A 70 -11.66 10.45 -2.27
CA ARG A 70 -10.48 10.43 -3.12
C ARG A 70 -10.84 9.99 -4.55
N GLY A 71 -11.93 9.24 -4.67
CA GLY A 71 -12.37 8.78 -5.97
C GLY A 71 -12.48 9.91 -6.98
N GLY A 72 -12.76 11.11 -6.49
CA GLY A 72 -12.89 12.25 -7.37
C GLY A 72 -11.70 12.41 -8.30
N GLU A 73 -10.54 11.97 -7.85
CA GLU A 73 -9.32 12.07 -8.64
C GLU A 73 -9.20 10.88 -9.60
N ALA A 74 -9.44 9.69 -9.08
CA ALA A 74 -9.36 8.47 -9.88
C ALA A 74 -10.24 8.57 -11.12
N THR A 75 -11.29 9.39 -11.02
CA THR A 75 -12.21 9.57 -12.14
C THR A 75 -11.52 10.22 -13.33
N LYS A 76 -10.88 11.37 -13.10
CA LYS A 76 -10.18 12.09 -14.14
C LYS A 76 -8.87 11.39 -14.49
N LEU A 77 -8.28 10.74 -13.51
CA LEU A 77 -7.01 10.03 -13.71
C LEU A 77 -7.13 9.05 -14.87
N LYS A 78 -8.33 8.54 -15.11
CA LYS A 78 -8.58 7.60 -16.19
C LYS A 78 -8.26 8.22 -17.54
N TYR A 79 -8.44 9.54 -17.63
CA TYR A 79 -8.16 10.25 -18.88
C TYR A 79 -6.67 10.43 -19.08
N LYS A 80 -5.92 10.45 -17.98
CA LYS A 80 -4.47 10.62 -18.04
C LYS A 80 -3.77 9.27 -18.14
N LYS A 81 -3.85 8.49 -17.06
CA LYS A 81 -3.23 7.17 -17.02
C LYS A 81 -4.09 6.19 -16.22
N ASP A 82 -4.06 4.92 -16.64
CA ASP A 82 -4.84 3.88 -15.96
C ASP A 82 -3.92 2.98 -15.14
N GLU A 83 -4.50 2.33 -14.13
CA GLU A 83 -3.73 1.43 -13.27
C GLU A 83 -3.80 0.00 -13.78
N ILE A 84 -3.02 -0.88 -13.16
CA ILE A 84 -2.98 -2.28 -13.55
C ILE A 84 -2.95 -3.19 -12.33
N LEU A 85 -4.10 -3.36 -11.69
CA LEU A 85 -4.21 -4.20 -10.50
C LEU A 85 -5.26 -5.30 -10.70
N GLU A 86 -5.19 -6.33 -9.87
CA GLU A 86 -6.15 -7.43 -9.96
C GLU A 86 -7.41 -7.13 -9.15
N GLY A 87 -8.53 -7.04 -9.85
CA GLY A 87 -9.80 -6.75 -9.19
C GLY A 87 -10.55 -5.61 -9.84
N GLU A 88 -10.95 -5.80 -11.09
CA GLU A 88 -11.67 -4.78 -11.83
C GLU A 88 -13.14 -4.76 -11.43
N PRO A 89 -13.83 -3.64 -11.72
CA PRO A 89 -15.24 -3.46 -11.40
C PRO A 89 -16.14 -4.34 -12.25
N VAL A 90 -17.45 -4.12 -12.15
CA VAL A 90 -18.42 -4.89 -12.92
C VAL A 90 -19.23 -3.98 -13.85
N GLN A 91 -19.38 -4.40 -15.09
CA GLN A 91 -20.14 -3.63 -16.07
C GLN A 91 -21.52 -4.22 -16.29
N GLN A 92 -22.53 -3.36 -16.41
CA GLN A 92 -23.90 -3.80 -16.61
C GLN A 92 -24.06 -4.49 -17.96
N SER A 93 -25.17 -5.20 -18.13
CA SER A 93 -25.43 -5.91 -19.37
C SER A 93 -26.25 -5.05 -20.33
N MET A 1 21.68 -8.26 2.36
CA MET A 1 20.60 -9.09 1.86
C MET A 1 20.27 -10.21 2.85
N HIS A 2 19.01 -10.64 2.86
CA HIS A 2 18.57 -11.70 3.75
C HIS A 2 18.52 -11.20 5.19
N ASP A 3 19.69 -10.95 5.78
CA ASP A 3 19.77 -10.47 7.15
C ASP A 3 19.52 -8.97 7.22
N TYR A 4 20.05 -8.25 6.25
CA TYR A 4 19.88 -6.80 6.21
C TYR A 4 18.54 -6.43 5.58
N ILE A 5 18.12 -7.21 4.59
CA ILE A 5 16.86 -6.97 3.90
C ILE A 5 15.68 -7.03 4.87
N LYS A 6 15.86 -7.80 5.95
CA LYS A 6 14.82 -7.94 6.96
C LYS A 6 14.72 -6.69 7.84
N GLU A 7 15.82 -5.96 7.94
CA GLU A 7 15.86 -4.75 8.74
C GLU A 7 15.33 -3.56 7.94
N ARG A 8 15.42 -3.65 6.63
CA ARG A 8 14.96 -2.58 5.75
C ARG A 8 13.46 -2.35 5.91
N THR A 9 12.73 -3.43 6.21
CA THR A 9 11.29 -3.35 6.39
C THR A 9 10.94 -2.87 7.80
N ILE A 10 11.84 -3.13 8.75
CA ILE A 10 11.62 -2.73 10.14
C ILE A 10 11.26 -1.25 10.23
N LYS A 11 12.03 -0.42 9.53
CA LYS A 11 11.80 1.02 9.53
C LYS A 11 10.41 1.35 8.98
N ILE A 12 10.02 0.66 7.92
CA ILE A 12 8.73 0.87 7.29
C ILE A 12 7.59 0.45 8.23
N GLY A 13 7.62 -0.80 8.65
CA GLY A 13 6.60 -1.31 9.55
C GLY A 13 6.46 -0.47 10.79
N LYS A 14 7.55 0.11 11.25
CA LYS A 14 7.56 0.95 12.44
C LYS A 14 7.16 2.39 12.10
N TYR A 15 7.38 2.78 10.84
CA TYR A 15 7.06 4.12 10.38
C TYR A 15 5.57 4.25 10.07
N ILE A 16 5.01 3.21 9.45
CA ILE A 16 3.60 3.21 9.10
C ILE A 16 2.73 3.48 10.31
N VAL A 17 3.18 3.01 11.48
CA VAL A 17 2.45 3.21 12.72
C VAL A 17 2.79 4.56 13.36
N GLU A 18 4.01 5.02 13.11
CA GLU A 18 4.46 6.30 13.65
C GLU A 18 3.78 7.47 12.97
N THR A 19 3.42 7.28 11.69
CA THR A 19 2.76 8.31 10.91
C THR A 19 1.31 7.94 10.62
N LYS A 20 1.00 6.65 10.76
CA LYS A 20 -0.35 6.16 10.51
C LYS A 20 -0.79 6.49 9.08
N LYS A 21 0.18 6.59 8.18
CA LYS A 21 -0.11 6.89 6.78
C LYS A 21 -0.26 5.61 5.97
N THR A 22 -0.45 5.77 4.67
CA THR A 22 -0.61 4.63 3.78
C THR A 22 0.72 4.20 3.16
N VAL A 23 0.79 2.96 2.71
CA VAL A 23 2.01 2.44 2.09
C VAL A 23 2.50 3.36 0.98
N ARG A 24 1.57 4.08 0.36
CA ARG A 24 1.90 4.99 -0.73
C ARG A 24 2.72 6.17 -0.20
N VAL A 25 2.41 6.62 1.00
CA VAL A 25 3.11 7.74 1.61
C VAL A 25 4.36 7.26 2.35
N ILE A 26 4.33 6.02 2.82
CA ILE A 26 5.46 5.45 3.54
C ILE A 26 6.53 4.97 2.57
N ALA A 27 6.11 4.53 1.40
CA ALA A 27 7.03 4.04 0.38
C ALA A 27 7.82 5.19 -0.25
N LYS A 28 7.10 6.20 -0.70
CA LYS A 28 7.72 7.36 -1.33
C LYS A 28 8.83 7.93 -0.43
N GLU A 29 8.67 7.78 0.87
CA GLU A 29 9.66 8.27 1.82
C GLU A 29 10.96 7.48 1.72
N PHE A 30 10.84 6.18 1.48
CA PHE A 30 12.01 5.32 1.36
C PHE A 30 12.58 5.38 -0.06
N GLY A 31 11.73 5.74 -1.02
CA GLY A 31 12.17 5.83 -2.39
C GLY A 31 11.92 4.56 -3.17
N VAL A 32 10.76 3.94 -2.93
CA VAL A 32 10.39 2.70 -3.60
C VAL A 32 8.91 2.69 -3.95
N SER A 33 8.51 1.72 -4.77
CA SER A 33 7.11 1.60 -5.19
C SER A 33 6.32 0.77 -4.19
N LYS A 34 5.04 1.08 -4.05
CA LYS A 34 4.17 0.36 -3.12
C LYS A 34 4.20 -1.14 -3.39
N SER A 35 4.32 -1.50 -4.67
CA SER A 35 4.36 -2.90 -5.07
C SER A 35 5.58 -3.59 -4.47
N THR A 36 6.62 -2.81 -4.19
CA THR A 36 7.85 -3.36 -3.63
C THR A 36 7.78 -3.40 -2.10
N VAL A 37 7.24 -2.32 -1.51
CA VAL A 37 7.12 -2.24 -0.07
C VAL A 37 6.16 -3.30 0.46
N HIS A 38 4.91 -3.24 0.01
CA HIS A 38 3.89 -4.19 0.43
C HIS A 38 4.38 -5.63 0.27
N LYS A 39 5.29 -5.83 -0.68
CA LYS A 39 5.84 -7.15 -0.95
C LYS A 39 6.57 -7.69 0.28
N ASP A 40 7.40 -6.85 0.88
CA ASP A 40 8.15 -7.24 2.07
C ASP A 40 7.33 -7.02 3.33
N LEU A 41 6.50 -5.98 3.33
CA LEU A 41 5.66 -5.66 4.47
C LEU A 41 4.69 -6.79 4.77
N THR A 42 4.50 -7.67 3.78
CA THR A 42 3.58 -8.79 3.93
C THR A 42 4.34 -10.12 3.83
N GLU A 43 5.66 -10.04 3.69
CA GLU A 43 6.48 -11.24 3.58
C GLU A 43 7.54 -11.26 4.67
N ARG A 44 8.56 -10.43 4.51
CA ARG A 44 9.65 -10.36 5.49
C ARG A 44 9.17 -9.74 6.79
N LEU A 45 8.50 -8.60 6.70
CA LEU A 45 7.98 -7.91 7.87
C LEU A 45 7.33 -8.89 8.84
N PRO A 46 6.31 -9.62 8.35
CA PRO A 46 5.58 -10.61 9.15
C PRO A 46 6.44 -11.84 9.47
N GLU A 47 7.35 -12.17 8.56
CA GLU A 47 8.22 -13.32 8.75
C GLU A 47 9.16 -13.11 9.94
N ILE A 48 9.69 -11.90 10.06
CA ILE A 48 10.59 -11.57 11.16
C ILE A 48 9.83 -11.00 12.35
N ASN A 49 8.67 -10.42 12.07
CA ASN A 49 7.84 -9.83 13.13
C ASN A 49 6.36 -9.92 12.76
N PRO A 50 5.67 -10.93 13.32
CA PRO A 50 4.24 -11.15 13.07
C PRO A 50 3.37 -10.06 13.70
N ASP A 51 3.78 -9.61 14.88
CA ASP A 51 3.03 -8.57 15.59
C ASP A 51 3.10 -7.24 14.85
N LEU A 52 4.32 -6.84 14.49
CA LEU A 52 4.54 -5.59 13.77
C LEU A 52 3.84 -5.62 12.41
N ALA A 53 3.67 -6.81 11.86
CA ALA A 53 3.02 -6.98 10.57
C ALA A 53 1.54 -6.58 10.65
N ASN A 54 0.96 -6.69 11.83
CA ASN A 54 -0.44 -6.35 12.04
C ASN A 54 -0.65 -4.85 11.91
N GLU A 55 0.32 -4.07 12.37
CA GLU A 55 0.23 -2.62 12.30
C GLU A 55 -0.08 -2.16 10.88
N VAL A 56 0.77 -2.54 9.94
CA VAL A 56 0.58 -2.17 8.54
C VAL A 56 -0.71 -2.76 7.98
N LYS A 57 -1.13 -3.87 8.56
CA LYS A 57 -2.36 -4.53 8.11
C LYS A 57 -3.59 -3.79 8.61
N GLU A 58 -3.46 -3.13 9.76
CA GLU A 58 -4.56 -2.37 10.34
C GLU A 58 -4.94 -1.20 9.45
N ILE A 59 -3.95 -0.40 9.08
CA ILE A 59 -4.18 0.76 8.22
C ILE A 59 -4.79 0.35 6.89
N LEU A 60 -4.43 -0.85 6.43
CA LEU A 60 -4.95 -1.36 5.17
C LEU A 60 -6.46 -1.49 5.21
N ASP A 61 -6.97 -2.10 6.26
CA ASP A 61 -8.41 -2.28 6.43
C ASP A 61 -9.14 -0.94 6.39
N TYR A 62 -8.44 0.13 6.76
CA TYR A 62 -9.02 1.46 6.77
C TYR A 62 -8.90 2.12 5.40
N HIS A 63 -7.88 1.71 4.64
CA HIS A 63 -7.65 2.26 3.31
C HIS A 63 -8.72 1.79 2.34
N LYS A 64 -9.34 0.66 2.64
CA LYS A 64 -10.40 0.10 1.80
C LYS A 64 -11.74 0.73 2.13
N SER A 65 -11.89 1.21 3.35
CA SER A 65 -13.13 1.84 3.78
C SER A 65 -13.40 3.11 2.98
N ILE A 66 -12.43 4.01 2.97
CA ILE A 66 -12.56 5.27 2.24
C ILE A 66 -12.18 5.09 0.78
N ARG A 67 -11.75 3.90 0.42
CA ARG A 67 -11.36 3.60 -0.94
C ARG A 67 -12.45 4.03 -1.93
N HIS A 68 -13.70 3.90 -1.51
CA HIS A 68 -14.83 4.28 -2.34
C HIS A 68 -14.66 5.71 -2.87
N LEU A 69 -14.04 6.56 -2.07
CA LEU A 69 -13.82 7.95 -2.46
C LEU A 69 -12.58 8.08 -3.33
N ARG A 70 -11.60 7.22 -3.09
CA ARG A 70 -10.36 7.24 -3.87
C ARG A 70 -10.59 6.68 -5.26
N GLY A 71 -11.58 5.79 -5.39
CA GLY A 71 -11.88 5.20 -6.68
C GLY A 71 -12.06 6.24 -7.77
N GLY A 72 -12.50 7.43 -7.38
CA GLY A 72 -12.71 8.50 -8.35
C GLY A 72 -11.50 8.74 -9.22
N GLU A 73 -10.32 8.45 -8.67
CA GLU A 73 -9.07 8.65 -9.41
C GLU A 73 -8.80 7.48 -10.35
N ALA A 74 -9.14 6.27 -9.89
CA ALA A 74 -8.93 5.08 -10.70
C ALA A 74 -9.83 5.08 -11.94
N THR A 75 -10.96 5.79 -11.83
CA THR A 75 -11.90 5.87 -12.94
C THR A 75 -11.26 6.52 -14.17
N LYS A 76 -10.66 7.68 -13.96
CA LYS A 76 -10.00 8.40 -15.04
C LYS A 76 -8.68 7.75 -15.42
N LEU A 77 -8.03 7.13 -14.44
CA LEU A 77 -6.75 6.45 -14.66
C LEU A 77 -6.87 5.45 -15.81
N LYS A 78 -8.06 4.91 -16.00
CA LYS A 78 -8.31 3.94 -17.05
C LYS A 78 -8.00 4.54 -18.43
N TYR A 79 -8.19 5.85 -18.55
CA TYR A 79 -7.94 6.54 -19.81
C TYR A 79 -6.44 6.72 -20.03
N LYS A 80 -5.69 6.83 -18.94
CA LYS A 80 -4.24 7.01 -19.02
C LYS A 80 -3.54 5.66 -19.10
N LYS A 81 -3.60 4.90 -18.01
CA LYS A 81 -2.96 3.59 -17.96
C LYS A 81 -3.99 2.48 -18.16
N ASP A 82 -3.53 1.23 -18.14
CA ASP A 82 -4.42 0.09 -18.33
C ASP A 82 -5.08 0.13 -19.70
N GLU A 83 -5.66 -1.00 -20.10
CA GLU A 83 -6.33 -1.09 -21.40
C GLU A 83 -7.38 0.02 -21.54
N ILE A 84 -7.88 0.18 -22.76
CA ILE A 84 -8.89 1.20 -23.04
C ILE A 84 -10.17 0.57 -23.59
N LEU A 85 -10.93 -0.07 -22.70
CA LEU A 85 -12.18 -0.71 -23.10
C LEU A 85 -13.37 -0.03 -22.45
N GLU A 86 -14.56 -0.31 -22.98
CA GLU A 86 -15.78 0.28 -22.44
C GLU A 86 -16.00 -0.12 -20.99
N GLY A 87 -15.99 0.88 -20.10
CA GLY A 87 -16.18 0.61 -18.68
C GLY A 87 -16.74 1.81 -17.94
N GLU A 88 -17.83 2.37 -18.45
CA GLU A 88 -18.46 3.53 -17.82
C GLU A 88 -18.76 3.26 -16.36
N PRO A 89 -18.94 4.34 -15.58
CA PRO A 89 -19.24 4.25 -14.15
C PRO A 89 -20.63 3.68 -13.87
N VAL A 90 -21.00 3.61 -12.60
CA VAL A 90 -22.30 3.09 -12.21
C VAL A 90 -23.36 4.18 -12.28
N GLN A 91 -22.95 5.42 -12.02
CA GLN A 91 -23.87 6.55 -12.05
C GLN A 91 -23.18 7.79 -12.62
N GLN A 92 -23.99 8.72 -13.14
CA GLN A 92 -23.46 9.95 -13.71
C GLN A 92 -22.79 10.81 -12.64
N SER A 93 -21.75 11.54 -13.04
CA SER A 93 -21.02 12.40 -12.11
C SER A 93 -20.41 11.58 -10.99
N MET A 1 23.11 -9.81 2.99
CA MET A 1 22.63 -11.12 3.40
C MET A 1 21.10 -11.18 3.34
N HIS A 2 20.57 -12.36 3.02
CA HIS A 2 19.12 -12.55 2.93
C HIS A 2 18.45 -12.14 4.24
N ASP A 3 19.16 -12.31 5.35
CA ASP A 3 18.63 -11.96 6.66
C ASP A 3 18.47 -10.44 6.80
N TYR A 4 19.38 -9.69 6.18
CA TYR A 4 19.34 -8.24 6.24
C TYR A 4 18.05 -7.71 5.62
N ILE A 5 17.52 -8.45 4.65
CA ILE A 5 16.29 -8.05 3.97
C ILE A 5 15.13 -7.97 4.95
N LYS A 6 15.22 -8.73 6.04
CA LYS A 6 14.18 -8.73 7.06
C LYS A 6 14.22 -7.46 7.89
N GLU A 7 15.40 -6.85 7.97
CA GLU A 7 15.57 -5.62 8.74
C GLU A 7 15.17 -4.41 7.91
N ARG A 8 15.23 -4.55 6.59
CA ARG A 8 14.87 -3.46 5.69
C ARG A 8 13.41 -3.06 5.89
N THR A 9 12.56 -4.03 6.22
CA THR A 9 11.15 -3.79 6.43
C THR A 9 10.88 -3.24 7.83
N ILE A 10 11.76 -3.58 8.77
CA ILE A 10 11.63 -3.12 10.14
C ILE A 10 11.43 -1.60 10.20
N LYS A 11 12.27 -0.89 9.46
CA LYS A 11 12.19 0.58 9.43
C LYS A 11 10.84 1.03 8.90
N ILE A 12 10.35 0.36 7.86
CA ILE A 12 9.06 0.71 7.26
C ILE A 12 7.92 0.43 8.24
N GLY A 13 7.83 -0.82 8.69
CA GLY A 13 6.78 -1.20 9.62
C GLY A 13 6.75 -0.31 10.85
N LYS A 14 7.91 0.17 11.26
CA LYS A 14 8.01 1.04 12.43
C LYS A 14 7.76 2.49 12.05
N TYR A 15 8.01 2.83 10.78
CA TYR A 15 7.82 4.19 10.29
C TYR A 15 6.34 4.45 10.00
N ILE A 16 5.66 3.46 9.44
CA ILE A 16 4.24 3.59 9.12
C ILE A 16 3.43 3.97 10.35
N VAL A 17 3.86 3.49 11.51
CA VAL A 17 3.17 3.78 12.77
C VAL A 17 3.67 5.08 13.37
N GLU A 18 4.93 5.43 13.08
CA GLU A 18 5.53 6.66 13.60
C GLU A 18 4.96 7.87 12.88
N THR A 19 4.56 7.68 11.62
CA THR A 19 4.01 8.78 10.83
C THR A 19 2.53 8.56 10.56
N LYS A 20 2.07 7.32 10.74
CA LYS A 20 0.67 6.98 10.53
C LYS A 20 0.25 7.32 9.10
N LYS A 21 1.22 7.34 8.18
CA LYS A 21 0.95 7.65 6.79
C LYS A 21 0.61 6.38 6.01
N THR A 22 0.44 6.53 4.70
CA THR A 22 0.11 5.39 3.84
C THR A 22 1.37 4.81 3.19
N VAL A 23 1.28 3.56 2.76
CA VAL A 23 2.41 2.89 2.12
C VAL A 23 2.98 3.73 0.99
N ARG A 24 2.12 4.54 0.37
CA ARG A 24 2.54 5.40 -0.74
C ARG A 24 3.49 6.48 -0.25
N VAL A 25 3.25 6.98 0.96
CA VAL A 25 4.08 8.03 1.54
C VAL A 25 5.29 7.44 2.26
N ILE A 26 5.13 6.21 2.76
CA ILE A 26 6.20 5.53 3.46
C ILE A 26 7.19 4.90 2.48
N ALA A 27 6.70 4.50 1.32
CA ALA A 27 7.54 3.89 0.30
C ALA A 27 8.42 4.94 -0.37
N LYS A 28 7.81 6.01 -0.84
CA LYS A 28 8.55 7.09 -1.50
C LYS A 28 9.73 7.55 -0.65
N GLU A 29 9.58 7.44 0.67
CA GLU A 29 10.64 7.84 1.59
C GLU A 29 11.85 6.92 1.47
N PHE A 30 11.58 5.62 1.27
CA PHE A 30 12.65 4.64 1.13
C PHE A 30 13.18 4.61 -0.30
N GLY A 31 12.36 5.04 -1.24
CA GLY A 31 12.78 5.07 -2.63
C GLY A 31 12.35 3.81 -3.38
N VAL A 32 11.18 3.30 -3.04
CA VAL A 32 10.66 2.09 -3.68
C VAL A 32 9.17 2.23 -3.99
N SER A 33 8.64 1.31 -4.79
CA SER A 33 7.24 1.33 -5.17
C SER A 33 6.38 0.61 -4.13
N LYS A 34 5.13 1.05 -4.00
CA LYS A 34 4.21 0.45 -3.03
C LYS A 34 4.16 -1.06 -3.19
N SER A 35 4.20 -1.53 -4.44
CA SER A 35 4.15 -2.96 -4.72
C SER A 35 5.34 -3.68 -4.08
N THR A 36 6.48 -3.00 -4.04
CA THR A 36 7.68 -3.58 -3.46
C THR A 36 7.62 -3.55 -1.93
N VAL A 37 7.08 -2.46 -1.39
CA VAL A 37 6.95 -2.32 0.05
C VAL A 37 5.90 -3.27 0.62
N HIS A 38 4.66 -3.10 0.15
CA HIS A 38 3.56 -3.94 0.61
C HIS A 38 3.90 -5.42 0.47
N LYS A 39 4.78 -5.73 -0.48
CA LYS A 39 5.21 -7.10 -0.71
C LYS A 39 5.87 -7.69 0.53
N ASP A 40 6.83 -6.97 1.07
CA ASP A 40 7.55 -7.41 2.26
C ASP A 40 6.76 -7.08 3.53
N LEU A 41 6.06 -5.95 3.50
CA LEU A 41 5.27 -5.52 4.64
C LEU A 41 4.20 -6.55 4.98
N THR A 42 3.89 -7.43 4.03
CA THR A 42 2.90 -8.47 4.23
C THR A 42 3.52 -9.85 4.12
N GLU A 43 4.83 -9.89 3.94
CA GLU A 43 5.55 -11.16 3.83
C GLU A 43 6.62 -11.28 4.91
N ARG A 44 7.72 -10.54 4.73
CA ARG A 44 8.81 -10.56 5.69
C ARG A 44 8.41 -9.88 6.99
N LEU A 45 7.85 -8.68 6.87
CA LEU A 45 7.42 -7.92 8.04
C LEU A 45 6.70 -8.82 9.05
N PRO A 46 5.61 -9.46 8.59
CA PRO A 46 4.81 -10.36 9.43
C PRO A 46 5.56 -11.65 9.77
N GLU A 47 6.37 -12.11 8.83
CA GLU A 47 7.14 -13.34 9.03
C GLU A 47 8.10 -13.20 10.20
N ILE A 48 8.77 -12.06 10.29
CA ILE A 48 9.72 -11.80 11.36
C ILE A 48 9.03 -11.14 12.54
N ASN A 49 7.93 -10.43 12.27
CA ASN A 49 7.18 -9.74 13.32
C ASN A 49 5.71 -9.65 12.95
N PRO A 50 4.90 -10.56 13.51
CA PRO A 50 3.46 -10.60 13.26
C PRO A 50 2.72 -9.42 13.89
N ASP A 51 3.16 -9.03 15.08
CA ASP A 51 2.54 -7.92 15.79
C ASP A 51 2.73 -6.62 15.02
N LEU A 52 3.97 -6.36 14.62
CA LEU A 52 4.29 -5.14 13.88
C LEU A 52 3.57 -5.12 12.53
N ALA A 53 3.27 -6.30 12.00
CA ALA A 53 2.58 -6.42 10.73
C ALA A 53 1.16 -5.89 10.82
N ASN A 54 0.58 -5.94 12.02
CA ASN A 54 -0.77 -5.46 12.24
C ASN A 54 -0.85 -3.94 12.09
N GLU A 55 0.21 -3.26 12.53
CA GLU A 55 0.26 -1.81 12.46
C GLU A 55 0.00 -1.33 11.02
N VAL A 56 0.82 -1.80 10.10
CA VAL A 56 0.68 -1.43 8.70
C VAL A 56 -0.67 -1.87 8.13
N LYS A 57 -1.23 -2.92 8.73
CA LYS A 57 -2.51 -3.45 8.30
C LYS A 57 -3.66 -2.58 8.81
N GLU A 58 -3.44 -1.94 9.95
CA GLU A 58 -4.45 -1.07 10.54
C GLU A 58 -4.72 0.14 9.66
N ILE A 59 -3.66 0.85 9.29
CA ILE A 59 -3.77 2.03 8.45
C ILE A 59 -4.43 1.69 7.12
N LEU A 60 -4.23 0.46 6.66
CA LEU A 60 -4.80 0.01 5.40
C LEU A 60 -6.33 0.04 5.45
N ASP A 61 -6.88 -0.50 6.53
CA ASP A 61 -8.34 -0.53 6.71
C ASP A 61 -8.91 0.88 6.68
N TYR A 62 -8.10 1.86 7.04
CA TYR A 62 -8.54 3.25 7.05
C TYR A 62 -8.37 3.89 5.67
N HIS A 63 -7.40 3.37 4.90
CA HIS A 63 -7.14 3.90 3.57
C HIS A 63 -8.27 3.54 2.61
N LYS A 64 -9.00 2.48 2.94
CA LYS A 64 -10.11 2.03 2.11
C LYS A 64 -11.38 2.81 2.44
N SER A 65 -11.46 3.29 3.67
CA SER A 65 -12.63 4.06 4.11
C SER A 65 -12.77 5.35 3.32
N ILE A 66 -11.70 6.14 3.29
CA ILE A 66 -11.71 7.40 2.56
C ILE A 66 -11.38 7.19 1.08
N ARG A 67 -11.08 5.94 0.73
CA ARG A 67 -10.73 5.61 -0.65
C ARG A 67 -11.79 6.15 -1.62
N HIS A 68 -13.04 6.12 -1.19
CA HIS A 68 -14.14 6.61 -2.02
C HIS A 68 -13.86 8.02 -2.52
N LEU A 69 -13.17 8.81 -1.70
CA LEU A 69 -12.84 10.18 -2.05
C LEU A 69 -11.63 10.23 -2.98
N ARG A 70 -10.69 9.31 -2.76
CA ARG A 70 -9.48 9.23 -3.57
C ARG A 70 -9.81 8.73 -4.98
N GLY A 71 -10.88 7.97 -5.10
CA GLY A 71 -11.27 7.44 -6.39
C GLY A 71 -11.41 8.52 -7.45
N GLY A 72 -11.72 9.74 -7.01
CA GLY A 72 -11.88 10.84 -7.93
C GLY A 72 -10.68 11.00 -8.84
N GLU A 73 -9.52 10.58 -8.37
CA GLU A 73 -8.29 10.68 -9.15
C GLU A 73 -8.18 9.55 -10.16
N ALA A 74 -8.67 8.38 -9.77
CA ALA A 74 -8.63 7.20 -10.64
C ALA A 74 -9.56 7.39 -11.84
N THR A 75 -10.59 8.22 -11.67
CA THR A 75 -11.55 8.48 -12.73
C THR A 75 -10.86 9.05 -13.96
N LYS A 76 -10.11 10.13 -13.77
CA LYS A 76 -9.40 10.77 -14.86
C LYS A 76 -8.23 9.91 -15.32
N LEU A 77 -7.65 9.15 -14.40
CA LEU A 77 -6.53 8.28 -14.71
C LEU A 77 -6.86 7.35 -15.87
N LYS A 78 -8.14 7.03 -16.02
CA LYS A 78 -8.60 6.16 -17.09
C LYS A 78 -8.70 6.91 -18.41
N TYR A 79 -8.88 8.23 -18.32
CA TYR A 79 -9.00 9.06 -19.51
C TYR A 79 -7.62 9.48 -20.02
N LYS A 80 -6.67 9.62 -19.10
CA LYS A 80 -5.31 10.01 -19.46
C LYS A 80 -4.43 8.78 -19.67
N LYS A 81 -4.56 7.80 -18.78
CA LYS A 81 -3.78 6.57 -18.87
C LYS A 81 -4.68 5.38 -19.19
N ASP A 82 -4.06 4.22 -19.40
CA ASP A 82 -4.80 3.01 -19.72
C ASP A 82 -5.59 3.17 -21.01
N GLU A 83 -6.05 2.05 -21.56
CA GLU A 83 -6.82 2.07 -22.80
C GLU A 83 -8.06 2.92 -22.66
N ILE A 84 -8.83 3.02 -23.75
CA ILE A 84 -10.06 3.81 -23.75
C ILE A 84 -11.22 3.01 -24.33
N LEU A 85 -11.72 2.06 -23.55
CA LEU A 85 -12.85 1.22 -23.99
C LEU A 85 -13.87 1.07 -22.87
N GLU A 86 -15.10 0.72 -23.25
CA GLU A 86 -16.17 0.54 -22.28
C GLU A 86 -16.21 -0.90 -21.77
N GLY A 87 -16.04 -1.06 -20.47
CA GLY A 87 -16.06 -2.39 -19.88
C GLY A 87 -16.72 -2.41 -18.52
N GLU A 88 -17.74 -1.56 -18.34
CA GLU A 88 -18.45 -1.49 -17.07
C GLU A 88 -19.21 -2.79 -16.79
N PRO A 89 -19.56 -3.00 -15.52
CA PRO A 89 -20.30 -4.19 -15.09
C PRO A 89 -21.74 -4.21 -15.60
N VAL A 90 -22.50 -5.20 -15.16
CA VAL A 90 -23.90 -5.32 -15.57
C VAL A 90 -24.81 -5.47 -14.36
N GLN A 91 -24.98 -4.37 -13.61
CA GLN A 91 -25.83 -4.37 -12.43
C GLN A 91 -26.96 -3.35 -12.57
N GLN A 92 -27.87 -3.60 -13.50
CA GLN A 92 -28.99 -2.70 -13.73
C GLN A 92 -30.32 -3.44 -13.59
N SER A 93 -31.33 -2.73 -13.10
CA SER A 93 -32.65 -3.32 -12.92
C SER A 93 -33.74 -2.26 -13.00
N MET A 1 19.08 -16.13 2.32
CA MET A 1 18.99 -15.43 1.05
C MET A 1 18.16 -14.15 1.19
N HIS A 2 17.19 -14.17 2.10
CA HIS A 2 16.34 -13.01 2.34
C HIS A 2 16.18 -12.75 3.83
N ASP A 3 17.23 -13.04 4.60
CA ASP A 3 17.20 -12.84 6.04
C ASP A 3 17.48 -11.37 6.38
N TYR A 4 18.30 -10.72 5.58
CA TYR A 4 18.65 -9.32 5.80
C TYR A 4 17.56 -8.41 5.27
N ILE A 5 17.13 -8.64 4.03
CA ILE A 5 16.09 -7.84 3.41
C ILE A 5 14.83 -7.81 4.27
N LYS A 6 14.65 -8.87 5.07
CA LYS A 6 13.48 -8.96 5.94
C LYS A 6 13.38 -7.75 6.86
N GLU A 7 14.52 -7.11 7.12
CA GLU A 7 14.55 -5.93 7.98
C GLU A 7 14.20 -4.68 7.19
N ARG A 8 14.42 -4.73 5.88
CA ARG A 8 14.12 -3.60 5.01
C ARG A 8 12.67 -3.15 5.17
N THR A 9 11.78 -4.11 5.43
CA THR A 9 10.37 -3.82 5.60
C THR A 9 10.07 -3.34 7.02
N ILE A 10 10.88 -3.79 7.96
CA ILE A 10 10.70 -3.41 9.37
C ILE A 10 10.58 -1.90 9.51
N LYS A 11 11.49 -1.17 8.85
CA LYS A 11 11.48 0.29 8.91
C LYS A 11 10.17 0.85 8.39
N ILE A 12 9.65 0.25 7.32
CA ILE A 12 8.39 0.68 6.73
C ILE A 12 7.23 0.43 7.68
N GLY A 13 7.05 -0.83 8.07
CA GLY A 13 5.98 -1.18 8.98
C GLY A 13 6.00 -0.38 10.26
N LYS A 14 7.21 0.00 10.68
CA LYS A 14 7.37 0.78 11.91
C LYS A 14 7.21 2.27 11.64
N TYR A 15 7.45 2.67 10.40
CA TYR A 15 7.32 4.07 10.01
C TYR A 15 5.87 4.43 9.74
N ILE A 16 5.17 3.55 9.04
CA ILE A 16 3.76 3.77 8.72
C ILE A 16 2.96 4.15 9.96
N VAL A 17 3.33 3.55 11.10
CA VAL A 17 2.65 3.84 12.36
C VAL A 17 3.24 5.05 13.05
N GLU A 18 4.54 5.28 12.81
CA GLU A 18 5.23 6.41 13.42
C GLU A 18 4.70 7.73 12.86
N THR A 19 4.33 7.72 11.59
CA THR A 19 3.80 8.92 10.94
C THR A 19 2.30 8.80 10.68
N LYS A 20 1.82 7.57 10.64
CA LYS A 20 0.40 7.31 10.39
C LYS A 20 -0.01 7.82 9.01
N LYS A 21 0.85 7.59 8.02
CA LYS A 21 0.56 8.01 6.66
C LYS A 21 0.23 6.82 5.77
N THR A 22 0.03 7.07 4.48
CA THR A 22 -0.30 6.02 3.53
C THR A 22 0.96 5.46 2.88
N VAL A 23 0.86 4.24 2.36
CA VAL A 23 1.99 3.59 1.71
C VAL A 23 2.59 4.49 0.63
N ARG A 24 1.77 5.36 0.06
CA ARG A 24 2.22 6.27 -0.98
C ARG A 24 3.22 7.28 -0.42
N VAL A 25 2.98 7.72 0.82
CA VAL A 25 3.86 8.68 1.47
C VAL A 25 5.03 7.99 2.16
N ILE A 26 4.82 6.74 2.57
CA ILE A 26 5.85 5.97 3.23
C ILE A 26 6.84 5.38 2.23
N ALA A 27 6.34 5.08 1.03
CA ALA A 27 7.17 4.52 -0.02
C ALA A 27 8.11 5.56 -0.60
N LYS A 28 7.55 6.70 -1.00
CA LYS A 28 8.34 7.79 -1.57
C LYS A 28 9.52 8.12 -0.67
N GLU A 29 9.36 7.93 0.64
CA GLU A 29 10.41 8.22 1.60
C GLU A 29 11.56 7.22 1.46
N PHE A 30 11.21 5.97 1.21
CA PHE A 30 12.21 4.92 1.05
C PHE A 30 12.83 4.96 -0.35
N GLY A 31 12.08 5.51 -1.30
CA GLY A 31 12.58 5.60 -2.66
C GLY A 31 12.16 4.40 -3.50
N VAL A 32 10.93 3.94 -3.31
CA VAL A 32 10.42 2.79 -4.06
C VAL A 32 8.99 3.04 -4.52
N SER A 33 8.41 2.04 -5.18
CA SER A 33 7.05 2.14 -5.68
C SER A 33 6.06 1.49 -4.72
N LYS A 34 4.89 2.09 -4.59
CA LYS A 34 3.85 1.57 -3.70
C LYS A 34 3.62 0.08 -3.94
N SER A 35 3.49 -0.30 -5.21
CA SER A 35 3.27 -1.69 -5.57
C SER A 35 4.36 -2.58 -5.01
N THR A 36 5.56 -2.03 -4.87
CA THR A 36 6.70 -2.77 -4.35
C THR A 36 6.63 -2.88 -2.82
N VAL A 37 6.37 -1.76 -2.16
CA VAL A 37 6.27 -1.73 -0.71
C VAL A 37 5.16 -2.67 -0.22
N HIS A 38 3.95 -2.42 -0.67
CA HIS A 38 2.80 -3.24 -0.27
C HIS A 38 3.09 -4.72 -0.52
N LYS A 39 3.95 -5.00 -1.48
CA LYS A 39 4.30 -6.38 -1.81
C LYS A 39 4.93 -7.08 -0.61
N ASP A 40 5.94 -6.44 -0.02
CA ASP A 40 6.62 -7.00 1.14
C ASP A 40 5.84 -6.71 2.41
N LEU A 41 5.22 -5.55 2.47
CA LEU A 41 4.44 -5.15 3.64
C LEU A 41 3.31 -6.15 3.90
N THR A 42 2.97 -6.93 2.88
CA THR A 42 1.91 -7.92 3.01
C THR A 42 2.45 -9.33 2.81
N GLU A 43 3.76 -9.44 2.63
CA GLU A 43 4.41 -10.74 2.43
C GLU A 43 5.46 -10.98 3.51
N ARG A 44 6.59 -10.29 3.39
CA ARG A 44 7.68 -10.43 4.35
C ARG A 44 7.31 -9.82 5.70
N LEU A 45 6.82 -8.58 5.66
CA LEU A 45 6.43 -7.88 6.87
C LEU A 45 5.66 -8.80 7.81
N PRO A 46 4.54 -9.36 7.31
CA PRO A 46 3.69 -10.27 8.08
C PRO A 46 4.36 -11.61 8.34
N GLU A 47 5.16 -12.06 7.37
CA GLU A 47 5.87 -13.33 7.49
C GLU A 47 6.82 -13.31 8.68
N ILE A 48 7.55 -12.22 8.84
CA ILE A 48 8.49 -12.08 9.95
C ILE A 48 7.83 -11.46 11.17
N ASN A 49 6.78 -10.67 10.92
CA ASN A 49 6.06 -10.02 12.01
C ASN A 49 4.59 -9.83 11.65
N PRO A 50 3.73 -10.73 12.14
CA PRO A 50 2.29 -10.68 11.88
C PRO A 50 1.61 -9.51 12.58
N ASP A 51 2.05 -9.23 13.81
CA ASP A 51 1.49 -8.14 14.59
C ASP A 51 1.75 -6.79 13.90
N LEU A 52 2.99 -6.57 13.52
CA LEU A 52 3.37 -5.33 12.85
C LEU A 52 2.67 -5.18 11.51
N ALA A 53 2.31 -6.32 10.92
CA ALA A 53 1.62 -6.32 9.63
C ALA A 53 0.22 -5.74 9.76
N ASN A 54 -0.36 -5.85 10.95
CA ASN A 54 -1.70 -5.34 11.21
C ASN A 54 -1.71 -3.81 11.15
N GLU A 55 -0.64 -3.19 11.62
CA GLU A 55 -0.53 -1.74 11.63
C GLU A 55 -0.76 -1.17 10.22
N VAL A 56 0.05 -1.61 9.28
CA VAL A 56 -0.05 -1.16 7.90
C VAL A 56 -1.41 -1.50 7.31
N LYS A 57 -2.03 -2.55 7.83
CA LYS A 57 -3.34 -2.99 7.37
C LYS A 57 -4.45 -2.12 7.94
N GLU A 58 -4.20 -1.57 9.13
CA GLU A 58 -5.18 -0.72 9.79
C GLU A 58 -5.39 0.58 9.01
N ILE A 59 -4.29 1.28 8.73
CA ILE A 59 -4.35 2.53 7.98
C ILE A 59 -5.02 2.33 6.63
N LEU A 60 -4.88 1.13 6.07
CA LEU A 60 -5.48 0.82 4.78
C LEU A 60 -7.00 0.91 4.84
N ASP A 61 -7.58 0.28 5.85
CA ASP A 61 -9.04 0.29 6.02
C ASP A 61 -9.55 1.73 6.09
N TYR A 62 -8.70 2.64 6.53
CA TYR A 62 -9.07 4.05 6.65
C TYR A 62 -8.87 4.78 5.32
N HIS A 63 -7.98 4.24 4.50
CA HIS A 63 -7.69 4.84 3.19
C HIS A 63 -8.80 4.53 2.19
N LYS A 64 -9.52 3.45 2.45
CA LYS A 64 -10.62 3.05 1.56
C LYS A 64 -11.90 3.80 1.89
N SER A 65 -12.01 4.24 3.14
CA SER A 65 -13.19 4.98 3.59
C SER A 65 -13.31 6.31 2.84
N ILE A 66 -12.24 7.10 2.87
CA ILE A 66 -12.24 8.39 2.19
C ILE A 66 -11.86 8.23 0.72
N ARG A 67 -11.52 7.01 0.33
CA ARG A 67 -11.15 6.73 -1.05
C ARG A 67 -12.16 7.32 -2.03
N HIS A 68 -13.44 7.21 -1.68
CA HIS A 68 -14.51 7.73 -2.52
C HIS A 68 -14.24 9.19 -2.90
N LEU A 69 -13.66 9.94 -1.96
CA LEU A 69 -13.35 11.34 -2.20
C LEU A 69 -12.10 11.50 -3.05
N ARG A 70 -11.17 10.56 -2.90
CA ARG A 70 -9.93 10.60 -3.65
C ARG A 70 -10.16 10.15 -5.10
N GLY A 71 -11.20 9.35 -5.31
CA GLY A 71 -11.50 8.87 -6.65
C GLY A 71 -11.59 9.99 -7.66
N GLY A 72 -11.95 11.19 -7.20
CA GLY A 72 -12.06 12.32 -8.09
C GLY A 72 -10.81 12.53 -8.93
N GLU A 73 -9.67 12.11 -8.40
CA GLU A 73 -8.40 12.26 -9.10
C GLU A 73 -8.18 11.09 -10.05
N ALA A 74 -8.42 9.88 -9.57
CA ALA A 74 -8.24 8.68 -10.38
C ALA A 74 -9.05 8.76 -11.67
N THR A 75 -10.13 9.55 -11.63
CA THR A 75 -10.99 9.71 -12.80
C THR A 75 -10.25 10.42 -13.93
N LYS A 76 -9.69 11.58 -13.63
CA LYS A 76 -8.95 12.35 -14.62
C LYS A 76 -7.59 11.72 -14.91
N LEU A 77 -7.02 11.07 -13.89
CA LEU A 77 -5.72 10.42 -14.03
C LEU A 77 -5.72 9.46 -15.22
N LYS A 78 -6.89 8.92 -15.53
CA LYS A 78 -7.03 7.98 -16.64
C LYS A 78 -6.66 8.65 -17.96
N TYR A 79 -6.87 9.95 -18.05
CA TYR A 79 -6.56 10.70 -19.25
C TYR A 79 -5.05 10.93 -19.37
N LYS A 80 -4.38 10.94 -18.24
CA LYS A 80 -2.93 11.14 -18.22
C LYS A 80 -2.19 9.81 -18.28
N LYS A 81 -2.85 8.75 -17.83
CA LYS A 81 -2.25 7.42 -17.84
C LYS A 81 -2.64 6.66 -19.10
N ASP A 82 -2.28 5.38 -19.15
CA ASP A 82 -2.60 4.55 -20.30
C ASP A 82 -4.07 4.17 -20.32
N GLU A 83 -4.44 3.25 -21.20
CA GLU A 83 -5.83 2.82 -21.32
C GLU A 83 -6.34 2.24 -19.99
N ILE A 84 -7.63 1.99 -19.93
CA ILE A 84 -8.24 1.44 -18.72
C ILE A 84 -9.01 0.16 -19.01
N LEU A 85 -8.27 -0.94 -19.17
CA LEU A 85 -8.88 -2.23 -19.46
C LEU A 85 -9.67 -2.74 -18.25
N GLU A 86 -10.54 -3.72 -18.49
CA GLU A 86 -11.35 -4.30 -17.43
C GLU A 86 -10.72 -5.59 -16.91
N GLY A 87 -10.64 -5.71 -15.59
CA GLY A 87 -10.05 -6.89 -14.98
C GLY A 87 -10.76 -7.29 -13.70
N GLU A 88 -12.03 -6.90 -13.57
CA GLU A 88 -12.80 -7.22 -12.38
C GLU A 88 -13.72 -8.41 -12.63
N PRO A 89 -14.06 -9.13 -11.55
CA PRO A 89 -14.93 -10.31 -11.62
C PRO A 89 -16.38 -9.94 -11.94
N VAL A 90 -17.27 -10.91 -11.85
CA VAL A 90 -18.68 -10.69 -12.13
C VAL A 90 -19.48 -10.53 -10.85
N GLN A 91 -19.83 -9.29 -10.53
CA GLN A 91 -20.61 -9.01 -9.32
C GLN A 91 -21.44 -7.74 -9.50
N GLN A 92 -22.25 -7.43 -8.49
CA GLN A 92 -23.11 -6.25 -8.54
C GLN A 92 -22.37 -5.02 -8.04
N SER A 93 -23.04 -3.87 -8.07
CA SER A 93 -22.44 -2.62 -7.63
C SER A 93 -21.18 -2.31 -8.43
N MET A 1 15.69 -12.90 -1.41
CA MET A 1 15.33 -13.16 -0.02
C MET A 1 16.57 -13.21 0.86
N HIS A 2 17.00 -12.05 1.35
CA HIS A 2 18.17 -11.97 2.21
C HIS A 2 17.77 -11.65 3.65
N ASP A 3 18.76 -11.56 4.52
CA ASP A 3 18.53 -11.26 5.93
C ASP A 3 18.27 -9.76 6.14
N TYR A 4 19.26 -8.95 5.76
CA TYR A 4 19.15 -7.51 5.90
C TYR A 4 17.86 -6.99 5.27
N ILE A 5 17.46 -7.62 4.17
CA ILE A 5 16.24 -7.23 3.47
C ILE A 5 15.04 -7.25 4.40
N LYS A 6 15.11 -8.08 5.43
CA LYS A 6 14.03 -8.20 6.40
C LYS A 6 13.96 -6.97 7.30
N GLU A 7 15.11 -6.31 7.47
CA GLU A 7 15.19 -5.12 8.30
C GLU A 7 14.75 -3.87 7.52
N ARG A 8 14.87 -3.94 6.20
CA ARG A 8 14.49 -2.83 5.34
C ARG A 8 13.01 -2.50 5.50
N THR A 9 12.20 -3.53 5.76
CA THR A 9 10.76 -3.35 5.93
C THR A 9 10.43 -2.90 7.34
N ILE A 10 11.28 -3.27 8.29
CA ILE A 10 11.08 -2.89 9.68
C ILE A 10 10.81 -1.40 9.82
N LYS A 11 11.62 -0.58 9.14
CA LYS A 11 11.46 0.86 9.19
C LYS A 11 10.10 1.28 8.64
N ILE A 12 9.69 0.65 7.55
CA ILE A 12 8.40 0.95 6.93
C ILE A 12 7.25 0.56 7.85
N GLY A 13 7.21 -0.71 8.23
CA GLY A 13 6.15 -1.20 9.10
C GLY A 13 6.03 -0.38 10.37
N LYS A 14 7.15 0.14 10.85
CA LYS A 14 7.17 0.95 12.06
C LYS A 14 6.85 2.40 11.75
N TYR A 15 7.13 2.81 10.52
CA TYR A 15 6.87 4.18 10.09
C TYR A 15 5.39 4.39 9.77
N ILE A 16 4.79 3.40 9.13
CA ILE A 16 3.38 3.47 8.76
C ILE A 16 2.51 3.74 9.99
N VAL A 17 2.92 3.20 11.13
CA VAL A 17 2.18 3.38 12.37
C VAL A 17 2.58 4.69 13.06
N GLU A 18 3.83 5.10 12.84
CA GLU A 18 4.33 6.34 13.45
C GLU A 18 3.72 7.56 12.77
N THR A 19 3.40 7.42 11.49
CA THR A 19 2.81 8.52 10.73
C THR A 19 1.35 8.25 10.39
N LYS A 20 0.95 6.97 10.51
CA LYS A 20 -0.41 6.57 10.22
C LYS A 20 -0.82 6.97 8.80
N LYS A 21 0.18 7.09 7.92
CA LYS A 21 -0.07 7.46 6.54
C LYS A 21 -0.30 6.23 5.68
N THR A 22 -0.45 6.44 4.37
CA THR A 22 -0.68 5.34 3.44
C THR A 22 0.63 4.87 2.80
N VAL A 23 0.62 3.64 2.30
CA VAL A 23 1.80 3.07 1.66
C VAL A 23 2.36 4.01 0.59
N ARG A 24 1.49 4.81 0.00
CA ARG A 24 1.89 5.75 -1.04
C ARG A 24 2.76 6.85 -0.47
N VAL A 25 2.45 7.27 0.77
CA VAL A 25 3.21 8.32 1.43
C VAL A 25 4.42 7.75 2.15
N ILE A 26 4.32 6.50 2.57
CA ILE A 26 5.41 5.83 3.28
C ILE A 26 6.46 5.32 2.30
N ALA A 27 6.01 4.95 1.10
CA ALA A 27 6.93 4.45 0.08
C ALA A 27 7.78 5.56 -0.51
N LYS A 28 7.12 6.65 -0.93
CA LYS A 28 7.82 7.79 -1.50
C LYS A 28 8.94 8.25 -0.59
N GLU A 29 8.77 8.07 0.72
CA GLU A 29 9.77 8.47 1.69
C GLU A 29 11.02 7.61 1.56
N PHE A 30 10.84 6.33 1.28
CA PHE A 30 11.96 5.40 1.13
C PHE A 30 12.54 5.48 -0.28
N GLY A 31 11.73 5.93 -1.22
CA GLY A 31 12.18 6.05 -2.60
C GLY A 31 11.86 4.81 -3.42
N VAL A 32 10.71 4.21 -3.16
CA VAL A 32 10.29 3.02 -3.88
C VAL A 32 8.81 3.09 -4.26
N SER A 33 8.38 2.18 -5.12
CA SER A 33 6.99 2.15 -5.57
C SER A 33 6.13 1.35 -4.59
N LYS A 34 4.86 1.73 -4.50
CA LYS A 34 3.92 1.05 -3.60
C LYS A 34 3.94 -0.46 -3.85
N SER A 35 4.07 -0.85 -5.11
CA SER A 35 4.09 -2.26 -5.48
C SER A 35 5.29 -2.96 -4.86
N THR A 36 6.38 -2.22 -4.68
CA THR A 36 7.59 -2.77 -4.10
C THR A 36 7.49 -2.84 -2.57
N VAL A 37 6.87 -1.82 -1.97
CA VAL A 37 6.70 -1.78 -0.53
C VAL A 37 5.70 -2.81 -0.06
N HIS A 38 4.47 -2.70 -0.55
CA HIS A 38 3.40 -3.63 -0.17
C HIS A 38 3.86 -5.08 -0.38
N LYS A 39 4.77 -5.27 -1.33
CA LYS A 39 5.29 -6.61 -1.63
C LYS A 39 5.95 -7.23 -0.40
N ASP A 40 6.84 -6.47 0.22
CA ASP A 40 7.55 -6.94 1.41
C ASP A 40 6.71 -6.72 2.66
N LEU A 41 5.94 -5.63 2.68
CA LEU A 41 5.10 -5.31 3.82
C LEU A 41 4.07 -6.42 4.06
N THR A 42 3.85 -7.25 3.04
CA THR A 42 2.90 -8.35 3.14
C THR A 42 3.60 -9.69 2.99
N GLU A 43 4.93 -9.66 2.86
CA GLU A 43 5.70 -10.88 2.70
C GLU A 43 6.75 -11.00 3.82
N ARG A 44 7.80 -10.20 3.72
CA ARG A 44 8.88 -10.22 4.71
C ARG A 44 8.39 -9.63 6.03
N LEU A 45 7.76 -8.47 5.96
CA LEU A 45 7.25 -7.79 7.15
C LEU A 45 6.55 -8.79 8.09
N PRO A 46 5.52 -9.46 7.55
CA PRO A 46 4.74 -10.44 8.31
C PRO A 46 5.54 -11.71 8.60
N GLU A 47 6.42 -12.08 7.67
CA GLU A 47 7.25 -13.27 7.81
C GLU A 47 8.15 -13.15 9.04
N ILE A 48 8.76 -11.98 9.20
CA ILE A 48 9.66 -11.75 10.33
C ILE A 48 8.89 -11.20 11.53
N ASN A 49 7.77 -10.53 11.25
CA ASN A 49 6.95 -9.95 12.31
C ASN A 49 5.48 -9.92 11.89
N PRO A 50 4.71 -10.90 12.36
CA PRO A 50 3.28 -11.01 12.04
C PRO A 50 2.46 -9.91 12.73
N ASP A 51 2.83 -9.58 13.96
CA ASP A 51 2.13 -8.55 14.71
C ASP A 51 2.27 -7.19 14.04
N LEU A 52 3.50 -6.83 13.71
CA LEU A 52 3.77 -5.56 13.05
C LEU A 52 3.11 -5.49 11.68
N ALA A 53 2.90 -6.65 11.07
CA ALA A 53 2.26 -6.72 9.76
C ALA A 53 0.81 -6.27 9.83
N ASN A 54 0.21 -6.39 11.02
CA ASN A 54 -1.18 -5.99 11.21
C ASN A 54 -1.32 -4.47 11.13
N GLU A 55 -0.33 -3.76 11.66
CA GLU A 55 -0.35 -2.29 11.65
C GLU A 55 -0.60 -1.77 10.23
N VAL A 56 0.26 -2.16 9.31
CA VAL A 56 0.13 -1.72 7.92
C VAL A 56 -1.17 -2.22 7.31
N LYS A 57 -1.68 -3.33 7.83
CA LYS A 57 -2.93 -3.90 7.33
C LYS A 57 -4.13 -3.11 7.83
N GLU A 58 -4.00 -2.51 9.01
CA GLU A 58 -5.07 -1.72 9.60
C GLU A 58 -5.38 -0.50 8.73
N ILE A 59 -4.35 0.27 8.42
CA ILE A 59 -4.52 1.47 7.59
C ILE A 59 -5.12 1.12 6.23
N LEU A 60 -4.75 -0.06 5.72
CA LEU A 60 -5.26 -0.52 4.43
C LEU A 60 -6.78 -0.58 4.43
N ASP A 61 -7.35 -1.17 5.48
CA ASP A 61 -8.79 -1.30 5.60
C ASP A 61 -9.45 0.08 5.61
N TYR A 62 -8.72 1.09 6.05
CA TYR A 62 -9.23 2.45 6.12
C TYR A 62 -9.05 3.16 4.79
N HIS A 63 -8.02 2.78 4.05
CA HIS A 63 -7.74 3.38 2.75
C HIS A 63 -8.89 3.15 1.78
N LYS A 64 -9.65 2.09 2.02
CA LYS A 64 -10.79 1.75 1.17
C LYS A 64 -12.03 2.53 1.57
N SER A 65 -12.08 2.95 2.83
CA SER A 65 -13.21 3.72 3.34
C SER A 65 -13.36 5.03 2.58
N ILE A 66 -12.28 5.80 2.52
CA ILE A 66 -12.29 7.08 1.83
C ILE A 66 -11.95 6.92 0.36
N ARG A 67 -11.63 5.68 -0.04
CA ARG A 67 -11.29 5.39 -1.42
C ARG A 67 -12.35 5.93 -2.37
N HIS A 68 -13.60 5.88 -1.95
CA HIS A 68 -14.70 6.37 -2.77
C HIS A 68 -14.44 7.79 -3.24
N LEU A 69 -13.73 8.57 -2.41
CA LEU A 69 -13.41 9.94 -2.75
C LEU A 69 -12.18 10.02 -3.64
N ARG A 70 -11.26 9.08 -3.44
CA ARG A 70 -10.03 9.04 -4.24
C ARG A 70 -10.31 8.54 -5.65
N GLY A 71 -11.37 7.76 -5.80
CA GLY A 71 -11.74 7.24 -7.10
C GLY A 71 -11.88 8.33 -8.14
N GLY A 72 -12.27 9.52 -7.70
CA GLY A 72 -12.44 10.64 -8.62
C GLY A 72 -11.22 10.86 -9.49
N GLU A 73 -10.05 10.48 -8.97
CA GLU A 73 -8.81 10.65 -9.72
C GLU A 73 -8.58 9.50 -10.68
N ALA A 74 -8.78 8.27 -10.19
CA ALA A 74 -8.61 7.08 -11.00
C ALA A 74 -9.48 7.14 -12.26
N THR A 75 -10.57 7.90 -12.18
CA THR A 75 -11.48 8.04 -13.31
C THR A 75 -10.83 8.82 -14.45
N LYS A 76 -10.32 10.01 -14.14
CA LYS A 76 -9.67 10.84 -15.14
C LYS A 76 -8.29 10.30 -15.50
N LEU A 77 -7.65 9.66 -14.52
CA LEU A 77 -6.32 9.08 -14.74
C LEU A 77 -6.32 8.17 -15.96
N LYS A 78 -7.46 7.56 -16.24
CA LYS A 78 -7.59 6.66 -17.38
C LYS A 78 -7.30 7.39 -18.69
N TYR A 79 -7.60 8.69 -18.73
CA TYR A 79 -7.37 9.50 -19.91
C TYR A 79 -5.90 9.84 -20.06
N LYS A 80 -5.18 9.87 -18.94
CA LYS A 80 -3.76 10.19 -18.93
C LYS A 80 -2.92 8.92 -19.09
N LYS A 81 -2.95 8.07 -18.06
CA LYS A 81 -2.19 6.83 -18.08
C LYS A 81 -3.13 5.63 -18.18
N ASP A 82 -2.59 4.50 -18.64
CA ASP A 82 -3.38 3.28 -18.77
C ASP A 82 -3.65 2.65 -17.41
N GLU A 83 -4.93 2.39 -17.14
CA GLU A 83 -5.32 1.79 -15.87
C GLU A 83 -5.31 0.26 -15.96
N ILE A 84 -5.32 -0.39 -14.80
CA ILE A 84 -5.31 -1.84 -14.75
C ILE A 84 -6.39 -2.37 -13.80
N LEU A 85 -7.64 -2.33 -14.26
CA LEU A 85 -8.76 -2.81 -13.47
C LEU A 85 -8.99 -4.30 -13.67
N GLU A 86 -10.11 -4.80 -13.16
CA GLU A 86 -10.45 -6.21 -13.30
C GLU A 86 -11.60 -6.40 -14.29
N GLY A 87 -11.67 -5.52 -15.29
CA GLY A 87 -12.73 -5.60 -16.27
C GLY A 87 -14.11 -5.59 -15.66
N GLU A 88 -14.22 -5.00 -14.47
CA GLU A 88 -15.49 -4.92 -13.77
C GLU A 88 -16.58 -4.36 -14.68
N PRO A 89 -17.84 -4.67 -14.36
CA PRO A 89 -19.00 -4.21 -15.14
C PRO A 89 -19.24 -2.72 -14.98
N VAL A 90 -20.35 -2.24 -15.53
CA VAL A 90 -20.70 -0.82 -15.44
C VAL A 90 -22.00 -0.62 -14.68
N GLN A 91 -21.90 -0.51 -13.36
CA GLN A 91 -23.07 -0.30 -12.51
C GLN A 91 -23.08 1.10 -11.93
N GLN A 92 -21.90 1.68 -11.76
CA GLN A 92 -21.78 3.02 -11.21
C GLN A 92 -20.38 3.59 -11.46
N SER A 93 -20.06 3.83 -12.72
CA SER A 93 -18.75 4.36 -13.08
C SER A 93 -17.63 3.43 -12.61
N MET A 1 20.39 -8.70 2.03
CA MET A 1 19.88 -9.80 1.23
C MET A 1 19.56 -11.01 2.10
N HIS A 2 18.33 -11.50 1.99
CA HIS A 2 17.89 -12.66 2.78
C HIS A 2 17.78 -12.30 4.26
N ASP A 3 18.92 -12.19 4.93
CA ASP A 3 18.95 -11.85 6.34
C ASP A 3 18.80 -10.35 6.54
N TYR A 4 19.68 -9.58 5.92
CA TYR A 4 19.64 -8.12 6.03
C TYR A 4 18.37 -7.56 5.41
N ILE A 5 17.84 -8.27 4.43
CA ILE A 5 16.62 -7.84 3.75
C ILE A 5 15.44 -7.79 4.72
N LYS A 6 15.51 -8.59 5.77
CA LYS A 6 14.45 -8.63 6.77
C LYS A 6 14.49 -7.39 7.66
N GLU A 7 15.67 -6.78 7.77
CA GLU A 7 15.83 -5.59 8.58
C GLU A 7 15.43 -4.34 7.80
N ARG A 8 15.49 -4.44 6.48
CA ARG A 8 15.13 -3.32 5.61
C ARG A 8 13.67 -2.93 5.80
N THR A 9 12.83 -3.92 6.09
CA THR A 9 11.41 -3.69 6.29
C THR A 9 11.13 -3.20 7.71
N ILE A 10 12.00 -3.57 8.64
CA ILE A 10 11.84 -3.17 10.03
C ILE A 10 11.64 -1.67 10.15
N LYS A 11 12.47 -0.90 9.44
CA LYS A 11 12.37 0.55 9.46
C LYS A 11 11.01 1.02 8.96
N ILE A 12 10.52 0.38 7.90
CA ILE A 12 9.23 0.72 7.33
C ILE A 12 8.09 0.42 8.30
N GLY A 13 8.01 -0.84 8.71
CA GLY A 13 6.97 -1.25 9.64
C GLY A 13 6.97 -0.43 10.92
N LYS A 14 8.15 0.04 11.31
CA LYS A 14 8.28 0.85 12.52
C LYS A 14 8.03 2.32 12.22
N TYR A 15 8.22 2.72 10.96
CA TYR A 15 8.01 4.09 10.56
C TYR A 15 6.53 4.36 10.30
N ILE A 16 5.86 3.42 9.64
CA ILE A 16 4.44 3.55 9.33
C ILE A 16 3.64 3.90 10.59
N VAL A 17 4.06 3.34 11.71
CA VAL A 17 3.38 3.60 12.98
C VAL A 17 3.91 4.87 13.65
N GLU A 18 5.18 5.17 13.38
CA GLU A 18 5.81 6.36 13.96
C GLU A 18 5.22 7.63 13.37
N THR A 19 4.82 7.56 12.10
CA THR A 19 4.24 8.72 11.41
C THR A 19 2.76 8.50 11.15
N LYS A 20 2.34 7.25 11.19
CA LYS A 20 0.94 6.91 10.95
C LYS A 20 0.50 7.29 9.54
N LYS A 21 1.48 7.38 8.64
CA LYS A 21 1.21 7.73 7.25
C LYS A 21 0.85 6.49 6.43
N THR A 22 0.69 6.69 5.13
CA THR A 22 0.34 5.59 4.24
C THR A 22 1.57 5.04 3.54
N VAL A 23 1.46 3.81 3.03
CA VAL A 23 2.58 3.18 2.33
C VAL A 23 3.13 4.08 1.24
N ARG A 24 2.28 4.92 0.68
CA ARG A 24 2.68 5.84 -0.37
C ARG A 24 3.64 6.91 0.16
N VAL A 25 3.40 7.33 1.40
CA VAL A 25 4.24 8.34 2.03
C VAL A 25 5.46 7.71 2.70
N ILE A 26 5.30 6.45 3.12
CA ILE A 26 6.38 5.73 3.78
C ILE A 26 7.36 5.15 2.77
N ALA A 27 6.85 4.82 1.58
CA ALA A 27 7.68 4.26 0.52
C ALA A 27 8.59 5.34 -0.08
N LYS A 28 7.99 6.46 -0.47
CA LYS A 28 8.74 7.56 -1.06
C LYS A 28 9.93 7.94 -0.18
N GLU A 29 9.77 7.76 1.13
CA GLU A 29 10.84 8.09 2.07
C GLU A 29 12.03 7.15 1.89
N PHE A 30 11.74 5.89 1.60
CA PHE A 30 12.79 4.90 1.40
C PHE A 30 13.32 4.94 -0.03
N GLY A 31 12.49 5.45 -0.94
CA GLY A 31 12.90 5.53 -2.33
C GLY A 31 12.47 4.32 -3.13
N VAL A 32 11.26 3.83 -2.87
CA VAL A 32 10.74 2.66 -3.57
C VAL A 32 9.24 2.81 -3.85
N SER A 33 8.72 1.93 -4.70
CA SER A 33 7.31 1.97 -5.05
C SER A 33 6.48 1.13 -4.07
N LYS A 34 5.22 1.53 -3.88
CA LYS A 34 4.33 0.83 -2.98
C LYS A 34 4.28 -0.66 -3.31
N SER A 35 4.33 -0.98 -4.60
CA SER A 35 4.29 -2.35 -5.06
C SER A 35 5.44 -3.16 -4.46
N THR A 36 6.54 -2.47 -4.17
CA THR A 36 7.71 -3.13 -3.60
C THR A 36 7.62 -3.18 -2.08
N VAL A 37 7.26 -2.05 -1.47
CA VAL A 37 7.13 -1.97 -0.02
C VAL A 37 6.10 -2.97 0.50
N HIS A 38 4.86 -2.83 0.03
CA HIS A 38 3.79 -3.72 0.46
C HIS A 38 4.17 -5.18 0.26
N LYS A 39 5.05 -5.42 -0.71
CA LYS A 39 5.52 -6.77 -1.00
C LYS A 39 6.19 -7.39 0.22
N ASP A 40 7.16 -6.68 0.78
CA ASP A 40 7.88 -7.16 1.96
C ASP A 40 7.08 -6.90 3.23
N LEU A 41 6.36 -5.79 3.25
CA LEU A 41 5.55 -5.41 4.41
C LEU A 41 4.50 -6.48 4.71
N THR A 42 4.21 -7.31 3.71
CA THR A 42 3.23 -8.38 3.86
C THR A 42 3.88 -9.75 3.70
N GLU A 43 5.19 -9.76 3.52
CA GLU A 43 5.93 -11.00 3.35
C GLU A 43 7.00 -11.16 4.43
N ARG A 44 8.08 -10.40 4.29
CA ARG A 44 9.17 -10.46 5.26
C ARG A 44 8.76 -9.83 6.59
N LEU A 45 8.18 -8.63 6.52
CA LEU A 45 7.74 -7.92 7.72
C LEU A 45 7.03 -8.87 8.68
N PRO A 46 5.96 -9.51 8.19
CA PRO A 46 5.17 -10.45 8.99
C PRO A 46 5.93 -11.74 9.28
N GLU A 47 6.73 -12.18 8.31
CA GLU A 47 7.51 -13.41 8.46
C GLU A 47 8.45 -13.30 9.65
N ILE A 48 9.12 -12.17 9.77
CA ILE A 48 10.06 -11.95 10.87
C ILE A 48 9.35 -11.35 12.08
N ASN A 49 8.28 -10.61 11.83
CA ASN A 49 7.50 -9.98 12.90
C ASN A 49 6.03 -9.86 12.51
N PRO A 50 5.21 -10.80 13.00
CA PRO A 50 3.77 -10.82 12.72
C PRO A 50 3.03 -9.68 13.42
N ASP A 51 3.44 -9.37 14.64
CA ASP A 51 2.82 -8.29 15.41
C ASP A 51 2.99 -6.96 14.70
N LEU A 52 4.21 -6.65 14.29
CA LEU A 52 4.52 -5.40 13.61
C LEU A 52 3.80 -5.34 12.26
N ALA A 53 3.52 -6.51 11.69
CA ALA A 53 2.84 -6.59 10.40
C ALA A 53 1.40 -6.10 10.51
N ASN A 54 0.84 -6.21 11.71
CA ASN A 54 -0.54 -5.78 11.95
C ASN A 54 -0.65 -4.25 11.87
N GLU A 55 0.39 -3.57 12.33
CA GLU A 55 0.40 -2.10 12.31
C GLU A 55 0.16 -1.58 10.90
N VAL A 56 1.02 -1.99 9.97
CA VAL A 56 0.91 -1.56 8.58
C VAL A 56 -0.43 -1.99 7.98
N LYS A 57 -1.00 -3.06 8.53
CA LYS A 57 -2.28 -3.56 8.05
C LYS A 57 -3.44 -2.75 8.61
N GLU A 58 -3.23 -2.19 9.80
CA GLU A 58 -4.25 -1.37 10.45
C GLU A 58 -4.53 -0.11 9.66
N ILE A 59 -3.47 0.64 9.36
CA ILE A 59 -3.60 1.88 8.60
C ILE A 59 -4.25 1.64 7.25
N LEU A 60 -4.04 0.44 6.70
CA LEU A 60 -4.62 0.09 5.41
C LEU A 60 -6.14 0.10 5.47
N ASP A 61 -6.69 -0.58 6.48
CA ASP A 61 -8.14 -0.64 6.65
C ASP A 61 -8.74 0.76 6.71
N TYR A 62 -7.94 1.73 7.13
CA TYR A 62 -8.40 3.10 7.24
C TYR A 62 -8.24 3.84 5.92
N HIS A 63 -7.26 3.40 5.12
CA HIS A 63 -7.00 4.02 3.83
C HIS A 63 -8.13 3.70 2.83
N LYS A 64 -8.83 2.59 3.09
CA LYS A 64 -9.93 2.18 2.22
C LYS A 64 -11.21 2.90 2.59
N SER A 65 -11.32 3.31 3.85
CA SER A 65 -12.50 4.01 4.33
C SER A 65 -12.67 5.35 3.62
N ILE A 66 -11.62 6.16 3.65
CA ILE A 66 -11.66 7.47 3.02
C ILE A 66 -11.31 7.37 1.54
N ARG A 67 -10.98 6.16 1.09
CA ARG A 67 -10.62 5.91 -0.30
C ARG A 67 -11.68 6.50 -1.24
N HIS A 68 -12.93 6.48 -0.79
CA HIS A 68 -14.04 7.00 -1.58
C HIS A 68 -13.74 8.43 -2.06
N LEU A 69 -13.01 9.17 -1.23
CA LEU A 69 -12.66 10.55 -1.56
C LEU A 69 -11.46 10.60 -2.48
N ARG A 70 -10.50 9.70 -2.24
CA ARG A 70 -9.30 9.64 -3.06
C ARG A 70 -9.61 9.20 -4.49
N GLY A 71 -10.71 8.47 -4.64
CA GLY A 71 -11.12 8.01 -5.95
C GLY A 71 -11.18 9.12 -6.98
N GLY A 72 -11.45 10.34 -6.51
CA GLY A 72 -11.53 11.48 -7.39
C GLY A 72 -10.32 11.61 -8.29
N GLU A 73 -9.18 11.12 -7.81
CA GLU A 73 -7.94 11.19 -8.58
C GLU A 73 -7.89 10.09 -9.63
N ALA A 74 -8.45 8.94 -9.30
CA ALA A 74 -8.47 7.81 -10.23
C ALA A 74 -9.40 8.09 -11.41
N THR A 75 -10.37 8.96 -11.21
CA THR A 75 -11.31 9.32 -12.25
C THR A 75 -10.59 9.89 -13.48
N LYS A 76 -9.72 10.86 -13.24
CA LYS A 76 -8.96 11.48 -14.32
C LYS A 76 -7.85 10.56 -14.81
N LEU A 77 -7.32 9.74 -13.91
CA LEU A 77 -6.25 8.81 -14.25
C LEU A 77 -6.66 7.94 -15.44
N LYS A 78 -7.96 7.71 -15.58
CA LYS A 78 -8.47 6.89 -16.68
C LYS A 78 -8.09 7.49 -18.03
N TYR A 79 -7.98 8.81 -18.07
CA TYR A 79 -7.61 9.51 -19.30
C TYR A 79 -6.13 9.34 -19.61
N LYS A 80 -5.32 9.20 -18.56
CA LYS A 80 -3.88 9.02 -18.71
C LYS A 80 -3.53 7.55 -18.93
N LYS A 81 -3.80 6.73 -17.93
CA LYS A 81 -3.51 5.31 -18.02
C LYS A 81 -4.62 4.49 -17.36
N ASP A 82 -5.04 3.43 -18.04
CA ASP A 82 -6.11 2.56 -17.52
C ASP A 82 -6.07 1.20 -18.20
N GLU A 83 -6.99 0.33 -17.81
CA GLU A 83 -7.05 -1.02 -18.38
C GLU A 83 -8.04 -1.06 -19.54
N ILE A 84 -8.14 -2.22 -20.18
CA ILE A 84 -9.04 -2.40 -21.31
C ILE A 84 -9.78 -3.73 -21.22
N LEU A 85 -10.80 -3.77 -20.35
CA LEU A 85 -11.59 -4.98 -20.17
C LEU A 85 -13.08 -4.67 -20.24
N GLU A 86 -13.88 -5.67 -20.61
CA GLU A 86 -15.32 -5.50 -20.72
C GLU A 86 -15.97 -5.47 -19.33
N GLY A 87 -16.75 -4.44 -19.07
CA GLY A 87 -17.40 -4.31 -17.78
C GLY A 87 -18.51 -3.26 -17.79
N GLU A 88 -19.19 -3.14 -18.93
CA GLU A 88 -20.27 -2.16 -19.06
C GLU A 88 -21.27 -2.29 -17.91
N PRO A 89 -22.00 -1.20 -17.64
CA PRO A 89 -23.00 -1.16 -16.57
C PRO A 89 -24.22 -2.02 -16.88
N VAL A 90 -25.18 -2.02 -15.97
CA VAL A 90 -26.41 -2.80 -16.14
C VAL A 90 -27.63 -1.90 -16.27
N GLN A 91 -28.41 -2.12 -17.32
CA GLN A 91 -29.61 -1.32 -17.55
C GLN A 91 -30.67 -2.14 -18.28
N GLN A 92 -31.90 -1.62 -18.29
CA GLN A 92 -33.00 -2.30 -18.95
C GLN A 92 -32.83 -2.28 -20.46
N SER A 93 -32.62 -3.45 -21.05
CA SER A 93 -32.42 -3.56 -22.49
C SER A 93 -33.66 -4.20 -23.15
N MET A 1 20.36 -15.64 3.97
CA MET A 1 20.58 -14.75 2.84
C MET A 1 19.60 -13.58 2.86
N HIS A 2 18.35 -13.87 3.23
CA HIS A 2 17.32 -12.85 3.29
C HIS A 2 17.16 -12.33 4.72
N ASP A 3 18.21 -12.42 5.50
CA ASP A 3 18.19 -11.97 6.89
C ASP A 3 18.21 -10.45 6.97
N TYR A 4 18.89 -9.82 6.01
CA TYR A 4 18.99 -8.37 5.97
C TYR A 4 17.75 -7.76 5.32
N ILE A 5 17.21 -8.47 4.33
CA ILE A 5 16.02 -7.99 3.62
C ILE A 5 14.82 -7.91 4.57
N LYS A 6 14.84 -8.72 5.61
CA LYS A 6 13.76 -8.73 6.59
C LYS A 6 13.79 -7.48 7.46
N GLU A 7 14.99 -6.91 7.61
CA GLU A 7 15.16 -5.71 8.43
C GLU A 7 14.82 -4.46 7.63
N ARG A 8 14.92 -4.55 6.31
CA ARG A 8 14.63 -3.43 5.43
C ARG A 8 13.17 -2.99 5.58
N THR A 9 12.29 -3.95 5.86
CA THR A 9 10.87 -3.66 6.02
C THR A 9 10.58 -3.16 7.44
N ILE A 10 11.41 -3.57 8.38
CA ILE A 10 11.23 -3.16 9.78
C ILE A 10 11.06 -1.66 9.88
N LYS A 11 11.93 -0.92 9.20
CA LYS A 11 11.88 0.53 9.21
C LYS A 11 10.56 1.04 8.65
N ILE A 12 10.11 0.43 7.57
CA ILE A 12 8.84 0.81 6.94
C ILE A 12 7.66 0.52 7.85
N GLY A 13 7.52 -0.73 8.26
CA GLY A 13 6.44 -1.12 9.13
C GLY A 13 6.37 -0.28 10.39
N LYS A 14 7.53 0.16 10.86
CA LYS A 14 7.60 0.98 12.07
C LYS A 14 7.41 2.45 11.73
N TYR A 15 7.70 2.83 10.49
CA TYR A 15 7.55 4.21 10.05
C TYR A 15 6.09 4.52 9.72
N ILE A 16 5.42 3.56 9.07
CA ILE A 16 4.02 3.74 8.70
C ILE A 16 3.16 4.10 9.91
N VAL A 17 3.54 3.55 11.07
CA VAL A 17 2.81 3.82 12.30
C VAL A 17 3.31 5.09 12.97
N GLU A 18 4.58 5.42 12.76
CA GLU A 18 5.18 6.61 13.34
C GLU A 18 4.69 7.87 12.63
N THR A 19 4.30 7.72 11.36
CA THR A 19 3.81 8.84 10.58
C THR A 19 2.33 8.66 10.23
N LYS A 20 1.84 7.43 10.37
CA LYS A 20 0.44 7.13 10.07
C LYS A 20 0.10 7.54 8.64
N LYS A 21 1.10 7.57 7.77
CA LYS A 21 0.90 7.94 6.38
C LYS A 21 0.57 6.71 5.54
N THR A 22 0.46 6.92 4.22
CA THR A 22 0.15 5.83 3.31
C THR A 22 1.42 5.23 2.71
N VAL A 23 1.32 4.01 2.22
CA VAL A 23 2.46 3.33 1.61
C VAL A 23 3.10 4.19 0.53
N ARG A 24 2.30 5.04 -0.10
CA ARG A 24 2.78 5.92 -1.16
C ARG A 24 3.72 6.98 -0.58
N VAL A 25 3.43 7.43 0.63
CA VAL A 25 4.25 8.44 1.29
C VAL A 25 5.42 7.81 2.04
N ILE A 26 5.21 6.56 2.48
CA ILE A 26 6.24 5.84 3.22
C ILE A 26 7.27 5.23 2.26
N ALA A 27 6.81 4.87 1.06
CA ALA A 27 7.68 4.28 0.07
C ALA A 27 8.63 5.32 -0.54
N LYS A 28 8.06 6.44 -0.97
CA LYS A 28 8.84 7.51 -1.57
C LYS A 28 10.00 7.90 -0.66
N GLU A 29 9.79 7.76 0.65
CA GLU A 29 10.81 8.10 1.62
C GLU A 29 12.01 7.16 1.53
N PHE A 30 11.72 5.88 1.25
CA PHE A 30 12.77 4.87 1.13
C PHE A 30 13.37 4.88 -0.27
N GLY A 31 12.59 5.37 -1.24
CA GLY A 31 13.07 5.42 -2.61
C GLY A 31 12.65 4.20 -3.41
N VAL A 32 11.44 3.72 -3.17
CA VAL A 32 10.93 2.54 -3.87
C VAL A 32 9.46 2.72 -4.25
N SER A 33 8.97 1.83 -5.11
CA SER A 33 7.58 1.90 -5.55
C SER A 33 6.66 1.18 -4.57
N LYS A 34 5.42 1.65 -4.48
CA LYS A 34 4.44 1.05 -3.58
C LYS A 34 4.34 -0.45 -3.81
N SER A 35 4.46 -0.87 -5.07
CA SER A 35 4.38 -2.28 -5.42
C SER A 35 5.52 -3.06 -4.76
N THR A 36 6.67 -2.42 -4.62
CA THR A 36 7.84 -3.05 -4.02
C THR A 36 7.71 -3.09 -2.50
N VAL A 37 7.17 -2.01 -1.93
CA VAL A 37 6.99 -1.92 -0.48
C VAL A 37 5.90 -2.87 0.00
N HIS A 38 4.69 -2.68 -0.51
CA HIS A 38 3.56 -3.52 -0.12
C HIS A 38 3.90 -5.00 -0.30
N LYS A 39 4.81 -5.28 -1.23
CA LYS A 39 5.23 -6.65 -1.50
C LYS A 39 5.83 -7.29 -0.26
N ASP A 40 6.78 -6.60 0.36
CA ASP A 40 7.43 -7.10 1.56
C ASP A 40 6.60 -6.79 2.81
N LEU A 41 5.92 -5.65 2.79
CA LEU A 41 5.09 -5.25 3.92
C LEU A 41 3.98 -6.27 4.17
N THR A 42 3.71 -7.10 3.16
CA THR A 42 2.67 -8.11 3.28
C THR A 42 3.26 -9.51 3.16
N GLU A 43 4.59 -9.59 3.05
CA GLU A 43 5.28 -10.86 2.93
C GLU A 43 6.30 -11.04 4.04
N ARG A 44 7.42 -10.32 3.93
CA ARG A 44 8.47 -10.40 4.94
C ARG A 44 8.03 -9.75 6.25
N LEU A 45 7.48 -8.55 6.15
CA LEU A 45 7.02 -7.82 7.32
C LEU A 45 6.24 -8.73 8.25
N PRO A 46 5.16 -9.32 7.73
CA PRO A 46 4.30 -10.24 8.50
C PRO A 46 5.01 -11.55 8.82
N GLU A 47 5.87 -12.00 7.91
CA GLU A 47 6.60 -13.24 8.10
C GLU A 47 7.50 -13.16 9.33
N ILE A 48 8.20 -12.05 9.47
CA ILE A 48 9.10 -11.84 10.60
C ILE A 48 8.37 -11.21 11.78
N ASN A 49 7.30 -10.47 11.49
CA ASN A 49 6.51 -9.81 12.51
C ASN A 49 5.05 -9.69 12.09
N PRO A 50 4.21 -10.60 12.60
CA PRO A 50 2.78 -10.62 12.29
C PRO A 50 2.04 -9.45 12.92
N ASP A 51 2.43 -9.11 14.15
CA ASP A 51 1.80 -8.00 14.86
C ASP A 51 2.06 -6.67 14.15
N LEU A 52 3.32 -6.42 13.82
CA LEU A 52 3.70 -5.19 13.13
C LEU A 52 3.05 -5.10 11.76
N ALA A 53 2.74 -6.27 11.18
CA ALA A 53 2.11 -6.32 9.86
C ALA A 53 0.69 -5.74 9.92
N ASN A 54 0.07 -5.80 11.10
CA ASN A 54 -1.27 -5.29 11.28
C ASN A 54 -1.30 -3.76 11.18
N GLU A 55 -0.26 -3.13 11.70
CA GLU A 55 -0.17 -1.67 11.66
C GLU A 55 -0.36 -1.15 10.25
N VAL A 56 0.47 -1.61 9.33
CA VAL A 56 0.39 -1.19 7.93
C VAL A 56 -0.94 -1.59 7.32
N LYS A 57 -1.55 -2.66 7.85
CA LYS A 57 -2.83 -3.14 7.35
C LYS A 57 -3.97 -2.25 7.84
N GLU A 58 -3.79 -1.63 9.00
CA GLU A 58 -4.80 -0.76 9.57
C GLU A 58 -5.01 0.48 8.68
N ILE A 59 -3.93 1.18 8.38
CA ILE A 59 -3.99 2.37 7.55
C ILE A 59 -4.62 2.06 6.19
N LEU A 60 -4.37 0.84 5.70
CA LEU A 60 -4.90 0.42 4.42
C LEU A 60 -6.42 0.48 4.40
N ASP A 61 -7.03 -0.06 5.45
CA ASP A 61 -8.48 -0.07 5.57
C ASP A 61 -9.04 1.36 5.56
N TYR A 62 -8.22 2.31 5.97
CA TYR A 62 -8.62 3.71 6.01
C TYR A 62 -8.39 4.38 4.65
N HIS A 63 -7.45 3.83 3.89
CA HIS A 63 -7.13 4.38 2.56
C HIS A 63 -8.34 4.29 1.64
N LYS A 64 -9.25 3.37 1.94
CA LYS A 64 -10.44 3.19 1.13
C LYS A 64 -11.54 4.17 1.55
N SER A 65 -11.49 4.59 2.81
CA SER A 65 -12.48 5.52 3.33
C SER A 65 -12.40 6.86 2.60
N ILE A 66 -11.21 7.46 2.57
CA ILE A 66 -11.01 8.73 1.91
C ILE A 66 -10.77 8.54 0.40
N ARG A 67 -10.71 7.29 -0.02
CA ARG A 67 -10.49 6.96 -1.42
C ARG A 67 -11.46 7.74 -2.32
N HIS A 68 -12.70 7.85 -1.88
CA HIS A 68 -13.73 8.57 -2.62
C HIS A 68 -13.24 9.97 -3.01
N LEU A 69 -12.43 10.56 -2.14
CA LEU A 69 -11.89 11.89 -2.39
C LEU A 69 -10.69 11.84 -3.33
N ARG A 70 -9.94 10.75 -3.24
CA ARG A 70 -8.76 10.57 -4.09
C ARG A 70 -9.17 10.24 -5.52
N GLY A 71 -10.35 9.66 -5.66
CA GLY A 71 -10.84 9.28 -6.99
C GLY A 71 -10.78 10.43 -7.97
N GLY A 72 -10.87 11.65 -7.46
CA GLY A 72 -10.83 12.82 -8.31
C GLY A 72 -9.62 12.82 -9.24
N GLU A 73 -8.55 12.18 -8.80
CA GLU A 73 -7.33 12.11 -9.59
C GLU A 73 -7.40 10.96 -10.59
N ALA A 74 -7.84 9.80 -10.13
CA ALA A 74 -7.96 8.62 -10.98
C ALA A 74 -8.83 8.91 -12.20
N THR A 75 -9.72 9.89 -12.07
CA THR A 75 -10.62 10.26 -13.15
C THR A 75 -9.84 10.89 -14.31
N LYS A 76 -9.06 11.92 -14.00
CA LYS A 76 -8.26 12.60 -15.01
C LYS A 76 -7.06 11.76 -15.41
N LEU A 77 -6.55 10.98 -14.47
CA LEU A 77 -5.39 10.13 -14.72
C LEU A 77 -5.63 9.25 -15.95
N LYS A 78 -6.89 8.93 -16.21
CA LYS A 78 -7.25 8.10 -17.35
C LYS A 78 -6.84 8.77 -18.67
N TYR A 79 -6.85 10.10 -18.67
CA TYR A 79 -6.49 10.85 -19.86
C TYR A 79 -4.97 10.88 -20.05
N LYS A 80 -4.25 10.80 -18.94
CA LYS A 80 -2.79 10.81 -18.97
C LYS A 80 -2.25 9.49 -19.49
N LYS A 81 -2.72 8.39 -18.90
CA LYS A 81 -2.28 7.06 -19.30
C LYS A 81 -3.48 6.16 -19.60
N ASP A 82 -4.16 5.71 -18.56
CA ASP A 82 -5.32 4.85 -18.73
C ASP A 82 -6.10 4.75 -17.42
N GLU A 83 -7.35 4.28 -17.51
CA GLU A 83 -8.20 4.13 -16.33
C GLU A 83 -7.97 2.77 -15.67
N ILE A 84 -8.30 2.69 -14.39
CA ILE A 84 -8.14 1.44 -13.64
C ILE A 84 -9.44 1.02 -12.97
N LEU A 85 -10.40 0.60 -13.79
CA LEU A 85 -11.70 0.16 -13.28
C LEU A 85 -11.96 -1.30 -13.65
N GLU A 86 -13.20 -1.74 -13.41
CA GLU A 86 -13.58 -3.12 -13.71
C GLU A 86 -14.39 -3.18 -15.00
N GLY A 87 -14.18 -4.24 -15.78
CA GLY A 87 -14.91 -4.40 -17.03
C GLY A 87 -15.55 -5.77 -17.16
N GLU A 88 -16.31 -6.16 -16.13
CA GLU A 88 -16.98 -7.46 -16.14
C GLU A 88 -18.41 -7.32 -16.64
N PRO A 89 -19.00 -8.45 -17.07
CA PRO A 89 -20.37 -8.49 -17.59
C PRO A 89 -21.40 -8.25 -16.50
N VAL A 90 -22.68 -8.24 -16.89
CA VAL A 90 -23.77 -8.02 -15.95
C VAL A 90 -24.72 -9.21 -15.92
N GLN A 91 -25.26 -9.51 -14.74
CA GLN A 91 -26.18 -10.63 -14.59
C GLN A 91 -27.33 -10.25 -13.65
N GLN A 92 -28.54 -10.68 -14.00
CA GLN A 92 -29.72 -10.39 -13.19
C GLN A 92 -30.68 -11.58 -13.18
N SER A 93 -31.48 -11.68 -12.13
CA SER A 93 -32.44 -12.77 -12.01
C SER A 93 -33.86 -12.23 -11.89
N MET A 1 15.99 -18.50 1.73
CA MET A 1 15.80 -17.90 3.04
C MET A 1 15.50 -16.41 2.91
N HIS A 2 16.43 -15.66 2.33
CA HIS A 2 16.26 -14.22 2.14
C HIS A 2 15.95 -13.55 3.47
N ASP A 3 16.72 -13.87 4.50
CA ASP A 3 16.53 -13.29 5.82
C ASP A 3 16.57 -11.77 5.76
N TYR A 4 17.54 -11.24 5.01
CA TYR A 4 17.69 -9.80 4.86
C TYR A 4 16.38 -9.15 4.44
N ILE A 5 15.61 -9.85 3.61
CA ILE A 5 14.33 -9.35 3.15
C ILE A 5 13.42 -8.99 4.31
N LYS A 6 13.62 -9.64 5.44
CA LYS A 6 12.82 -9.38 6.64
C LYS A 6 13.23 -8.06 7.29
N GLU A 7 14.48 -7.65 7.07
CA GLU A 7 14.98 -6.41 7.63
C GLU A 7 14.60 -5.22 6.76
N ARG A 8 14.37 -5.48 5.48
CA ARG A 8 13.99 -4.44 4.53
C ARG A 8 12.66 -3.79 4.94
N THR A 9 11.78 -4.58 5.54
CA THR A 9 10.48 -4.09 5.97
C THR A 9 10.58 -3.38 7.32
N ILE A 10 11.57 -3.77 8.11
CA ILE A 10 11.78 -3.17 9.42
C ILE A 10 11.83 -1.65 9.33
N LYS A 11 12.60 -1.14 8.38
CA LYS A 11 12.73 0.29 8.19
C LYS A 11 11.37 0.93 7.86
N ILE A 12 10.60 0.25 7.02
CA ILE A 12 9.29 0.73 6.63
C ILE A 12 8.33 0.76 7.81
N GLY A 13 8.14 -0.40 8.44
CA GLY A 13 7.25 -0.50 9.58
C GLY A 13 7.63 0.47 10.69
N LYS A 14 8.92 0.77 10.79
CA LYS A 14 9.41 1.68 11.81
C LYS A 14 9.32 3.13 11.34
N TYR A 15 9.31 3.32 10.02
CA TYR A 15 9.23 4.65 9.43
C TYR A 15 7.79 5.15 9.41
N ILE A 16 6.88 4.26 9.04
CA ILE A 16 5.46 4.60 8.97
C ILE A 16 4.99 5.26 10.26
N VAL A 17 5.54 4.81 11.39
CA VAL A 17 5.18 5.35 12.68
C VAL A 17 6.03 6.58 13.02
N GLU A 18 7.24 6.62 12.48
CA GLU A 18 8.14 7.74 12.72
C GLU A 18 7.61 9.02 12.08
N THR A 19 6.94 8.86 10.94
CA THR A 19 6.38 10.01 10.23
C THR A 19 4.84 10.00 10.29
N LYS A 20 4.28 8.83 10.57
CA LYS A 20 2.83 8.70 10.67
C LYS A 20 2.17 9.00 9.33
N LYS A 21 2.85 8.65 8.24
CA LYS A 21 2.32 8.88 6.91
C LYS A 21 1.69 7.61 6.35
N THR A 22 1.23 7.68 5.10
CA THR A 22 0.62 6.54 4.45
C THR A 22 1.62 5.74 3.64
N VAL A 23 1.31 4.48 3.38
CA VAL A 23 2.20 3.61 2.63
C VAL A 23 2.62 4.25 1.31
N ARG A 24 1.75 5.11 0.79
CA ARG A 24 2.02 5.80 -0.47
C ARG A 24 3.20 6.76 -0.32
N VAL A 25 3.30 7.39 0.84
CA VAL A 25 4.38 8.33 1.11
C VAL A 25 5.62 7.61 1.64
N ILE A 26 5.40 6.47 2.29
CA ILE A 26 6.49 5.69 2.84
C ILE A 26 7.17 4.85 1.76
N ALA A 27 6.40 4.45 0.76
CA ALA A 27 6.91 3.65 -0.34
C ALA A 27 7.81 4.49 -1.25
N LYS A 28 7.28 5.61 -1.71
CA LYS A 28 8.03 6.50 -2.59
C LYS A 28 9.39 6.83 -2.00
N GLU A 29 9.48 6.84 -0.68
CA GLU A 29 10.74 7.14 0.00
C GLU A 29 11.75 6.00 -0.20
N PHE A 30 11.25 4.77 -0.18
CA PHE A 30 12.11 3.60 -0.36
C PHE A 30 12.41 3.37 -1.84
N GLY A 31 11.54 3.89 -2.71
CA GLY A 31 11.72 3.72 -4.14
C GLY A 31 10.89 2.60 -4.70
N VAL A 32 9.85 2.21 -3.98
CA VAL A 32 8.96 1.13 -4.42
C VAL A 32 7.50 1.56 -4.36
N SER A 33 6.64 0.74 -4.94
CA SER A 33 5.20 1.04 -4.95
C SER A 33 4.54 0.59 -3.66
N LYS A 34 3.23 0.80 -3.57
CA LYS A 34 2.47 0.43 -2.38
C LYS A 34 2.06 -1.04 -2.44
N SER A 35 1.81 -1.53 -3.65
CA SER A 35 1.40 -2.92 -3.85
C SER A 35 2.51 -3.87 -3.41
N THR A 36 3.75 -3.39 -3.48
CA THR A 36 4.90 -4.20 -3.09
C THR A 36 5.18 -4.09 -1.60
N VAL A 37 5.10 -2.86 -1.08
CA VAL A 37 5.34 -2.61 0.34
C VAL A 37 4.30 -3.33 1.20
N HIS A 38 3.03 -2.99 1.00
CA HIS A 38 1.94 -3.59 1.76
C HIS A 38 2.04 -5.12 1.73
N LYS A 39 2.64 -5.64 0.66
CA LYS A 39 2.80 -7.09 0.52
C LYS A 39 3.63 -7.66 1.66
N ASP A 40 4.74 -7.01 1.96
CA ASP A 40 5.62 -7.46 3.03
C ASP A 40 5.18 -6.90 4.38
N LEU A 41 4.66 -5.67 4.34
CA LEU A 41 4.19 -5.01 5.56
C LEU A 41 3.07 -5.81 6.21
N THR A 42 2.45 -6.70 5.44
CA THR A 42 1.35 -7.52 5.94
C THR A 42 1.72 -9.00 5.91
N GLU A 43 2.95 -9.28 5.52
CA GLU A 43 3.44 -10.66 5.45
C GLU A 43 4.67 -10.86 6.31
N ARG A 44 5.81 -10.34 5.84
CA ARG A 44 7.06 -10.46 6.56
C ARG A 44 7.04 -9.60 7.82
N LEU A 45 6.65 -8.34 7.66
CA LEU A 45 6.58 -7.42 8.79
C LEU A 45 5.95 -8.08 10.01
N PRO A 46 4.71 -8.56 9.84
CA PRO A 46 3.97 -9.23 10.92
C PRO A 46 4.55 -10.59 11.27
N GLU A 47 5.14 -11.25 10.27
CA GLU A 47 5.74 -12.57 10.48
C GLU A 47 6.93 -12.48 11.42
N ILE A 48 7.76 -11.45 11.23
CA ILE A 48 8.93 -11.26 12.07
C ILE A 48 8.60 -10.37 13.28
N ASN A 49 7.58 -9.55 13.13
CA ASN A 49 7.17 -8.65 14.21
C ASN A 49 5.67 -8.37 14.16
N PRO A 50 4.91 -9.09 14.99
CA PRO A 50 3.45 -8.95 15.05
C PRO A 50 3.03 -7.61 15.65
N ASP A 51 3.77 -7.15 16.64
CA ASP A 51 3.48 -5.89 17.31
C ASP A 51 3.70 -4.72 16.36
N LEU A 52 4.86 -4.70 15.72
CA LEU A 52 5.19 -3.64 14.78
C LEU A 52 4.24 -3.63 13.59
N ALA A 53 3.66 -4.79 13.29
CA ALA A 53 2.72 -4.91 12.18
C ALA A 53 1.45 -4.13 12.46
N ASN A 54 1.13 -3.96 13.74
CA ASN A 54 -0.07 -3.23 14.14
C ASN A 54 0.06 -1.74 13.82
N GLU A 55 1.27 -1.23 13.93
CA GLU A 55 1.54 0.18 13.65
C GLU A 55 1.03 0.56 12.26
N VAL A 56 1.54 -0.13 11.25
CA VAL A 56 1.14 0.12 9.86
C VAL A 56 -0.35 -0.14 9.66
N LYS A 57 -0.90 -1.03 10.48
CA LYS A 57 -2.32 -1.38 10.40
C LYS A 57 -3.19 -0.29 11.02
N GLU A 58 -2.63 0.42 11.99
CA GLU A 58 -3.36 1.50 12.65
C GLU A 58 -3.64 2.65 11.69
N ILE A 59 -2.58 3.16 11.06
CA ILE A 59 -2.71 4.26 10.12
C ILE A 59 -3.68 3.91 9.00
N LEU A 60 -3.77 2.62 8.68
CA LEU A 60 -4.67 2.15 7.62
C LEU A 60 -6.12 2.45 7.97
N ASP A 61 -6.51 2.08 9.19
CA ASP A 61 -7.88 2.30 9.65
C ASP A 61 -8.25 3.78 9.56
N TYR A 62 -7.24 4.64 9.61
CA TYR A 62 -7.47 6.08 9.54
C TYR A 62 -7.51 6.54 8.08
N HIS A 63 -6.84 5.79 7.21
CA HIS A 63 -6.80 6.13 5.79
C HIS A 63 -8.15 5.85 5.13
N LYS A 64 -8.93 4.95 5.73
CA LYS A 64 -10.23 4.59 5.19
C LYS A 64 -11.29 5.58 5.66
N SER A 65 -11.05 6.21 6.81
CA SER A 65 -11.99 7.18 7.35
C SER A 65 -12.14 8.38 6.43
N ILE A 66 -11.01 9.00 6.08
CA ILE A 66 -11.01 10.15 5.19
C ILE A 66 -11.02 9.73 3.73
N ARG A 67 -10.96 8.42 3.50
CA ARG A 67 -10.96 7.88 2.14
C ARG A 67 -12.11 8.47 1.33
N HIS A 68 -13.27 8.61 1.98
CA HIS A 68 -14.44 9.16 1.30
C HIS A 68 -14.12 10.48 0.63
N LEU A 69 -13.20 11.24 1.22
CA LEU A 69 -12.81 12.53 0.67
C LEU A 69 -11.80 12.35 -0.46
N ARG A 70 -10.97 11.31 -0.35
CA ARG A 70 -9.96 11.03 -1.37
C ARG A 70 -10.60 10.40 -2.60
N GLY A 71 -11.75 9.75 -2.41
CA GLY A 71 -12.44 9.11 -3.52
C GLY A 71 -12.63 10.06 -4.69
N GLY A 72 -12.74 11.35 -4.40
CA GLY A 72 -12.94 12.34 -5.45
C GLY A 72 -11.90 12.24 -6.55
N GLU A 73 -10.67 11.91 -6.16
CA GLU A 73 -9.58 11.78 -7.13
C GLU A 73 -9.57 10.39 -7.76
N ALA A 74 -9.83 9.37 -6.95
CA ALA A 74 -9.85 8.00 -7.43
C ALA A 74 -10.88 7.82 -8.55
N THR A 75 -11.88 8.69 -8.56
CA THR A 75 -12.92 8.63 -9.58
C THR A 75 -12.37 8.92 -10.96
N LYS A 76 -11.68 10.05 -11.09
CA LYS A 76 -11.09 10.44 -12.36
C LYS A 76 -9.94 9.52 -12.74
N LEU A 77 -9.27 8.98 -11.72
CA LEU A 77 -8.14 8.07 -11.94
C LEU A 77 -8.56 6.89 -12.82
N LYS A 78 -9.84 6.55 -12.77
CA LYS A 78 -10.37 5.45 -13.57
C LYS A 78 -10.69 5.91 -14.99
N TYR A 79 -10.87 7.20 -15.16
CA TYR A 79 -11.19 7.77 -16.46
C TYR A 79 -9.92 8.06 -17.26
N LYS A 80 -8.77 7.95 -16.59
CA LYS A 80 -7.48 8.19 -17.22
C LYS A 80 -7.25 7.21 -18.37
N LYS A 81 -7.06 5.94 -18.03
CA LYS A 81 -6.82 4.90 -19.02
C LYS A 81 -7.63 3.64 -18.70
N ASP A 82 -8.51 3.76 -17.71
CA ASP A 82 -9.34 2.63 -17.31
C ASP A 82 -10.78 2.82 -17.76
N GLU A 83 -11.03 3.93 -18.46
CA GLU A 83 -12.37 4.24 -18.95
C GLU A 83 -12.95 3.06 -19.73
N ILE A 84 -14.25 3.13 -20.01
CA ILE A 84 -14.93 2.07 -20.76
C ILE A 84 -15.52 2.60 -22.05
N LEU A 85 -14.68 2.79 -23.06
CA LEU A 85 -15.12 3.29 -24.36
C LEU A 85 -15.30 2.14 -25.35
N GLU A 86 -16.21 2.33 -26.30
CA GLU A 86 -16.47 1.32 -27.31
C GLU A 86 -15.17 0.86 -27.99
N GLY A 87 -14.71 -0.32 -27.62
CA GLY A 87 -13.49 -0.85 -28.20
C GLY A 87 -12.89 -1.97 -27.36
N GLU A 88 -13.65 -3.05 -27.18
CA GLU A 88 -13.18 -4.19 -26.40
C GLU A 88 -13.06 -5.43 -27.27
N PRO A 89 -12.28 -6.41 -26.80
CA PRO A 89 -12.05 -7.67 -27.52
C PRO A 89 -13.30 -8.55 -27.55
N VAL A 90 -13.13 -9.78 -28.02
CA VAL A 90 -14.24 -10.72 -28.11
C VAL A 90 -13.84 -12.09 -27.59
N GLN A 91 -12.64 -12.53 -27.95
CA GLN A 91 -12.14 -13.83 -27.52
C GLN A 91 -11.38 -13.71 -26.21
N GLN A 92 -11.99 -14.18 -25.13
CA GLN A 92 -11.36 -14.13 -23.81
C GLN A 92 -12.15 -14.94 -22.80
N SER A 93 -11.62 -16.10 -22.41
CA SER A 93 -12.28 -16.97 -21.44
C SER A 93 -11.27 -17.56 -20.47
N MET A 1 19.64 -13.59 0.48
CA MET A 1 19.26 -12.50 1.38
C MET A 1 17.76 -12.53 1.65
N HIS A 2 17.32 -13.48 2.46
CA HIS A 2 15.91 -13.62 2.81
C HIS A 2 15.64 -13.07 4.21
N ASP A 3 16.55 -13.35 5.13
CA ASP A 3 16.41 -12.88 6.51
C ASP A 3 16.83 -11.42 6.63
N TYR A 4 17.80 -11.03 5.83
CA TYR A 4 18.30 -9.65 5.86
C TYR A 4 17.29 -8.70 5.23
N ILE A 5 16.54 -9.20 4.25
CA ILE A 5 15.54 -8.39 3.57
C ILE A 5 14.25 -8.33 4.38
N LYS A 6 14.01 -9.35 5.19
CA LYS A 6 12.82 -9.41 6.02
C LYS A 6 12.69 -8.16 6.90
N GLU A 7 13.83 -7.54 7.19
CA GLU A 7 13.85 -6.34 8.02
C GLU A 7 13.55 -5.10 7.17
N ARG A 8 13.81 -5.19 5.88
CA ARG A 8 13.57 -4.07 4.97
C ARG A 8 12.11 -3.60 5.07
N THR A 9 11.21 -4.54 5.33
CA THR A 9 9.79 -4.21 5.44
C THR A 9 9.46 -3.70 6.83
N ILE A 10 10.21 -4.15 7.82
CA ILE A 10 10.00 -3.72 9.21
C ILE A 10 9.93 -2.21 9.31
N LYS A 11 10.89 -1.53 8.70
CA LYS A 11 10.93 -0.07 8.72
C LYS A 11 9.63 0.51 8.15
N ILE A 12 9.13 -0.09 7.08
CA ILE A 12 7.91 0.37 6.44
C ILE A 12 6.71 0.18 7.36
N GLY A 13 6.49 -1.07 7.78
CA GLY A 13 5.37 -1.36 8.65
C GLY A 13 5.39 -0.54 9.93
N LYS A 14 6.59 -0.18 10.37
CA LYS A 14 6.75 0.61 11.58
C LYS A 14 6.64 2.11 11.27
N TYR A 15 6.94 2.47 10.03
CA TYR A 15 6.87 3.87 9.61
C TYR A 15 5.43 4.27 9.29
N ILE A 16 4.72 3.39 8.59
CA ILE A 16 3.34 3.65 8.21
C ILE A 16 2.51 4.09 9.42
N VAL A 17 2.81 3.50 10.58
CA VAL A 17 2.11 3.84 11.80
C VAL A 17 2.73 5.04 12.50
N GLU A 18 4.04 5.21 12.30
CA GLU A 18 4.76 6.32 12.91
C GLU A 18 4.31 7.66 12.32
N THR A 19 3.93 7.63 11.04
CA THR A 19 3.48 8.84 10.35
C THR A 19 1.99 8.75 10.01
N LYS A 20 1.46 7.53 10.00
CA LYS A 20 0.05 7.31 9.69
C LYS A 20 -0.27 7.73 8.26
N LYS A 21 0.75 7.68 7.39
CA LYS A 21 0.58 8.07 5.99
C LYS A 21 0.15 6.87 5.16
N THR A 22 0.05 7.07 3.84
CA THR A 22 -0.36 6.01 2.94
C THR A 22 0.86 5.36 2.28
N VAL A 23 0.67 4.15 1.76
CA VAL A 23 1.75 3.42 1.11
C VAL A 23 2.42 4.28 0.04
N ARG A 24 1.63 5.18 -0.56
CA ARG A 24 2.15 6.06 -1.59
C ARG A 24 3.19 7.04 -1.03
N VAL A 25 2.94 7.49 0.19
CA VAL A 25 3.85 8.42 0.85
C VAL A 25 4.98 7.69 1.57
N ILE A 26 4.70 6.45 1.99
CA ILE A 26 5.69 5.65 2.68
C ILE A 26 6.66 5.00 1.69
N ALA A 27 6.18 4.71 0.50
CA ALA A 27 7.00 4.10 -0.53
C ALA A 27 8.02 5.08 -1.09
N LYS A 28 7.53 6.25 -1.49
CA LYS A 28 8.40 7.28 -2.05
C LYS A 28 9.58 7.56 -1.12
N GLU A 29 9.35 7.38 0.19
CA GLU A 29 10.39 7.61 1.18
C GLU A 29 11.51 6.58 1.05
N PHE A 30 11.13 5.34 0.75
CA PHE A 30 12.10 4.26 0.60
C PHE A 30 12.70 4.25 -0.81
N GLY A 31 11.97 4.85 -1.76
CA GLY A 31 12.44 4.90 -3.12
C GLY A 31 11.96 3.72 -3.95
N VAL A 32 10.74 3.27 -3.69
CA VAL A 32 10.16 2.15 -4.41
C VAL A 32 8.71 2.42 -4.77
N SER A 33 8.14 1.54 -5.59
CA SER A 33 6.75 1.68 -6.02
C SER A 33 5.81 0.98 -5.05
N LYS A 34 4.58 1.51 -4.93
CA LYS A 34 3.58 0.93 -4.04
C LYS A 34 3.42 -0.57 -4.30
N SER A 35 3.49 -0.95 -5.57
CA SER A 35 3.34 -2.36 -5.94
C SER A 35 4.43 -3.20 -5.30
N THR A 36 5.63 -2.64 -5.19
CA THR A 36 6.76 -3.33 -4.60
C THR A 36 6.65 -3.38 -3.08
N VAL A 37 6.16 -2.29 -2.50
CA VAL A 37 6.00 -2.21 -1.05
C VAL A 37 4.85 -3.10 -0.57
N HIS A 38 3.65 -2.84 -1.07
CA HIS A 38 2.48 -3.62 -0.69
C HIS A 38 2.74 -5.10 -0.89
N LYS A 39 3.62 -5.43 -1.83
CA LYS A 39 3.96 -6.83 -2.12
C LYS A 39 4.51 -7.51 -0.88
N ASP A 40 5.52 -6.90 -0.26
CA ASP A 40 6.14 -7.46 0.94
C ASP A 40 5.32 -7.11 2.18
N LEU A 41 4.74 -5.91 2.18
CA LEU A 41 3.93 -5.46 3.31
C LEU A 41 2.75 -6.40 3.56
N THR A 42 2.42 -7.20 2.55
CA THR A 42 1.31 -8.15 2.66
C THR A 42 1.81 -9.58 2.53
N GLU A 43 3.13 -9.74 2.39
CA GLU A 43 3.73 -11.06 2.25
C GLU A 43 4.73 -11.32 3.36
N ARG A 44 5.88 -10.68 3.27
CA ARG A 44 6.94 -10.84 4.27
C ARG A 44 6.55 -10.17 5.59
N LEU A 45 6.10 -8.92 5.50
CA LEU A 45 5.69 -8.18 6.68
C LEU A 45 4.85 -9.04 7.62
N PRO A 46 3.73 -9.57 7.09
CA PRO A 46 2.83 -10.42 7.86
C PRO A 46 3.44 -11.78 8.18
N GLU A 47 4.27 -12.27 7.27
CA GLU A 47 4.93 -13.56 7.45
C GLU A 47 5.85 -13.55 8.67
N ILE A 48 6.58 -12.46 8.82
CA ILE A 48 7.51 -12.31 9.94
C ILE A 48 6.83 -11.61 11.12
N ASN A 49 5.81 -10.82 10.82
CA ASN A 49 5.08 -10.10 11.86
C ASN A 49 3.62 -9.90 11.45
N PRO A 50 2.74 -10.77 11.96
CA PRO A 50 1.31 -10.70 11.67
C PRO A 50 0.63 -9.50 12.32
N ASP A 51 1.03 -9.20 13.55
CA ASP A 51 0.47 -8.06 14.28
C ASP A 51 0.76 -6.75 13.56
N LEU A 52 2.02 -6.54 13.21
CA LEU A 52 2.43 -5.33 12.51
C LEU A 52 1.73 -5.21 11.16
N ALA A 53 1.52 -6.35 10.51
CA ALA A 53 0.86 -6.37 9.21
C ALA A 53 -0.51 -5.72 9.28
N ASN A 54 -1.10 -5.71 10.48
CA ASN A 54 -2.42 -5.12 10.68
C ASN A 54 -2.34 -3.60 10.60
N GLU A 55 -1.25 -3.04 11.08
CA GLU A 55 -1.05 -1.59 11.07
C GLU A 55 -1.26 -1.04 9.66
N VAL A 56 -0.50 -1.57 8.70
CA VAL A 56 -0.59 -1.12 7.32
C VAL A 56 -1.97 -1.44 6.73
N LYS A 57 -2.61 -2.47 7.27
CA LYS A 57 -3.93 -2.88 6.80
C LYS A 57 -5.01 -1.93 7.33
N GLU A 58 -4.76 -1.35 8.50
CA GLU A 58 -5.71 -0.43 9.12
C GLU A 58 -5.87 0.83 8.26
N ILE A 59 -4.76 1.48 7.94
CA ILE A 59 -4.78 2.68 7.12
C ILE A 59 -5.43 2.42 5.77
N LEU A 60 -5.28 1.20 5.28
CA LEU A 60 -5.85 0.81 3.99
C LEU A 60 -7.37 0.93 4.01
N ASP A 61 -7.99 0.44 5.08
CA ASP A 61 -9.44 0.50 5.21
C ASP A 61 -9.92 1.94 5.21
N TYR A 62 -9.06 2.85 5.64
CA TYR A 62 -9.40 4.27 5.69
C TYR A 62 -9.15 4.95 4.35
N HIS A 63 -8.20 4.40 3.58
CA HIS A 63 -7.86 4.95 2.28
C HIS A 63 -9.02 4.77 1.30
N LYS A 64 -9.87 3.78 1.57
CA LYS A 64 -11.02 3.50 0.70
C LYS A 64 -12.19 4.41 1.07
N SER A 65 -12.24 4.83 2.32
CA SER A 65 -13.31 5.70 2.79
C SER A 65 -13.29 7.04 2.07
N ILE A 66 -12.15 7.71 2.09
CA ILE A 66 -12.00 9.00 1.42
C ILE A 66 -11.67 8.82 -0.06
N ARG A 67 -11.51 7.57 -0.48
CA ARG A 67 -11.19 7.26 -1.87
C ARG A 67 -12.15 7.97 -2.81
N HIS A 68 -13.43 8.00 -2.44
CA HIS A 68 -14.45 8.65 -3.24
C HIS A 68 -14.04 10.07 -3.61
N LEU A 69 -13.34 10.74 -2.69
CA LEU A 69 -12.89 12.11 -2.91
C LEU A 69 -11.64 12.13 -3.78
N ARG A 70 -10.82 11.09 -3.67
CA ARG A 70 -9.59 10.99 -4.45
C ARG A 70 -9.90 10.60 -5.90
N GLY A 71 -11.04 9.94 -6.10
CA GLY A 71 -11.41 9.53 -7.43
C GLY A 71 -11.39 10.66 -8.43
N GLY A 72 -11.60 11.88 -7.93
CA GLY A 72 -11.60 13.04 -8.81
C GLY A 72 -10.35 13.12 -9.66
N GLU A 73 -9.25 12.57 -9.16
CA GLU A 73 -7.99 12.59 -9.88
C GLU A 73 -7.91 11.42 -10.86
N ALA A 74 -8.28 10.23 -10.38
CA ALA A 74 -8.25 9.03 -11.21
C ALA A 74 -9.05 9.23 -12.48
N THR A 75 -10.04 10.13 -12.43
CA THR A 75 -10.89 10.40 -13.58
C THR A 75 -10.09 11.03 -14.72
N LYS A 76 -9.39 12.11 -14.41
CA LYS A 76 -8.58 12.81 -15.41
C LYS A 76 -7.31 12.03 -15.71
N LEU A 77 -6.80 11.30 -14.71
CA LEU A 77 -5.60 10.51 -14.88
C LEU A 77 -5.72 9.56 -16.08
N LYS A 78 -6.95 9.16 -16.37
CA LYS A 78 -7.21 8.26 -17.49
C LYS A 78 -6.78 8.90 -18.82
N TYR A 79 -6.86 10.22 -18.88
CA TYR A 79 -6.47 10.95 -20.08
C TYR A 79 -4.94 11.01 -20.23
N LYS A 80 -4.26 10.92 -19.09
CA LYS A 80 -2.79 10.96 -19.08
C LYS A 80 -2.21 9.56 -19.24
N LYS A 81 -2.55 8.68 -18.31
CA LYS A 81 -2.06 7.31 -18.34
C LYS A 81 -3.15 6.35 -18.83
N ASP A 82 -2.88 5.05 -18.71
CA ASP A 82 -3.85 4.05 -19.15
C ASP A 82 -5.22 4.30 -18.54
N GLU A 83 -6.22 3.57 -19.04
CA GLU A 83 -7.58 3.73 -18.55
C GLU A 83 -7.76 3.05 -17.19
N ILE A 84 -8.86 3.34 -16.53
CA ILE A 84 -9.15 2.77 -15.22
C ILE A 84 -10.61 2.35 -15.10
N LEU A 85 -10.96 1.23 -15.71
CA LEU A 85 -12.33 0.73 -15.68
C LEU A 85 -12.35 -0.79 -15.51
N GLU A 86 -12.80 -1.25 -14.36
CA GLU A 86 -12.86 -2.67 -14.07
C GLU A 86 -11.52 -3.36 -14.36
N GLY A 87 -10.46 -2.79 -13.80
CA GLY A 87 -9.13 -3.36 -14.00
C GLY A 87 -8.76 -4.37 -12.92
N GLU A 88 -8.99 -4.00 -11.67
CA GLU A 88 -8.67 -4.89 -10.55
C GLU A 88 -9.28 -6.27 -10.75
N PRO A 89 -8.69 -7.28 -10.10
CA PRO A 89 -9.16 -8.66 -10.19
C PRO A 89 -10.51 -8.86 -9.50
N VAL A 90 -10.97 -10.11 -9.47
CA VAL A 90 -12.25 -10.44 -8.83
C VAL A 90 -12.08 -11.55 -7.81
N GLN A 91 -12.80 -11.43 -6.69
CA GLN A 91 -12.72 -12.42 -5.63
C GLN A 91 -13.84 -12.21 -4.60
N GLN A 92 -14.43 -13.30 -4.13
CA GLN A 92 -15.51 -13.22 -3.15
C GLN A 92 -16.65 -12.37 -3.67
N SER A 93 -17.65 -12.15 -2.82
CA SER A 93 -18.82 -11.37 -3.20
C SER A 93 -18.68 -9.93 -2.71
#